data_7CHD
#
_entry.id   7CHD
#
_cell.length_a   269.830
_cell.length_b   68.280
_cell.length_c   136.180
_cell.angle_alpha   90.000
_cell.angle_beta   90.000
_cell.angle_gamma   90.000
#
_symmetry.space_group_name_H-M   'P 21 21 2'
#
loop_
_entity.id
_entity.type
_entity.pdbx_description
1 polymer 'N-acetyltransferase domain-containing protein'
2 polymer 'RNA (77-MER)'
#
loop_
_entity_poly.entity_id
_entity_poly.type
_entity_poly.pdbx_seq_one_letter_code
_entity_poly.pdbx_strand_id
1 'polypeptide(L)'
;MDDLTIEILTDDADYDLQRFDCGEEALNLFLTTHLVRQHRNKILRAYILCRNTPERQVLGYYTLCGSCFERAALPSKSKQ
KKIPYKNIPSVTLGRLAIDRSLQGQGWDATLVAHAMNVVWSASLAVGIHGLFVEALNEKAHTFYKSLGFIPLVGENENAL
FFPTKSIELLFTQSDLEHHHHHH
;
A,B,C,D,E,F,G,H
2 'polyribonucleotide'
;CGCGGGG(4SU)GGAGCAGCCUGG(H2U)AGCUCGUCGGG(OMC)UCAUAACCCGAAGAUCGUCGG(5MU)(PSU)CAAA
UCCGGCCCCCGCAACCA
;
I,J
#
loop_
_chem_comp.id
_chem_comp.type
_chem_comp.name
_chem_comp.formula
4SU RNA linking 4-THIOURIDINE-5'-MONOPHOSPHATE 'C9 H13 N2 O8 P S'
5MU RNA linking '5-METHYLURIDINE 5'-MONOPHOSPHATE' 'C10 H15 N2 O9 P'
A RNA linking ADENOSINE-5'-MONOPHOSPHATE 'C10 H14 N5 O7 P'
C RNA linking CYTIDINE-5'-MONOPHOSPHATE 'C9 H14 N3 O8 P'
G RNA linking GUANOSINE-5'-MONOPHOSPHATE 'C10 H14 N5 O8 P'
H2U RNA linking 5,6-DIHYDROURIDINE-5'-MONOPHOSPHATE 'C9 H15 N2 O9 P'
OMC RNA linking O2'-METHYLYCYTIDINE-5'-MONOPHOSPHATE 'C10 H16 N3 O8 P'
PSU RNA linking PSEUDOURIDINE-5'-MONOPHOSPHATE 'C9 H13 N2 O9 P'
U RNA linking URIDINE-5'-MONOPHOSPHATE 'C9 H13 N2 O9 P'
#
# COMPACT_ATOMS: atom_id res chain seq x y z
N ASP A 3 39.52 2.36 40.70
CA ASP A 3 39.62 1.00 41.22
C ASP A 3 38.25 0.33 41.21
N LEU A 4 37.21 1.12 41.40
CA LEU A 4 35.83 0.64 41.42
C LEU A 4 35.21 0.68 40.02
N THR A 5 34.26 -0.24 39.79
CA THR A 5 33.56 -0.31 38.53
C THR A 5 32.08 -0.61 38.76
N ILE A 6 31.28 -0.26 37.75
CA ILE A 6 29.87 -0.60 37.69
C ILE A 6 29.75 -1.82 36.79
N GLU A 7 28.96 -2.81 37.21
CA GLU A 7 28.77 -4.00 36.40
C GLU A 7 27.41 -4.59 36.66
N ILE A 8 26.87 -5.26 35.65
CA ILE A 8 25.66 -6.05 35.84
C ILE A 8 25.96 -7.23 36.76
N LEU A 9 24.92 -7.77 37.38
CA LEU A 9 25.10 -8.93 38.24
C LEU A 9 25.55 -10.11 37.39
N THR A 10 26.65 -10.75 37.81
CA THR A 10 27.16 -11.91 37.10
C THR A 10 26.27 -13.12 37.34
N ASP A 11 26.59 -14.23 36.67
CA ASP A 11 25.86 -15.46 36.91
C ASP A 11 26.26 -16.10 38.24
N ASP A 12 27.56 -16.31 38.44
CA ASP A 12 28.09 -16.81 39.71
C ASP A 12 28.38 -15.60 40.61
N ALA A 13 27.60 -15.46 41.69
CA ALA A 13 27.66 -14.22 42.46
C ALA A 13 28.96 -14.06 43.25
N ASP A 14 29.19 -14.88 44.26
CA ASP A 14 30.38 -14.78 45.12
C ASP A 14 30.61 -13.33 45.59
N TYR A 15 29.55 -12.67 46.04
CA TYR A 15 29.61 -11.27 46.43
C TYR A 15 29.56 -11.11 47.95
N ASP A 16 30.14 -10.01 48.43
CA ASP A 16 30.09 -9.61 49.83
C ASP A 16 29.15 -8.42 49.97
N LEU A 17 28.01 -8.64 50.60
CA LEU A 17 26.94 -7.64 50.66
C LEU A 17 26.73 -7.04 52.04
N GLN A 18 27.26 -7.66 53.10
CA GLN A 18 26.86 -7.29 54.46
C GLN A 18 27.43 -5.94 54.87
N ARG A 19 28.71 -5.68 54.55
CA ARG A 19 29.30 -4.41 54.97
C ARG A 19 28.63 -3.21 54.31
N PHE A 20 27.78 -3.44 53.32
CA PHE A 20 26.99 -2.36 52.74
C PHE A 20 25.93 -1.90 53.73
N ASP A 21 25.73 -0.59 53.79
CA ASP A 21 24.65 -0.02 54.59
C ASP A 21 24.40 1.38 54.04
N CYS A 22 23.26 1.55 53.38
CA CYS A 22 22.85 2.88 52.92
C CYS A 22 22.08 3.58 54.03
N GLY A 23 21.43 4.69 53.70
CA GLY A 23 20.65 5.44 54.67
C GLY A 23 19.46 4.65 55.16
N GLU A 24 18.62 4.20 54.22
CA GLU A 24 17.37 3.55 54.55
C GLU A 24 17.60 2.06 54.80
N GLU A 25 16.91 1.51 55.81
CA GLU A 25 17.01 0.08 56.07
C GLU A 25 16.45 -0.71 54.88
N ALA A 26 15.28 -0.30 54.39
CA ALA A 26 14.56 -1.05 53.37
C ALA A 26 15.46 -1.41 52.19
N LEU A 27 16.32 -0.48 51.77
CA LEU A 27 17.19 -0.76 50.64
C LEU A 27 18.30 -1.74 51.01
N ASN A 28 18.88 -1.59 52.19
CA ASN A 28 19.90 -2.54 52.66
C ASN A 28 19.34 -3.95 52.74
N LEU A 29 18.15 -4.11 53.31
CA LEU A 29 17.55 -5.43 53.46
C LEU A 29 17.10 -5.99 52.12
N PHE A 30 16.49 -5.16 51.26
CA PHE A 30 16.10 -5.59 49.94
C PHE A 30 17.29 -6.09 49.14
N LEU A 31 18.43 -5.40 49.27
CA LEU A 31 19.65 -5.86 48.63
C LEU A 31 20.12 -7.19 49.22
N THR A 32 20.26 -7.25 50.55
CA THR A 32 20.83 -8.41 51.20
C THR A 32 19.96 -9.66 51.04
N THR A 33 18.66 -9.49 50.76
CA THR A 33 17.70 -10.59 50.84
C THR A 33 17.18 -11.00 49.48
N HIS A 34 16.55 -10.07 48.73
CA HIS A 34 15.79 -10.42 47.55
C HIS A 34 16.52 -10.17 46.22
N LEU A 35 17.58 -9.35 46.21
CA LEU A 35 18.12 -8.89 44.93
C LEU A 35 18.69 -10.05 44.12
N VAL A 36 19.46 -10.92 44.76
CA VAL A 36 20.13 -12.02 44.06
C VAL A 36 19.09 -12.92 43.40
N ARG A 37 18.06 -13.29 44.15
CA ARG A 37 17.07 -14.21 43.59
C ARG A 37 15.78 -13.58 43.01
N GLN A 38 15.83 -12.27 42.79
CA GLN A 38 14.99 -11.57 41.82
C GLN A 38 15.70 -11.41 40.49
N HIS A 39 17.02 -11.18 40.53
CA HIS A 39 17.78 -11.17 39.28
C HIS A 39 17.84 -12.57 38.68
N ARG A 40 18.23 -13.57 39.47
CA ARG A 40 18.35 -14.91 38.92
C ARG A 40 16.99 -15.49 38.52
N ASN A 41 15.93 -15.13 39.24
CA ASN A 41 14.57 -15.52 38.86
C ASN A 41 13.98 -14.59 37.80
N LYS A 42 14.77 -13.65 37.30
CA LYS A 42 14.39 -12.77 36.19
C LYS A 42 13.18 -11.91 36.53
N ILE A 43 13.02 -11.51 37.80
CA ILE A 43 12.02 -10.51 38.13
C ILE A 43 12.48 -9.13 37.70
N LEU A 44 13.77 -8.85 37.89
CA LEU A 44 14.38 -7.57 37.54
C LEU A 44 15.81 -7.84 37.07
N ARG A 45 16.45 -6.79 36.58
CA ARG A 45 17.86 -6.84 36.28
C ARG A 45 18.56 -5.89 37.24
N ALA A 46 19.59 -6.38 37.94
CA ALA A 46 20.29 -5.62 38.96
C ALA A 46 21.67 -5.21 38.47
N TYR A 47 22.00 -3.93 38.67
CA TYR A 47 23.34 -3.42 38.39
C TYR A 47 23.97 -2.95 39.70
N ILE A 48 25.26 -3.26 39.86
CA ILE A 48 25.97 -3.10 41.12
C ILE A 48 27.19 -2.22 40.88
N LEU A 49 27.38 -1.24 41.76
CA LEU A 49 28.58 -0.43 41.82
C LEU A 49 29.44 -1.00 42.92
N CYS A 50 30.52 -1.68 42.53
CA CYS A 50 31.42 -2.38 43.45
C CYS A 50 32.83 -1.87 43.23
N ARG A 51 33.71 -2.14 44.19
CA ARG A 51 35.09 -1.68 44.12
C ARG A 51 36.01 -2.58 43.30
N ASN A 52 35.51 -3.64 42.67
CA ASN A 52 36.35 -4.65 42.04
C ASN A 52 37.35 -5.22 43.04
N THR A 53 37.02 -5.15 44.33
CA THR A 53 37.88 -5.60 45.40
C THR A 53 37.86 -7.11 45.53
N PRO A 54 38.82 -7.67 46.27
CA PRO A 54 38.79 -9.11 46.55
C PRO A 54 37.48 -9.61 47.16
N GLU A 55 36.96 -8.90 48.15
CA GLU A 55 35.66 -9.23 48.72
C GLU A 55 34.51 -8.89 47.79
N ARG A 56 34.75 -8.12 46.74
CA ARG A 56 33.69 -7.59 45.89
C ARG A 56 32.73 -6.77 46.74
N GLN A 57 33.31 -5.81 47.47
CA GLN A 57 32.54 -4.95 48.36
C GLN A 57 31.53 -4.13 47.57
N VAL A 58 30.26 -4.30 47.88
CA VAL A 58 29.19 -3.61 47.18
C VAL A 58 28.95 -2.27 47.88
N LEU A 59 28.92 -1.20 47.09
CA LEU A 59 28.72 0.15 47.62
C LEU A 59 27.57 0.89 46.97
N GLY A 60 27.02 0.38 45.88
CA GLY A 60 25.82 0.97 45.32
C GLY A 60 25.11 -0.05 44.44
N TYR A 61 23.84 0.20 44.20
CA TYR A 61 23.11 -0.68 43.30
C TYR A 61 21.83 0.00 42.85
N TYR A 62 21.32 -0.49 41.71
CA TYR A 62 20.02 -0.06 41.21
C TYR A 62 19.39 -1.21 40.41
N THR A 63 18.07 -1.13 40.26
CA THR A 63 17.28 -2.18 39.63
C THR A 63 16.54 -1.61 38.42
N LEU A 64 16.53 -2.39 37.34
CA LEU A 64 15.81 -2.03 36.12
C LEU A 64 14.80 -3.12 35.81
N CYS A 65 13.57 -2.70 35.51
CA CYS A 65 12.50 -3.61 35.13
C CYS A 65 11.80 -3.04 33.91
N GLY A 66 11.02 -3.88 33.24
CA GLY A 66 10.19 -3.43 32.14
C GLY A 66 8.80 -3.13 32.67
N SER A 67 8.17 -2.08 32.13
CA SER A 67 6.91 -1.61 32.66
C SER A 67 6.22 -0.77 31.59
N CYS A 68 5.01 -0.33 31.89
CA CYS A 68 4.30 0.62 31.03
C CYS A 68 3.66 1.69 31.89
N PHE A 69 3.33 2.80 31.23
CA PHE A 69 2.56 3.83 31.93
C PHE A 69 1.62 4.49 30.94
N GLU A 70 0.54 5.06 31.47
CA GLU A 70 -0.49 5.63 30.61
C GLU A 70 0.05 6.80 29.80
N ARG A 71 -0.32 6.84 28.51
CA ARG A 71 0.10 7.93 27.65
C ARG A 71 -0.43 9.26 28.15
N ALA A 72 -1.64 9.27 28.72
CA ALA A 72 -2.25 10.49 29.21
C ALA A 72 -1.45 11.12 30.35
N ALA A 73 -0.50 10.39 30.91
CA ALA A 73 0.37 10.95 31.95
C ALA A 73 1.37 11.94 31.39
N LEU A 74 1.55 11.96 30.07
CA LEU A 74 2.48 12.89 29.45
C LEU A 74 1.97 14.32 29.62
N PRO A 75 2.86 15.29 29.80
CA PRO A 75 2.41 16.67 30.03
C PRO A 75 1.91 17.36 28.76
N SER A 76 2.60 17.14 27.64
CA SER A 76 2.30 17.84 26.40
C SER A 76 1.47 16.96 25.47
N LYS A 77 0.34 17.49 25.00
CA LYS A 77 -0.48 16.78 24.02
C LYS A 77 0.23 16.66 22.68
N SER A 78 1.19 17.56 22.42
CA SER A 78 1.96 17.50 21.18
C SER A 78 2.70 16.17 21.07
N LYS A 79 3.44 15.80 22.11
CA LYS A 79 4.15 14.52 22.11
C LYS A 79 3.19 13.33 22.14
N GLN A 80 1.96 13.53 22.62
CA GLN A 80 0.98 12.45 22.62
C GLN A 80 0.46 12.17 21.21
N LYS A 81 0.29 13.23 20.41
CA LYS A 81 -0.16 13.02 19.03
C LYS A 81 0.84 12.24 18.20
N LYS A 82 2.06 12.03 18.69
CA LYS A 82 3.07 11.25 17.98
C LYS A 82 2.92 9.75 18.24
N ILE A 83 2.39 9.37 19.39
CA ILE A 83 2.37 8.00 19.85
C ILE A 83 0.98 7.41 19.62
N PRO A 84 0.85 6.34 18.84
CA PRO A 84 -0.47 5.80 18.50
C PRO A 84 -1.01 4.74 19.46
N TYR A 85 -0.45 4.61 20.67
CA TYR A 85 -0.86 3.56 21.58
C TYR A 85 -1.19 4.12 22.96
N LYS A 86 -2.13 3.46 23.64
CA LYS A 86 -2.64 3.96 24.92
C LYS A 86 -1.59 3.89 26.01
N ASN A 87 -0.81 2.82 26.05
CA ASN A 87 0.24 2.61 27.03
C ASN A 87 1.61 2.86 26.39
N ILE A 88 2.56 3.31 27.19
CA ILE A 88 3.90 3.62 26.73
C ILE A 88 4.86 2.65 27.39
N PRO A 89 5.66 1.91 26.61
CA PRO A 89 6.68 1.03 27.17
C PRO A 89 7.78 1.84 27.85
N SER A 90 8.16 1.41 29.04
CA SER A 90 9.12 2.11 29.87
C SER A 90 10.01 1.09 30.55
N VAL A 91 11.09 1.59 31.16
CA VAL A 91 11.94 0.80 32.02
C VAL A 91 11.91 1.49 33.38
N THR A 92 11.35 0.79 34.37
CA THR A 92 11.23 1.32 35.71
C THR A 92 12.53 1.13 36.47
N LEU A 93 13.06 2.22 37.01
CA LEU A 93 14.16 2.19 37.96
C LEU A 93 13.57 1.90 39.33
N GLY A 94 13.53 0.61 39.68
CA GLY A 94 12.85 0.19 40.89
C GLY A 94 13.46 0.79 42.14
N ARG A 95 14.76 0.64 42.31
CA ARG A 95 15.46 1.08 43.51
C ARG A 95 16.83 1.61 43.13
N LEU A 96 17.34 2.50 43.97
CA LEU A 96 18.66 3.12 43.75
C LEU A 96 19.22 3.47 45.11
N ALA A 97 20.42 2.96 45.41
CA ALA A 97 21.02 3.23 46.71
C ALA A 97 22.53 3.24 46.60
N ILE A 98 23.15 4.04 47.46
CA ILE A 98 24.59 4.18 47.57
C ILE A 98 24.94 4.10 49.05
N ASP A 99 26.09 3.49 49.36
CA ASP A 99 26.57 3.46 50.73
C ASP A 99 26.65 4.88 51.27
N ARG A 100 26.44 5.01 52.59
CA ARG A 100 26.44 6.32 53.21
C ARG A 100 27.79 7.01 53.05
N SER A 101 28.87 6.24 53.07
CA SER A 101 30.22 6.79 52.94
C SER A 101 30.44 7.53 51.64
N LEU A 102 29.57 7.37 50.64
CA LEU A 102 29.78 7.94 49.32
C LEU A 102 28.74 8.97 48.90
N GLN A 103 27.72 9.25 49.71
CA GLN A 103 26.76 10.29 49.34
C GLN A 103 27.44 11.65 49.31
N GLY A 104 26.98 12.51 48.40
CA GLY A 104 27.63 13.79 48.20
C GLY A 104 28.89 13.73 47.38
N GLN A 105 29.10 12.65 46.62
CA GLN A 105 30.24 12.52 45.72
C GLN A 105 29.82 12.28 44.28
N GLY A 106 28.54 12.46 43.97
CA GLY A 106 28.06 12.35 42.60
C GLY A 106 27.74 10.95 42.12
N TRP A 107 27.89 9.94 42.97
CA TRP A 107 27.56 8.58 42.54
C TRP A 107 26.09 8.41 42.21
N ASP A 108 25.22 9.24 42.80
CA ASP A 108 23.83 9.27 42.39
C ASP A 108 23.71 9.54 40.89
N ALA A 109 24.32 10.64 40.43
CA ALA A 109 24.26 11.00 39.03
C ALA A 109 25.01 10.01 38.15
N THR A 110 26.15 9.48 38.64
CA THR A 110 26.89 8.49 37.86
C THR A 110 26.06 7.23 37.63
N LEU A 111 25.38 6.75 38.67
CA LEU A 111 24.54 5.57 38.52
C LEU A 111 23.36 5.84 37.60
N VAL A 112 22.70 7.00 37.76
CA VAL A 112 21.62 7.36 36.84
C VAL A 112 22.14 7.40 35.40
N ALA A 113 23.40 7.83 35.22
CA ALA A 113 23.97 7.92 33.87
C ALA A 113 24.24 6.55 33.29
N HIS A 114 24.78 5.62 34.10
CA HIS A 114 24.93 4.26 33.62
C HIS A 114 23.58 3.65 33.26
N ALA A 115 22.55 3.93 34.06
CA ALA A 115 21.21 3.44 33.75
C ALA A 115 20.72 4.04 32.43
N MET A 116 21.00 5.32 32.20
CA MET A 116 20.60 5.96 30.95
C MET A 116 21.31 5.29 29.77
N ASN A 117 22.60 5.00 29.93
CA ASN A 117 23.34 4.32 28.85
C ASN A 117 22.73 2.97 28.53
N VAL A 118 22.38 2.19 29.57
CA VAL A 118 21.82 0.87 29.34
C VAL A 118 20.45 0.97 28.68
N VAL A 119 19.61 1.91 29.15
CA VAL A 119 18.29 2.06 28.54
C VAL A 119 18.40 2.53 27.10
N TRP A 120 19.40 3.35 26.78
CA TRP A 120 19.63 3.78 25.41
C TRP A 120 20.05 2.60 24.53
N SER A 121 21.02 1.82 25.01
CA SER A 121 21.47 0.63 24.27
C SER A 121 20.35 -0.37 24.06
N ALA A 122 19.37 -0.41 24.97
CA ALA A 122 18.23 -1.29 24.81
C ALA A 122 17.19 -0.70 23.85
N SER A 123 16.93 0.60 23.97
CA SER A 123 16.00 1.28 23.07
C SER A 123 16.44 1.17 21.62
N LEU A 124 17.76 1.18 21.38
CA LEU A 124 18.25 0.96 20.02
C LEU A 124 17.87 -0.40 19.45
N ALA A 125 17.42 -1.33 20.30
CA ALA A 125 17.13 -2.70 19.90
C ALA A 125 15.66 -3.06 19.94
N VAL A 126 14.93 -2.60 20.95
CA VAL A 126 13.53 -2.98 21.09
C VAL A 126 12.66 -1.75 21.25
N GLY A 127 13.29 -0.59 21.07
CA GLY A 127 12.63 0.72 21.00
C GLY A 127 11.81 1.35 22.11
N ILE A 128 12.25 1.22 23.35
CA ILE A 128 11.54 1.79 24.49
C ILE A 128 11.54 3.31 24.38
N HIS A 129 10.58 3.96 25.04
CA HIS A 129 10.49 5.41 25.00
C HIS A 129 11.35 6.09 26.04
N GLY A 130 11.73 5.39 27.10
CA GLY A 130 12.63 6.02 28.05
C GLY A 130 12.51 5.38 29.43
N LEU A 131 12.84 6.18 30.43
CA LEU A 131 13.08 5.71 31.79
C LEU A 131 11.92 6.13 32.69
N PHE A 132 11.34 5.16 33.39
CA PHE A 132 10.32 5.37 34.40
C PHE A 132 11.00 5.32 35.77
N VAL A 133 10.64 6.25 36.65
CA VAL A 133 11.11 6.23 38.03
C VAL A 133 9.98 6.74 38.91
N GLU A 134 9.78 6.08 40.04
CA GLU A 134 8.71 6.45 40.97
C GLU A 134 9.39 7.05 42.20
N ALA A 135 9.46 8.39 42.24
CA ALA A 135 10.17 9.09 43.31
C ALA A 135 9.16 9.51 44.37
N LEU A 136 9.22 8.85 45.52
CA LEU A 136 8.37 9.24 46.65
C LEU A 136 8.97 10.41 47.42
N ASN A 137 10.24 10.31 47.79
CA ASN A 137 10.93 11.40 48.48
C ASN A 137 10.90 12.67 47.63
N GLU A 138 10.79 13.82 48.28
CA GLU A 138 10.85 15.08 47.56
C GLU A 138 12.27 15.47 47.19
N LYS A 139 13.23 15.22 48.08
CA LYS A 139 14.63 15.47 47.75
C LYS A 139 15.04 14.70 46.49
N ALA A 140 14.64 13.43 46.41
CA ALA A 140 14.92 12.64 45.22
C ALA A 140 14.17 13.19 44.00
N HIS A 141 12.93 13.63 44.18
CA HIS A 141 12.18 14.24 43.08
C HIS A 141 12.94 15.43 42.52
N THR A 142 13.45 16.28 43.42
CA THR A 142 14.25 17.43 42.98
C THR A 142 15.52 16.96 42.28
N PHE A 143 16.14 15.89 42.78
CA PHE A 143 17.35 15.34 42.15
C PHE A 143 17.07 14.89 40.71
N TYR A 144 15.93 14.23 40.49
CA TYR A 144 15.59 13.78 39.14
C TYR A 144 15.25 14.95 38.22
N LYS A 145 14.47 15.93 38.71
CA LYS A 145 14.25 17.11 37.88
C LYS A 145 15.57 17.83 37.61
N SER A 146 16.54 17.69 38.52
CA SER A 146 17.87 18.28 38.32
C SER A 146 18.62 17.59 37.18
N LEU A 147 18.52 16.27 37.11
CA LEU A 147 19.12 15.55 35.98
C LEU A 147 18.30 15.66 34.71
N GLY A 148 17.15 16.32 34.76
CA GLY A 148 16.33 16.57 33.59
C GLY A 148 15.20 15.59 33.38
N PHE A 149 14.77 14.88 34.42
CA PHE A 149 13.64 13.99 34.29
C PHE A 149 12.36 14.81 34.19
N ILE A 150 11.56 14.57 33.16
CA ILE A 150 10.29 15.28 33.03
C ILE A 150 9.28 14.68 34.02
N PRO A 151 8.67 15.48 34.88
CA PRO A 151 7.65 14.94 35.78
C PRO A 151 6.40 14.53 35.03
N LEU A 152 5.86 13.35 35.37
CA LEU A 152 4.63 12.87 34.78
C LEU A 152 3.44 13.30 35.62
N VAL A 153 2.48 13.96 34.98
CA VAL A 153 1.27 14.45 35.62
C VAL A 153 0.12 13.61 35.09
N GLY A 154 -0.50 12.82 35.97
CA GLY A 154 -1.60 11.96 35.62
C GLY A 154 -2.29 11.46 36.87
N GLU A 155 -2.65 10.17 36.92
CA GLU A 155 -3.17 9.63 38.16
C GLU A 155 -2.13 9.68 39.27
N ASN A 156 -0.85 9.57 38.92
CA ASN A 156 0.25 9.69 39.88
C ASN A 156 0.87 11.08 39.80
N GLU A 157 1.25 11.62 40.96
CA GLU A 157 1.94 12.90 41.03
C GLU A 157 3.38 12.78 41.51
N ASN A 158 3.89 11.55 41.68
CA ASN A 158 5.22 11.33 42.22
C ASN A 158 6.12 10.56 41.27
N ALA A 159 5.63 10.17 40.09
CA ALA A 159 6.45 9.48 39.11
C ALA A 159 7.08 10.49 38.16
N LEU A 160 8.27 10.16 37.68
CA LEU A 160 9.01 10.97 36.73
C LEU A 160 9.47 10.10 35.56
N PHE A 161 9.66 10.76 34.43
CA PHE A 161 10.00 10.12 33.17
C PHE A 161 11.22 10.80 32.57
N PHE A 162 11.95 10.03 31.76
CA PHE A 162 13.06 10.57 31.00
C PHE A 162 12.95 10.09 29.56
N PRO A 163 12.84 10.98 28.59
CA PRO A 163 12.66 10.53 27.20
C PRO A 163 13.98 10.13 26.57
N THR A 164 13.87 9.31 25.52
CA THR A 164 15.03 8.88 24.75
C THR A 164 15.63 10.05 23.96
N LYS A 165 14.78 11.00 23.55
CA LYS A 165 15.22 12.12 22.71
C LYS A 165 16.33 12.93 23.38
N SER A 166 16.27 13.10 24.70
CA SER A 166 17.35 13.83 25.38
C SER A 166 18.70 13.13 25.19
N ILE A 167 18.70 11.80 25.25
CA ILE A 167 19.94 11.05 24.99
C ILE A 167 20.37 11.22 23.54
N GLU A 168 19.40 11.22 22.61
CA GLU A 168 19.73 11.52 21.22
C GLU A 168 20.44 12.86 21.10
N LEU A 169 19.92 13.87 21.81
CA LEU A 169 20.47 15.22 21.75
C LEU A 169 21.86 15.30 22.35
N LEU A 170 22.15 14.53 23.39
CA LEU A 170 23.47 14.62 24.00
C LEU A 170 24.57 14.15 23.03
N PHE A 171 24.29 13.09 22.28
CA PHE A 171 25.23 12.53 21.32
C PHE A 171 25.06 13.07 19.91
N THR A 172 24.22 14.09 19.73
CA THR A 172 23.98 14.78 18.45
C THR A 172 23.26 13.86 17.48
N ASP B 3 23.11 -16.59 -0.18
CA ASP B 3 23.85 -15.58 0.56
C ASP B 3 23.03 -14.31 0.74
N LEU B 4 22.68 -14.00 1.99
CA LEU B 4 21.88 -12.83 2.35
C LEU B 4 21.85 -12.70 3.86
N THR B 5 21.80 -11.46 4.34
CA THR B 5 21.97 -11.16 5.76
C THR B 5 20.79 -10.36 6.31
N ILE B 6 20.62 -10.45 7.64
CA ILE B 6 19.65 -9.66 8.39
C ILE B 6 20.38 -8.50 9.05
N GLU B 7 19.81 -7.30 8.97
CA GLU B 7 20.41 -6.14 9.60
C GLU B 7 19.30 -5.17 10.00
N ILE B 8 19.54 -4.40 11.07
CA ILE B 8 18.59 -3.37 11.45
C ILE B 8 18.56 -2.28 10.37
N LEU B 9 17.43 -1.59 10.27
CA LEU B 9 17.31 -0.48 9.34
C LEU B 9 18.13 0.70 9.85
N THR B 10 19.06 1.18 9.03
CA THR B 10 19.79 2.39 9.38
C THR B 10 18.93 3.61 9.09
N ASP B 11 19.45 4.79 9.46
CA ASP B 11 18.81 6.04 9.05
C ASP B 11 19.03 6.32 7.58
N ASP B 12 20.26 6.11 7.10
CA ASP B 12 20.54 6.29 5.68
C ASP B 12 20.09 5.01 4.98
N ALA B 13 18.96 5.09 4.28
CA ALA B 13 18.35 3.91 3.71
C ALA B 13 19.14 3.43 2.51
N ASP B 14 19.13 4.23 1.44
CA ASP B 14 19.74 3.85 0.17
C ASP B 14 19.27 2.46 -0.25
N TYR B 15 17.99 2.18 -0.03
CA TYR B 15 17.38 0.91 -0.33
C TYR B 15 16.40 1.09 -1.48
N ASP B 16 16.16 -0.02 -2.20
CA ASP B 16 15.12 -0.07 -3.22
C ASP B 16 14.00 -0.91 -2.64
N LEU B 17 12.86 -0.28 -2.36
CA LEU B 17 11.78 -0.89 -1.60
C LEU B 17 10.59 -1.31 -2.44
N GLN B 18 10.46 -0.79 -3.66
CA GLN B 18 9.24 -0.98 -4.44
C GLN B 18 9.13 -2.38 -4.99
N ARG B 19 10.26 -2.93 -5.48
CA ARG B 19 10.24 -4.26 -6.07
C ARG B 19 9.87 -5.34 -5.05
N PHE B 20 9.84 -4.99 -3.76
CA PHE B 20 9.28 -5.89 -2.75
C PHE B 20 7.77 -5.96 -2.89
N ASP B 21 7.23 -7.16 -2.77
CA ASP B 21 5.78 -7.37 -2.75
C ASP B 21 5.53 -8.73 -2.11
N CYS B 22 4.93 -8.75 -0.92
CA CYS B 22 4.51 -10.00 -0.32
C CYS B 22 3.10 -10.35 -0.82
N GLY B 23 2.48 -11.34 -0.18
CA GLY B 23 1.13 -11.72 -0.59
C GLY B 23 0.12 -10.61 -0.36
N GLU B 24 0.04 -10.12 0.88
CA GLU B 24 -0.96 -9.14 1.27
C GLU B 24 -0.47 -7.74 0.95
N GLU B 25 -1.36 -6.90 0.42
CA GLU B 25 -0.99 -5.51 0.13
C GLU B 25 -0.65 -4.73 1.39
N ALA B 26 -1.50 -4.86 2.42
CA ALA B 26 -1.43 -3.96 3.58
C ALA B 26 -0.03 -3.86 4.15
N LEU B 27 0.70 -4.98 4.23
CA LEU B 27 2.06 -4.93 4.76
C LEU B 27 3.03 -4.31 3.77
N ASN B 28 2.87 -4.59 2.47
CA ASN B 28 3.68 -3.94 1.45
C ASN B 28 3.54 -2.43 1.52
N LEU B 29 2.30 -1.94 1.66
CA LEU B 29 2.06 -0.51 1.73
C LEU B 29 2.57 0.07 3.04
N PHE B 30 2.39 -0.66 4.14
CA PHE B 30 2.94 -0.24 5.43
C PHE B 30 4.45 -0.07 5.35
N LEU B 31 5.12 -0.98 4.63
CA LEU B 31 6.56 -0.85 4.43
C LEU B 31 6.88 0.39 3.59
N THR B 32 6.22 0.52 2.44
CA THR B 32 6.55 1.59 1.51
C THR B 32 6.24 2.97 2.08
N THR B 33 5.31 3.06 3.03
CA THR B 33 4.74 4.33 3.45
C THR B 33 5.15 4.73 4.87
N HIS B 34 4.85 3.88 5.87
CA HIS B 34 4.93 4.29 7.26
C HIS B 34 6.20 3.85 7.98
N LEU B 35 6.93 2.86 7.46
CA LEU B 35 7.95 2.20 8.27
C LEU B 35 9.11 3.13 8.63
N VAL B 36 9.61 3.89 7.66
CA VAL B 36 10.82 4.69 7.88
C VAL B 36 10.59 5.70 8.99
N ARG B 37 9.50 6.47 8.89
CA ARG B 37 9.24 7.52 9.88
C ARG B 37 8.88 6.95 11.24
N GLN B 38 8.12 5.85 11.28
CA GLN B 38 7.80 5.23 12.56
C GLN B 38 9.05 4.74 13.27
N HIS B 39 10.05 4.27 12.50
CA HIS B 39 11.35 4.00 13.10
C HIS B 39 12.03 5.28 13.55
N ARG B 40 12.00 6.32 12.70
CA ARG B 40 12.72 7.55 12.97
C ARG B 40 12.20 8.26 14.22
N ASN B 41 10.89 8.18 14.46
CA ASN B 41 10.26 8.72 15.66
C ASN B 41 10.37 7.80 16.87
N LYS B 42 11.10 6.69 16.76
CA LYS B 42 11.31 5.75 17.87
C LYS B 42 10.00 5.15 18.35
N ILE B 43 9.04 4.96 17.43
CA ILE B 43 7.83 4.23 17.75
C ILE B 43 8.08 2.73 17.79
N LEU B 44 8.88 2.22 16.85
CA LEU B 44 9.20 0.80 16.76
C LEU B 44 10.63 0.64 16.27
N ARG B 45 11.12 -0.59 16.29
CA ARG B 45 12.40 -0.92 15.69
C ARG B 45 12.16 -1.85 14.51
N ALA B 46 12.73 -1.53 13.36
CA ALA B 46 12.55 -2.32 12.16
C ALA B 46 13.83 -3.08 11.83
N TYR B 47 13.69 -4.37 11.54
CA TYR B 47 14.80 -5.20 11.07
C TYR B 47 14.47 -5.69 9.67
N ILE B 48 15.47 -5.68 8.79
CA ILE B 48 15.29 -5.91 7.36
C ILE B 48 16.20 -7.07 6.94
N LEU B 49 15.62 -8.03 6.23
CA LEU B 49 16.33 -9.13 5.58
C LEU B 49 16.45 -8.79 4.10
N CYS B 50 17.68 -8.48 3.67
CA CYS B 50 18.01 -8.04 2.32
C CYS B 50 19.04 -8.96 1.69
N ARG B 51 19.22 -8.82 0.37
CA ARG B 51 20.08 -9.70 -0.42
C ARG B 51 21.57 -9.39 -0.34
N ASN B 52 21.99 -8.40 0.44
CA ASN B 52 23.39 -7.95 0.44
C ASN B 52 23.87 -7.53 -0.95
N THR B 53 22.95 -7.17 -1.84
CA THR B 53 23.31 -6.76 -3.19
C THR B 53 23.76 -5.30 -3.17
N PRO B 54 24.39 -4.81 -4.24
CA PRO B 54 24.68 -3.37 -4.30
C PRO B 54 23.44 -2.51 -4.11
N GLU B 55 22.34 -2.88 -4.76
CA GLU B 55 21.06 -2.21 -4.53
C GLU B 55 20.44 -2.60 -3.19
N ARG B 56 20.91 -3.68 -2.56
CA ARG B 56 20.38 -4.18 -1.28
C ARG B 56 18.88 -4.47 -1.38
N GLN B 57 18.54 -5.39 -2.28
CA GLN B 57 17.14 -5.76 -2.48
C GLN B 57 16.55 -6.31 -1.18
N VAL B 58 15.48 -5.69 -0.71
CA VAL B 58 14.83 -6.08 0.53
C VAL B 58 13.78 -7.14 0.21
N LEU B 59 13.81 -8.25 0.96
CA LEU B 59 12.90 -9.36 0.76
C LEU B 59 12.15 -9.78 2.01
N GLY B 60 12.51 -9.28 3.18
CA GLY B 60 11.72 -9.54 4.37
C GLY B 60 11.96 -8.48 5.43
N TYR B 61 11.04 -8.40 6.37
CA TYR B 61 11.22 -7.44 7.46
C TYR B 61 10.29 -7.79 8.61
N TYR B 62 10.64 -7.27 9.79
CA TYR B 62 9.75 -7.35 10.93
C TYR B 62 9.96 -6.16 11.86
N THR B 63 8.93 -5.92 12.69
CA THR B 63 8.84 -4.76 13.56
C THR B 63 8.75 -5.20 15.02
N LEU B 64 9.48 -4.50 15.89
CA LEU B 64 9.48 -4.76 17.32
C LEU B 64 9.04 -3.51 18.07
N CYS B 65 7.85 -3.57 18.66
CA CYS B 65 7.32 -2.51 19.50
C CYS B 65 7.40 -2.95 20.96
N GLY B 66 8.15 -2.21 21.77
CA GLY B 66 8.14 -2.50 23.20
C GLY B 66 6.74 -2.30 23.75
N SER B 67 6.38 -3.15 24.72
CA SER B 67 4.99 -3.14 25.17
C SER B 67 4.86 -3.76 26.55
N CYS B 68 3.64 -3.68 27.10
CA CYS B 68 3.26 -4.37 28.32
C CYS B 68 1.86 -4.91 28.14
N PHE B 69 1.50 -5.86 28.99
CA PHE B 69 0.14 -6.37 29.02
C PHE B 69 -0.20 -6.72 30.46
N GLU B 70 -1.50 -6.77 30.75
CA GLU B 70 -1.97 -6.99 32.11
C GLU B 70 -1.47 -8.33 32.65
N ARG B 71 -1.05 -8.33 33.92
CA ARG B 71 -0.57 -9.55 34.54
C ARG B 71 -1.65 -10.62 34.56
N ALA B 72 -2.91 -10.23 34.76
CA ALA B 72 -3.99 -11.18 34.81
C ALA B 72 -4.19 -11.91 33.48
N ALA B 73 -3.59 -11.41 32.40
CA ALA B 73 -3.66 -12.04 31.08
C ALA B 73 -2.77 -13.28 30.97
N LEU B 74 -1.86 -13.50 31.90
CA LEU B 74 -0.97 -14.64 31.80
C LEU B 74 -1.75 -15.96 31.90
N PRO B 75 -1.29 -17.00 31.20
CA PRO B 75 -1.99 -18.29 31.25
C PRO B 75 -1.72 -19.03 32.55
N SER B 76 -0.51 -18.92 33.06
CA SER B 76 -0.06 -19.69 34.22
C SER B 76 -0.21 -18.85 35.48
N LYS B 77 -0.92 -19.40 36.47
CA LYS B 77 -1.11 -18.75 37.77
C LYS B 77 0.19 -18.63 38.57
N SER B 78 1.19 -19.45 38.24
CA SER B 78 2.43 -19.49 39.01
C SER B 78 3.14 -18.14 39.06
N LYS B 79 3.55 -17.63 37.90
CA LYS B 79 4.21 -16.33 37.86
C LYS B 79 3.26 -15.19 38.21
N GLN B 80 1.96 -15.39 38.06
CA GLN B 80 1.03 -14.33 38.45
C GLN B 80 1.01 -14.17 39.96
N LYS B 81 0.99 -15.28 40.70
CA LYS B 81 1.13 -15.20 42.15
C LYS B 81 2.56 -14.85 42.57
N LYS B 82 3.53 -15.03 41.66
CA LYS B 82 4.93 -14.72 41.93
C LYS B 82 5.33 -13.29 41.63
N ILE B 83 4.69 -12.63 40.67
CA ILE B 83 5.13 -11.34 40.17
C ILE B 83 4.27 -10.24 40.82
N PRO B 84 4.88 -9.30 41.53
CA PRO B 84 4.11 -8.34 42.35
C PRO B 84 3.67 -7.07 41.63
N TYR B 85 3.67 -7.04 40.29
CA TYR B 85 3.38 -5.80 39.59
C TYR B 85 2.22 -5.98 38.62
N LYS B 86 1.46 -4.89 38.45
CA LYS B 86 0.25 -4.94 37.63
C LYS B 86 0.56 -5.11 36.15
N ASN B 87 1.62 -4.46 35.67
CA ASN B 87 2.04 -4.54 34.28
C ASN B 87 3.25 -5.47 34.15
N ILE B 88 3.30 -6.19 33.03
CA ILE B 88 4.37 -7.14 32.76
C ILE B 88 5.10 -6.70 31.50
N PRO B 89 6.41 -6.56 31.53
CA PRO B 89 7.17 -6.18 30.33
C PRO B 89 7.05 -7.20 29.21
N SER B 90 6.77 -6.70 28.00
CA SER B 90 6.64 -7.55 26.83
C SER B 90 7.30 -6.81 25.66
N VAL B 91 7.55 -7.54 24.58
CA VAL B 91 7.98 -6.95 23.33
C VAL B 91 7.01 -7.44 22.27
N THR B 92 6.26 -6.53 21.66
CA THR B 92 5.31 -6.92 20.63
C THR B 92 6.04 -7.11 19.31
N LEU B 93 5.88 -8.28 18.71
CA LEU B 93 6.30 -8.47 17.33
C LEU B 93 5.20 -7.87 16.49
N GLY B 94 5.36 -6.58 16.19
CA GLY B 94 4.29 -5.83 15.57
C GLY B 94 3.88 -6.36 14.21
N ARG B 95 4.84 -6.53 13.32
CA ARG B 95 4.56 -6.94 11.96
C ARG B 95 5.68 -7.82 11.45
N LEU B 96 5.33 -8.70 10.51
CA LEU B 96 6.27 -9.68 9.95
C LEU B 96 5.87 -9.97 8.52
N ALA B 97 6.79 -9.83 7.57
CA ALA B 97 6.46 -10.10 6.18
C ALA B 97 7.68 -10.60 5.43
N ILE B 98 7.42 -11.48 4.45
CA ILE B 98 8.44 -12.08 3.59
C ILE B 98 7.95 -12.01 2.13
N ASP B 99 8.89 -11.75 1.21
CA ASP B 99 8.62 -11.77 -0.21
C ASP B 99 8.10 -13.14 -0.67
N ARG B 100 7.35 -13.13 -1.76
CA ARG B 100 6.79 -14.36 -2.32
C ARG B 100 7.89 -15.34 -2.70
N SER B 101 9.06 -14.84 -3.12
CA SER B 101 10.14 -15.71 -3.55
C SER B 101 10.62 -16.65 -2.45
N LEU B 102 10.31 -16.36 -1.19
CA LEU B 102 10.81 -17.14 -0.07
C LEU B 102 9.75 -17.82 0.78
N GLN B 103 8.46 -17.68 0.45
CA GLN B 103 7.45 -18.37 1.24
C GLN B 103 7.60 -19.88 1.10
N GLY B 104 7.32 -20.59 2.20
CA GLY B 104 7.52 -22.03 2.22
C GLY B 104 8.95 -22.48 2.34
N GLN B 105 9.87 -21.61 2.79
CA GLN B 105 11.26 -22.00 2.98
C GLN B 105 11.78 -21.71 4.39
N GLY B 106 10.91 -21.38 5.34
CA GLY B 106 11.35 -21.21 6.71
C GLY B 106 11.99 -19.87 7.04
N TRP B 107 12.09 -18.94 6.09
CA TRP B 107 12.63 -17.62 6.42
C TRP B 107 11.75 -16.88 7.41
N ASP B 108 10.45 -17.18 7.41
CA ASP B 108 9.54 -16.68 8.43
C ASP B 108 10.06 -17.05 9.82
N ALA B 109 10.31 -18.34 10.02
CA ALA B 109 10.83 -18.82 11.30
C ALA B 109 12.23 -18.26 11.57
N THR B 110 13.03 -18.07 10.52
CA THR B 110 14.36 -17.47 10.69
C THR B 110 14.23 -16.07 11.28
N LEU B 111 13.29 -15.27 10.76
CA LEU B 111 13.07 -13.93 11.29
C LEU B 111 12.53 -13.97 12.71
N VAL B 112 11.58 -14.86 12.99
CA VAL B 112 11.08 -14.99 14.36
C VAL B 112 12.22 -15.33 15.31
N ALA B 113 13.19 -16.12 14.84
CA ALA B 113 14.31 -16.49 15.69
C ALA B 113 15.27 -15.32 15.89
N HIS B 114 15.51 -14.53 14.85
CA HIS B 114 16.29 -13.31 15.06
C HIS B 114 15.61 -12.40 16.08
N ALA B 115 14.28 -12.31 16.01
CA ALA B 115 13.55 -11.51 16.98
C ALA B 115 13.74 -12.06 18.39
N MET B 116 13.72 -13.39 18.53
CA MET B 116 13.97 -13.99 19.83
C MET B 116 15.37 -13.68 20.34
N ASN B 117 16.36 -13.72 19.45
CA ASN B 117 17.73 -13.39 19.85
C ASN B 117 17.82 -11.96 20.36
N VAL B 118 17.20 -11.01 19.64
CA VAL B 118 17.28 -9.61 20.07
C VAL B 118 16.53 -9.42 21.40
N VAL B 119 15.36 -10.04 21.54
CA VAL B 119 14.61 -9.91 22.78
C VAL B 119 15.39 -10.53 23.94
N TRP B 120 16.16 -11.60 23.69
CA TRP B 120 17.02 -12.17 24.71
C TRP B 120 18.11 -11.19 25.11
N SER B 121 18.77 -10.58 24.12
CA SER B 121 19.80 -9.60 24.39
C SER B 121 19.27 -8.42 25.19
N ALA B 122 17.99 -8.08 24.99
CA ALA B 122 17.39 -6.97 25.74
C ALA B 122 16.96 -7.38 27.14
N SER B 123 16.33 -8.56 27.26
CA SER B 123 15.91 -9.07 28.56
C SER B 123 17.09 -9.26 29.50
N LEU B 124 18.27 -9.60 28.96
CA LEU B 124 19.47 -9.63 29.79
C LEU B 124 19.82 -8.28 30.39
N ALA B 125 19.21 -7.19 29.92
CA ALA B 125 19.54 -5.85 30.36
C ALA B 125 18.42 -5.17 31.14
N VAL B 126 17.19 -5.31 30.66
CA VAL B 126 16.01 -4.79 31.35
C VAL B 126 14.86 -5.78 31.63
N GLY B 127 15.16 -7.06 31.72
CA GLY B 127 14.18 -8.02 32.21
C GLY B 127 12.82 -8.22 31.57
N ILE B 128 12.73 -8.27 30.25
CA ILE B 128 11.42 -8.54 29.62
C ILE B 128 11.16 -10.07 29.59
N HIS B 129 9.92 -10.46 29.85
CA HIS B 129 9.56 -11.87 29.97
C HIS B 129 9.55 -12.59 28.63
N GLY B 130 9.43 -11.86 27.52
CA GLY B 130 9.49 -12.53 26.24
C GLY B 130 8.77 -11.73 25.17
N LEU B 131 8.29 -12.48 24.17
CA LEU B 131 7.80 -11.92 22.92
C LEU B 131 6.28 -12.02 22.86
N PHE B 132 5.63 -10.89 22.61
CA PHE B 132 4.19 -10.81 22.40
C PHE B 132 3.96 -10.76 20.89
N VAL B 133 2.98 -11.51 20.41
CA VAL B 133 2.58 -11.42 19.00
C VAL B 133 1.07 -11.58 18.91
N GLU B 134 0.44 -10.70 18.14
CA GLU B 134 -1.01 -10.69 17.94
C GLU B 134 -1.28 -11.12 16.50
N ALA B 135 -1.61 -12.39 16.32
CA ALA B 135 -1.80 -12.97 15.00
C ALA B 135 -3.29 -12.93 14.67
N LEU B 136 -3.66 -12.09 13.70
CA LEU B 136 -5.03 -12.04 13.24
C LEU B 136 -5.35 -13.15 12.25
N ASN B 137 -4.51 -13.30 11.23
CA ASN B 137 -4.67 -14.39 10.27
C ASN B 137 -4.63 -15.74 10.97
N GLU B 138 -5.37 -16.69 10.40
CA GLU B 138 -5.32 -18.06 10.92
C GLU B 138 -4.03 -18.74 10.49
N LYS B 139 -3.59 -18.47 9.25
CA LYS B 139 -2.30 -18.97 8.79
C LYS B 139 -1.19 -18.50 9.71
N ALA B 140 -1.22 -17.22 10.09
CA ALA B 140 -0.23 -16.69 11.01
C ALA B 140 -0.35 -17.30 12.40
N HIS B 141 -1.58 -17.51 12.89
CA HIS B 141 -1.76 -18.14 14.18
C HIS B 141 -1.11 -19.52 14.21
N THR B 142 -1.35 -20.32 13.16
CA THR B 142 -0.74 -21.64 13.09
C THR B 142 0.79 -21.53 12.98
N PHE B 143 1.30 -20.58 12.21
CA PHE B 143 2.75 -20.43 12.10
C PHE B 143 3.38 -20.11 13.45
N TYR B 144 2.75 -19.23 14.23
CA TYR B 144 3.32 -18.88 15.52
C TYR B 144 3.21 -20.05 16.49
N LYS B 145 2.08 -20.74 16.51
CA LYS B 145 1.95 -21.94 17.33
C LYS B 145 2.95 -23.02 16.94
N SER B 146 3.37 -23.06 15.68
CA SER B 146 4.34 -24.06 15.25
C SER B 146 5.68 -23.85 15.93
N LEU B 147 6.10 -22.60 16.08
CA LEU B 147 7.32 -22.31 16.81
C LEU B 147 7.14 -22.39 18.32
N GLY B 148 5.91 -22.64 18.79
CA GLY B 148 5.70 -22.87 20.20
C GLY B 148 5.27 -21.66 21.00
N PHE B 149 4.66 -20.65 20.36
CA PHE B 149 4.24 -19.48 21.10
C PHE B 149 3.08 -19.84 22.02
N ILE B 150 3.23 -19.51 23.30
CA ILE B 150 2.19 -19.78 24.29
C ILE B 150 1.06 -18.77 24.13
N PRO B 151 -0.18 -19.23 23.96
CA PRO B 151 -1.31 -18.29 23.91
C PRO B 151 -1.54 -17.64 25.27
N LEU B 152 -1.86 -16.35 25.25
CA LEU B 152 -2.18 -15.64 26.48
C LEU B 152 -3.63 -15.95 26.83
N VAL B 153 -3.84 -16.39 28.07
CA VAL B 153 -5.15 -16.86 28.50
C VAL B 153 -5.80 -15.82 29.40
N GLY B 154 -6.90 -15.27 28.91
CA GLY B 154 -7.71 -14.30 29.60
C GLY B 154 -9.00 -14.18 28.81
N GLU B 155 -9.54 -12.98 28.67
CA GLU B 155 -10.66 -12.77 27.76
C GLU B 155 -10.29 -12.97 26.30
N ASN B 156 -9.02 -12.85 25.94
CA ASN B 156 -8.58 -12.99 24.56
C ASN B 156 -8.15 -14.41 24.21
N GLU B 157 -8.48 -14.82 22.98
CA GLU B 157 -8.12 -16.12 22.43
C GLU B 157 -7.11 -16.04 21.29
N ASN B 158 -6.60 -14.85 20.98
CA ASN B 158 -5.74 -14.66 19.81
C ASN B 158 -4.37 -14.07 20.08
N ALA B 159 -4.02 -13.77 21.33
CA ALA B 159 -2.70 -13.27 21.62
C ALA B 159 -1.78 -14.46 21.90
N LEU B 160 -0.51 -14.31 21.56
CA LEU B 160 0.46 -15.36 21.79
C LEU B 160 1.68 -14.79 22.49
N PHE B 161 2.30 -15.63 23.30
CA PHE B 161 3.41 -15.22 24.14
C PHE B 161 4.55 -16.21 23.97
N PHE B 162 5.77 -15.73 24.19
CA PHE B 162 6.94 -16.60 24.21
C PHE B 162 7.85 -16.22 25.37
N PRO B 163 8.14 -17.14 26.27
CA PRO B 163 8.93 -16.80 27.47
C PRO B 163 10.41 -16.68 27.14
N THR B 164 11.13 -15.99 28.03
CA THR B 164 12.58 -15.82 27.85
C THR B 164 13.32 -17.15 28.01
N LYS B 165 12.87 -18.02 28.92
CA LYS B 165 13.58 -19.27 29.17
C LYS B 165 13.58 -20.17 27.94
N SER B 166 12.47 -20.19 27.19
CA SER B 166 12.43 -20.94 25.94
C SER B 166 13.46 -20.40 24.95
N ILE B 167 13.67 -19.08 24.96
CA ILE B 167 14.69 -18.48 24.11
C ILE B 167 16.08 -18.93 24.53
N GLU B 168 16.33 -18.98 25.85
CA GLU B 168 17.60 -19.52 26.34
C GLU B 168 17.81 -20.95 25.84
N LEU B 169 16.77 -21.79 25.94
CA LEU B 169 16.96 -23.17 25.49
C LEU B 169 17.17 -23.26 23.99
N LEU B 170 16.47 -22.42 23.22
CA LEU B 170 16.63 -22.50 21.77
C LEU B 170 18.03 -22.06 21.36
N PHE B 171 18.61 -21.09 22.05
CA PHE B 171 19.97 -20.70 21.74
C PHE B 171 20.98 -21.49 22.56
N THR B 172 20.51 -22.49 23.31
CA THR B 172 21.35 -23.44 24.04
C THR B 172 21.48 -24.78 23.33
N GLN B 173 20.43 -25.24 22.64
CA GLN B 173 20.55 -26.42 21.80
C GLN B 173 21.23 -26.12 20.47
N SER B 174 21.66 -24.88 20.25
CA SER B 174 22.41 -24.52 19.04
C SER B 174 23.91 -24.62 19.30
N ASP B 175 24.29 -25.83 19.72
CA ASP B 175 25.66 -26.30 20.09
C ASP B 175 26.74 -25.38 19.50
N LEU B 176 27.64 -25.95 18.69
CA LEU B 176 28.73 -25.23 17.97
C LEU B 176 28.81 -25.80 16.55
N GLU B 177 28.10 -26.92 16.34
CA GLU B 177 27.92 -27.68 15.13
C GLU B 177 26.47 -27.40 14.69
N HIS B 178 25.73 -26.65 15.52
CA HIS B 178 24.48 -26.13 15.06
C HIS B 178 23.39 -27.15 15.03
N HIS B 179 22.16 -26.63 15.07
CA HIS B 179 20.94 -27.40 15.27
C HIS B 179 19.65 -26.59 14.93
N HIS B 180 18.54 -26.99 15.51
CA HIS B 180 17.32 -26.17 15.52
C HIS B 180 16.68 -25.93 14.16
N HIS B 181 16.07 -26.96 13.57
CA HIS B 181 15.47 -26.86 12.25
C HIS B 181 13.99 -27.24 12.29
N HIS B 182 13.27 -26.66 13.25
CA HIS B 182 11.80 -26.74 13.29
C HIS B 182 11.19 -26.27 11.97
N ASP C 2 10.76 28.70 -8.06
CA ASP C 2 11.38 27.60 -7.31
C ASP C 2 12.75 27.27 -7.88
N ASP C 3 13.08 25.98 -7.85
CA ASP C 3 14.28 25.46 -8.48
C ASP C 3 13.97 24.42 -9.54
N LEU C 4 12.69 24.15 -9.81
CA LEU C 4 12.31 23.08 -10.72
C LEU C 4 12.84 23.33 -12.13
N THR C 5 13.40 22.27 -12.73
CA THR C 5 13.97 22.34 -14.07
C THR C 5 13.58 21.08 -14.84
N ILE C 6 13.63 21.20 -16.17
CA ILE C 6 13.43 20.07 -17.08
C ILE C 6 14.80 19.54 -17.50
N GLU C 7 14.95 18.22 -17.51
CA GLU C 7 16.21 17.63 -17.93
C GLU C 7 15.94 16.27 -18.55
N ILE C 8 16.81 15.89 -19.48
CA ILE C 8 16.74 14.53 -19.98
C ILE C 8 17.12 13.56 -18.86
N LEU C 9 16.62 12.34 -18.95
CA LEU C 9 16.98 11.35 -17.94
C LEU C 9 18.42 10.92 -18.13
N THR C 10 19.21 11.04 -17.06
CA THR C 10 20.58 10.55 -17.10
C THR C 10 20.61 9.03 -16.90
N ASP C 11 21.82 8.46 -16.99
CA ASP C 11 21.99 7.06 -16.63
C ASP C 11 21.91 6.88 -15.13
N ASP C 12 22.55 7.77 -14.38
CA ASP C 12 22.51 7.72 -12.93
C ASP C 12 21.17 8.33 -12.51
N ALA C 13 20.25 7.48 -12.04
CA ALA C 13 18.90 7.98 -11.78
C ALA C 13 18.87 8.84 -10.54
N ASP C 14 19.10 8.24 -9.38
CA ASP C 14 19.01 8.93 -8.09
C ASP C 14 17.71 9.74 -8.01
N TYR C 15 16.63 9.18 -8.53
CA TYR C 15 15.34 9.83 -8.52
C TYR C 15 14.37 9.09 -7.62
N ASP C 16 13.38 9.81 -7.12
CA ASP C 16 12.28 9.21 -6.37
C ASP C 16 11.06 9.25 -7.28
N LEU C 17 10.63 8.08 -7.75
CA LEU C 17 9.61 7.97 -8.78
C LEU C 17 8.27 7.48 -8.24
N GLN C 18 8.27 6.90 -7.03
CA GLN C 18 7.10 6.18 -6.55
C GLN C 18 6.00 7.12 -6.07
N ARG C 19 6.37 8.14 -5.31
CA ARG C 19 5.39 9.09 -4.78
C ARG C 19 4.74 9.91 -5.88
N PHE C 20 5.22 9.79 -7.12
CA PHE C 20 4.54 10.38 -8.27
C PHE C 20 3.23 9.63 -8.50
N ASP C 21 2.18 10.39 -8.79
CA ASP C 21 0.88 9.80 -9.12
C ASP C 21 0.05 10.83 -9.87
N CYS C 22 -0.20 10.58 -11.15
CA CYS C 22 -1.13 11.39 -11.91
C CYS C 22 -2.53 10.76 -11.75
N GLY C 23 -3.48 11.22 -12.57
CA GLY C 23 -4.82 10.65 -12.51
C GLY C 23 -4.83 9.18 -12.91
N GLU C 24 -4.28 8.88 -14.09
CA GLU C 24 -4.36 7.54 -14.67
C GLU C 24 -3.25 6.65 -14.15
N GLU C 25 -3.61 5.40 -13.83
CA GLU C 25 -2.62 4.42 -13.35
C GLU C 25 -1.62 4.06 -14.43
N ALA C 26 -2.09 3.80 -15.66
CA ALA C 26 -1.24 3.25 -16.72
C ALA C 26 0.04 4.05 -16.89
N LEU C 27 -0.04 5.38 -16.80
CA LEU C 27 1.16 6.20 -16.95
C LEU C 27 2.08 6.07 -15.73
N ASN C 28 1.49 6.00 -14.54
CA ASN C 28 2.28 5.77 -13.33
C ASN C 28 3.07 4.46 -13.44
N LEU C 29 2.42 3.39 -13.90
CA LEU C 29 3.09 2.10 -14.02
C LEU C 29 4.13 2.12 -15.14
N PHE C 30 3.80 2.75 -16.27
CA PHE C 30 4.77 2.87 -17.35
C PHE C 30 6.02 3.60 -16.88
N LEU C 31 5.84 4.64 -16.06
CA LEU C 31 7.00 5.34 -15.49
C LEU C 31 7.78 4.42 -14.56
N THR C 32 7.09 3.81 -13.59
CA THR C 32 7.78 3.03 -12.58
C THR C 32 8.46 1.79 -13.14
N THR C 33 8.01 1.29 -14.28
CA THR C 33 8.37 -0.04 -14.75
C THR C 33 9.26 -0.02 -16.00
N HIS C 34 8.78 0.57 -17.10
CA HIS C 34 9.41 0.39 -18.40
C HIS C 34 10.31 1.55 -18.83
N LEU C 35 10.16 2.74 -18.22
CA LEU C 35 10.76 3.94 -18.81
C LEU C 35 12.29 3.89 -18.77
N VAL C 36 12.86 3.49 -17.63
CA VAL C 36 14.31 3.59 -17.46
C VAL C 36 15.04 2.73 -18.49
N ARG C 37 14.66 1.46 -18.60
CA ARG C 37 15.35 0.55 -19.50
C ARG C 37 15.09 0.88 -20.96
N GLN C 38 13.84 1.27 -21.29
CA GLN C 38 13.54 1.64 -22.67
C GLN C 38 14.35 2.86 -23.10
N HIS C 39 14.61 3.78 -22.17
CA HIS C 39 15.54 4.86 -22.46
C HIS C 39 16.96 4.30 -22.63
N ARG C 40 17.39 3.46 -21.70
CA ARG C 40 18.74 2.91 -21.76
C ARG C 40 18.94 2.03 -22.99
N ASN C 41 17.90 1.33 -23.42
CA ASN C 41 17.92 0.50 -24.62
C ASN C 41 17.70 1.29 -25.91
N LYS C 42 17.65 2.62 -25.83
CA LYS C 42 17.51 3.49 -26.99
C LYS C 42 16.22 3.21 -27.76
N ILE C 43 15.19 2.74 -27.06
CA ILE C 43 13.87 2.61 -27.68
C ILE C 43 13.18 3.96 -27.76
N LEU C 44 13.32 4.79 -26.72
CA LEU C 44 12.71 6.11 -26.65
C LEU C 44 13.65 7.03 -25.89
N ARG C 45 13.31 8.31 -25.90
CA ARG C 45 13.98 9.31 -25.09
C ARG C 45 12.99 9.88 -24.07
N ALA C 46 13.40 9.91 -22.81
CA ALA C 46 12.54 10.39 -21.73
C ALA C 46 13.03 11.75 -21.23
N TYR C 47 12.09 12.69 -21.07
CA TYR C 47 12.38 13.97 -20.44
C TYR C 47 11.60 14.07 -19.13
N ILE C 48 12.27 14.57 -18.09
CA ILE C 48 11.79 14.53 -16.72
C ILE C 48 11.73 15.95 -16.18
N LEU C 49 10.59 16.28 -15.58
CA LEU C 49 10.37 17.52 -14.83
C LEU C 49 10.45 17.18 -13.35
N CYS C 50 11.52 17.60 -12.70
CA CYS C 50 11.80 17.33 -11.30
C CYS C 50 11.97 18.64 -10.55
N ARG C 51 11.93 18.57 -9.21
CA ARG C 51 12.04 19.77 -8.40
C ARG C 51 13.46 20.25 -8.22
N ASN C 52 14.45 19.56 -8.78
CA ASN C 52 15.87 19.85 -8.62
C ASN C 52 16.26 19.97 -7.14
N THR C 53 15.49 19.39 -6.25
CA THR C 53 15.78 19.45 -4.82
C THR C 53 16.82 18.40 -4.48
N PRO C 54 17.44 18.48 -3.29
CA PRO C 54 18.31 17.37 -2.87
C PRO C 54 17.61 16.02 -2.93
N GLU C 55 16.33 16.00 -2.55
CA GLU C 55 15.52 14.79 -2.64
C GLU C 55 15.17 14.44 -4.09
N ARG C 56 15.27 15.41 -5.01
CA ARG C 56 14.98 15.22 -6.44
C ARG C 56 13.59 14.66 -6.69
N GLN C 57 12.57 15.31 -6.13
CA GLN C 57 11.20 14.86 -6.34
C GLN C 57 10.79 15.03 -7.81
N VAL C 58 10.38 13.93 -8.45
CA VAL C 58 9.98 13.94 -9.85
C VAL C 58 8.47 14.21 -9.93
N LEU C 59 8.08 15.15 -10.80
CA LEU C 59 6.68 15.54 -10.93
C LEU C 59 6.11 15.49 -12.35
N GLY C 60 6.92 15.29 -13.38
CA GLY C 60 6.36 15.11 -14.71
C GLY C 60 7.32 14.41 -15.64
N TYR C 61 6.78 13.88 -16.74
CA TYR C 61 7.65 13.27 -17.73
C TYR C 61 6.92 13.15 -19.06
N TYR C 62 7.71 13.02 -20.13
CA TYR C 62 7.15 12.68 -21.44
C TYR C 62 8.19 11.95 -22.26
N THR C 63 7.69 11.24 -23.28
CA THR C 63 8.47 10.34 -24.11
C THR C 63 8.49 10.78 -25.56
N LEU C 64 9.67 10.70 -26.19
CA LEU C 64 9.86 11.01 -27.59
C LEU C 64 10.43 9.79 -28.30
N CYS C 65 9.70 9.31 -29.31
CA CYS C 65 10.11 8.15 -30.10
C CYS C 65 10.11 8.55 -31.57
N GLY C 66 11.28 8.52 -32.20
CA GLY C 66 11.33 8.80 -33.62
C GLY C 66 10.47 7.81 -34.38
N SER C 67 9.80 8.30 -35.43
CA SER C 67 8.82 7.47 -36.13
C SER C 67 8.58 8.02 -37.52
N CYS C 68 7.81 7.27 -38.30
CA CYS C 68 7.36 7.68 -39.62
C CYS C 68 5.89 7.32 -39.76
N PHE C 69 5.25 7.95 -40.75
CA PHE C 69 3.88 7.64 -41.10
C PHE C 69 3.71 7.80 -42.61
N GLU C 70 2.67 7.14 -43.13
CA GLU C 70 2.45 7.13 -44.57
C GLU C 70 2.26 8.54 -45.11
N ARG C 71 2.86 8.80 -46.28
CA ARG C 71 2.80 10.13 -46.85
C ARG C 71 1.36 10.59 -47.10
N ALA C 72 0.46 9.66 -47.45
CA ALA C 72 -0.92 10.01 -47.68
C ALA C 72 -1.64 10.61 -46.48
N ALA C 73 -1.05 10.54 -45.28
CA ALA C 73 -1.67 11.13 -44.10
C ALA C 73 -1.58 12.65 -44.10
N LEU C 74 -0.71 13.24 -44.92
CA LEU C 74 -0.61 14.69 -45.01
C LEU C 74 -1.89 15.26 -45.62
N PRO C 75 -2.26 16.49 -45.26
CA PRO C 75 -3.51 17.04 -45.80
C PRO C 75 -3.41 17.45 -47.26
N SER C 76 -2.27 17.99 -47.70
CA SER C 76 -2.13 18.54 -49.04
C SER C 76 -1.45 17.53 -49.96
N LYS C 77 -2.09 17.25 -51.10
CA LYS C 77 -1.52 16.36 -52.11
C LYS C 77 -0.28 16.96 -52.76
N SER C 78 -0.16 18.29 -52.75
CA SER C 78 1.00 18.94 -53.34
C SER C 78 2.29 18.54 -52.63
N LYS C 79 2.33 18.68 -51.31
CA LYS C 79 3.51 18.27 -50.56
C LYS C 79 3.71 16.77 -50.66
N GLN C 80 2.65 16.03 -51.00
CA GLN C 80 2.80 14.59 -51.19
C GLN C 80 3.58 14.33 -52.48
N LYS C 81 3.23 15.03 -53.56
CA LYS C 81 4.01 14.96 -54.79
C LYS C 81 5.37 15.65 -54.66
N LYS C 82 5.57 16.42 -53.59
CA LYS C 82 6.83 17.14 -53.37
C LYS C 82 7.89 16.26 -52.72
N ILE C 83 7.47 15.27 -51.93
CA ILE C 83 8.36 14.40 -51.17
C ILE C 83 8.38 13.05 -51.89
N PRO C 84 9.54 12.55 -52.31
CA PRO C 84 9.58 11.39 -53.21
C PRO C 84 9.54 10.03 -52.54
N TYR C 85 9.24 9.95 -51.25
CA TYR C 85 9.18 8.69 -50.53
C TYR C 85 7.90 8.58 -49.70
N LYS C 86 7.49 7.32 -49.51
CA LYS C 86 6.27 7.00 -48.77
C LYS C 86 6.40 7.42 -47.31
N ASN C 87 7.61 7.46 -46.76
CA ASN C 87 7.84 7.72 -45.36
C ASN C 87 8.10 9.21 -45.11
N ILE C 88 7.59 9.70 -43.98
CA ILE C 88 7.71 11.10 -43.58
C ILE C 88 8.43 11.15 -42.25
N PRO C 89 9.51 11.93 -42.13
CA PRO C 89 10.15 12.04 -40.81
C PRO C 89 9.22 12.68 -39.79
N SER C 90 9.09 12.02 -38.64
CA SER C 90 8.23 12.49 -37.56
C SER C 90 8.90 12.16 -36.24
N VAL C 91 8.42 12.78 -35.16
CA VAL C 91 8.81 12.40 -33.81
C VAL C 91 7.53 12.11 -33.04
N THR C 92 7.36 10.87 -32.60
CA THR C 92 6.15 10.50 -31.86
C THR C 92 6.30 10.87 -30.38
N LEU C 93 5.35 11.64 -29.88
CA LEU C 93 5.17 11.92 -28.46
C LEU C 93 4.44 10.72 -27.86
N GLY C 94 5.23 9.75 -27.39
CA GLY C 94 4.64 8.50 -26.94
C GLY C 94 3.71 8.67 -25.76
N ARG C 95 4.21 9.27 -24.69
CA ARG C 95 3.46 9.37 -23.44
C ARG C 95 3.76 10.69 -22.76
N LEU C 96 2.81 11.17 -21.96
CA LEU C 96 2.95 12.45 -21.28
C LEU C 96 2.14 12.43 -20.00
N ALA C 97 2.78 12.77 -18.87
CA ALA C 97 2.06 12.78 -17.60
C ALA C 97 2.64 13.85 -16.68
N ILE C 98 1.76 14.41 -15.85
CA ILE C 98 2.08 15.42 -14.85
C ILE C 98 1.44 15.05 -13.53
N ASP C 99 2.15 15.29 -12.43
CA ASP C 99 1.61 15.09 -11.09
C ASP C 99 0.37 15.96 -10.88
N ARG C 100 -0.54 15.48 -10.01
CA ARG C 100 -1.78 16.20 -9.76
C ARG C 100 -1.53 17.58 -9.18
N SER C 101 -0.45 17.74 -8.40
CA SER C 101 -0.16 19.02 -7.76
C SER C 101 0.00 20.15 -8.77
N LEU C 102 0.22 19.83 -10.04
CA LEU C 102 0.43 20.83 -11.08
C LEU C 102 -0.64 20.78 -12.16
N GLN C 103 -1.61 19.86 -12.07
CA GLN C 103 -2.68 19.80 -13.05
C GLN C 103 -3.56 21.04 -12.98
N GLY C 104 -4.08 21.45 -14.14
CA GLY C 104 -4.85 22.67 -14.22
C GLY C 104 -4.03 23.93 -14.21
N GLN C 105 -2.73 23.84 -14.50
CA GLN C 105 -1.88 25.01 -14.59
C GLN C 105 -1.15 25.14 -15.93
N GLY C 106 -1.51 24.34 -16.93
CA GLY C 106 -0.92 24.53 -18.24
C GLY C 106 0.45 23.91 -18.40
N TRP C 107 0.99 23.23 -17.38
CA TRP C 107 2.30 22.59 -17.49
C TRP C 107 2.31 21.55 -18.59
N ASP C 108 1.16 20.99 -18.93
CA ASP C 108 1.05 20.13 -20.10
C ASP C 108 1.61 20.85 -21.32
N ALA C 109 1.12 22.07 -21.55
CA ALA C 109 1.60 22.87 -22.67
C ALA C 109 3.08 23.24 -22.53
N THR C 110 3.55 23.47 -21.30
CA THR C 110 4.98 23.77 -21.10
C THR C 110 5.85 22.59 -21.53
N LEU C 111 5.46 21.37 -21.15
CA LEU C 111 6.24 20.20 -21.55
C LEU C 111 6.15 19.97 -23.06
N VAL C 112 4.95 20.10 -23.64
CA VAL C 112 4.81 20.00 -25.09
C VAL C 112 5.68 21.04 -25.77
N ALA C 113 5.85 22.21 -25.16
CA ALA C 113 6.67 23.25 -25.76
C ALA C 113 8.15 22.89 -25.67
N HIS C 114 8.58 22.31 -24.55
CA HIS C 114 9.95 21.78 -24.49
C HIS C 114 10.17 20.75 -25.58
N ALA C 115 9.17 19.89 -25.80
CA ALA C 115 9.28 18.90 -26.86
C ALA C 115 9.41 19.56 -28.23
N MET C 116 8.64 20.62 -28.46
CA MET C 116 8.75 21.35 -29.73
C MET C 116 10.12 21.98 -29.88
N ASN C 117 10.68 22.52 -28.79
CA ASN C 117 12.02 23.16 -28.86
C ASN C 117 13.22 22.20 -28.75
N VAL C 118 12.95 20.91 -28.63
CA VAL C 118 13.91 19.86 -28.92
C VAL C 118 13.75 19.33 -30.36
N VAL C 119 12.49 19.12 -30.79
CA VAL C 119 12.26 18.62 -32.15
C VAL C 119 12.70 19.66 -33.18
N TRP C 120 12.55 20.95 -32.86
CA TRP C 120 13.06 22.00 -33.74
C TRP C 120 14.58 21.96 -33.82
N SER C 121 15.23 21.85 -32.66
CA SER C 121 16.70 21.76 -32.62
C SER C 121 17.20 20.55 -33.39
N ALA C 122 16.41 19.47 -33.45
CA ALA C 122 16.81 18.29 -34.20
C ALA C 122 16.54 18.44 -35.70
N SER C 123 15.36 18.96 -36.06
CA SER C 123 15.03 19.18 -37.45
C SER C 123 16.01 20.14 -38.11
N LEU C 124 16.56 21.09 -37.35
CA LEU C 124 17.61 21.97 -37.87
C LEU C 124 18.85 21.18 -38.29
N ALA C 125 18.96 19.92 -37.88
CA ALA C 125 20.15 19.10 -38.14
C ALA C 125 19.89 17.93 -39.08
N VAL C 126 18.76 17.25 -38.90
CA VAL C 126 18.36 16.19 -39.85
C VAL C 126 16.90 16.23 -40.36
N GLY C 127 16.35 17.43 -40.50
CA GLY C 127 15.11 17.65 -41.23
C GLY C 127 13.83 16.89 -40.92
N ILE C 128 13.39 16.94 -39.67
CA ILE C 128 12.16 16.32 -39.22
C ILE C 128 10.93 17.18 -39.46
N HIS C 129 9.87 16.61 -40.01
CA HIS C 129 8.72 17.46 -40.30
C HIS C 129 7.95 17.90 -39.06
N GLY C 130 8.01 17.18 -37.97
CA GLY C 130 7.32 17.70 -36.81
C GLY C 130 6.93 16.59 -35.85
N LEU C 131 5.86 16.88 -35.11
CA LEU C 131 5.46 16.12 -33.94
C LEU C 131 4.20 15.31 -34.25
N PHE C 132 4.27 14.01 -34.02
CA PHE C 132 3.16 13.08 -34.08
C PHE C 132 2.70 12.84 -32.65
N VAL C 133 1.40 12.83 -32.41
CA VAL C 133 0.90 12.45 -31.09
C VAL C 133 -0.42 11.71 -31.25
N GLU C 134 -0.56 10.60 -30.53
CA GLU C 134 -1.74 9.77 -30.60
C GLU C 134 -2.50 9.94 -29.29
N ALA C 135 -3.51 10.82 -29.30
CA ALA C 135 -4.28 11.17 -28.12
C ALA C 135 -5.57 10.35 -28.10
N LEU C 136 -5.66 9.41 -27.16
CA LEU C 136 -6.86 8.60 -27.02
C LEU C 136 -7.94 9.31 -26.20
N ASN C 137 -7.57 9.85 -25.03
CA ASN C 137 -8.50 10.58 -24.18
C ASN C 137 -9.14 11.75 -24.93
N GLU C 138 -10.39 12.07 -24.55
CA GLU C 138 -11.08 13.18 -25.18
C GLU C 138 -10.57 14.53 -24.69
N LYS C 139 -10.36 14.69 -23.38
CA LYS C 139 -9.76 15.92 -22.88
C LYS C 139 -8.37 16.14 -23.47
N ALA C 140 -7.57 15.07 -23.57
CA ALA C 140 -6.24 15.20 -24.16
C ALA C 140 -6.30 15.57 -25.64
N HIS C 141 -7.24 14.97 -26.39
CA HIS C 141 -7.40 15.32 -27.79
C HIS C 141 -7.77 16.79 -27.94
N THR C 142 -8.71 17.27 -27.12
CA THR C 142 -9.08 18.67 -27.16
C THR C 142 -7.91 19.57 -26.75
N PHE C 143 -7.11 19.12 -25.77
CA PHE C 143 -5.93 19.88 -25.36
C PHE C 143 -4.95 20.05 -26.51
N TYR C 144 -4.74 18.98 -27.28
CA TYR C 144 -3.85 19.06 -28.43
C TYR C 144 -4.43 19.96 -29.50
N LYS C 145 -5.74 19.87 -29.75
CA LYS C 145 -6.38 20.81 -30.65
C LYS C 145 -6.23 22.25 -30.16
N SER C 146 -6.18 22.44 -28.84
CA SER C 146 -5.98 23.78 -28.28
C SER C 146 -4.57 24.27 -28.55
N LEU C 147 -3.58 23.38 -28.47
CA LEU C 147 -2.24 23.80 -28.84
C LEU C 147 -2.06 23.93 -30.34
N GLY C 148 -3.06 23.54 -31.12
CA GLY C 148 -3.02 23.70 -32.55
C GLY C 148 -2.55 22.49 -33.34
N PHE C 149 -2.66 21.29 -32.77
CA PHE C 149 -2.21 20.11 -33.48
C PHE C 149 -3.12 19.81 -34.65
N ILE C 150 -2.51 19.68 -35.82
CA ILE C 150 -3.25 19.38 -37.05
C ILE C 150 -3.61 17.89 -37.06
N PRO C 151 -4.87 17.54 -37.26
CA PRO C 151 -5.23 16.13 -37.38
C PRO C 151 -4.69 15.51 -38.67
N LEU C 152 -4.23 14.26 -38.56
CA LEU C 152 -3.73 13.52 -39.71
C LEU C 152 -4.92 12.86 -40.40
N VAL C 153 -5.02 13.05 -41.71
CA VAL C 153 -6.13 12.51 -42.48
C VAL C 153 -5.61 11.29 -43.23
N GLY C 154 -6.09 10.12 -42.79
CA GLY C 154 -5.72 8.84 -43.35
C GLY C 154 -6.64 7.78 -42.79
N GLU C 155 -6.09 6.62 -42.44
CA GLU C 155 -6.89 5.62 -41.75
C GLU C 155 -7.39 6.08 -40.39
N ASN C 156 -6.64 6.97 -39.73
CA ASN C 156 -6.94 7.40 -38.38
C ASN C 156 -7.63 8.75 -38.26
N GLU C 157 -8.53 8.84 -37.26
CA GLU C 157 -9.21 10.06 -36.86
C GLU C 157 -8.79 10.55 -35.48
N ASN C 158 -7.80 9.90 -34.84
CA ASN C 158 -7.39 10.22 -33.48
C ASN C 158 -5.93 10.62 -33.35
N ALA C 159 -5.16 10.59 -34.43
CA ALA C 159 -3.79 11.06 -34.38
C ALA C 159 -3.78 12.53 -34.76
N LEU C 160 -2.85 13.26 -34.18
CA LEU C 160 -2.70 14.67 -34.48
C LEU C 160 -1.24 14.95 -34.80
N PHE C 161 -1.05 15.99 -35.60
CA PHE C 161 0.27 16.33 -36.12
C PHE C 161 0.51 17.79 -35.82
N PHE C 162 1.77 18.14 -35.67
CA PHE C 162 2.12 19.54 -35.53
C PHE C 162 3.34 19.78 -36.39
N PRO C 163 3.26 20.70 -37.34
CA PRO C 163 4.38 20.88 -38.28
C PRO C 163 5.53 21.64 -37.64
N THR C 164 6.71 21.47 -38.22
CA THR C 164 7.88 22.19 -37.74
C THR C 164 7.75 23.69 -37.96
N LYS C 165 7.09 24.09 -39.04
CA LYS C 165 6.98 25.51 -39.39
C LYS C 165 6.20 26.27 -38.32
N SER C 166 5.11 25.68 -37.82
CA SER C 166 4.36 26.28 -36.73
C SER C 166 5.23 26.39 -35.47
N ILE C 167 6.12 25.42 -35.25
CA ILE C 167 7.04 25.49 -34.12
C ILE C 167 7.99 26.66 -34.30
N GLU C 168 8.47 26.88 -35.52
CA GLU C 168 9.29 28.07 -35.79
C GLU C 168 8.52 29.33 -35.42
N LEU C 169 7.27 29.43 -35.86
CA LEU C 169 6.52 30.66 -35.58
C LEU C 169 6.29 30.82 -34.09
N LEU C 170 6.00 29.73 -33.37
CA LEU C 170 5.74 29.85 -31.94
C LEU C 170 7.00 30.23 -31.18
N PHE C 171 8.16 29.75 -31.60
CA PHE C 171 9.39 30.15 -30.91
C PHE C 171 9.96 31.44 -31.50
N THR C 172 9.26 32.04 -32.45
CA THR C 172 9.56 33.38 -32.94
C THR C 172 8.68 34.44 -32.27
N GLN C 173 7.57 33.93 -31.70
CA GLN C 173 6.45 34.67 -31.05
C GLN C 173 6.68 34.93 -29.55
N SER C 174 7.75 34.38 -28.99
CA SER C 174 8.23 34.71 -27.65
C SER C 174 9.10 35.95 -27.73
N ASP C 175 8.61 37.04 -27.14
CA ASP C 175 9.28 38.35 -27.20
C ASP C 175 9.43 39.02 -25.82
N LEU C 176 10.60 38.83 -25.20
CA LEU C 176 10.92 39.41 -23.89
C LEU C 176 10.34 38.61 -22.73
N GLU C 177 11.14 37.76 -22.06
CA GLU C 177 10.56 37.07 -20.95
C GLU C 177 9.68 36.04 -21.61
N HIS C 178 8.55 36.50 -22.17
CA HIS C 178 7.56 35.61 -22.73
C HIS C 178 6.44 36.18 -23.60
N HIS C 179 6.04 35.28 -24.51
CA HIS C 179 4.78 35.28 -25.28
C HIS C 179 4.35 33.91 -25.81
N HIS C 180 3.06 33.66 -25.72
CA HIS C 180 2.46 32.40 -26.16
C HIS C 180 2.22 32.38 -27.66
N ASP D 3 43.05 24.46 -43.85
CA ASP D 3 42.00 25.35 -44.34
C ASP D 3 40.98 24.57 -45.15
N LEU D 4 40.31 23.62 -44.48
CA LEU D 4 39.31 22.78 -45.13
C LEU D 4 38.37 22.20 -44.06
N THR D 5 37.18 22.80 -43.95
CA THR D 5 36.23 22.42 -42.91
C THR D 5 34.91 21.92 -43.50
N ILE D 6 34.21 21.12 -42.69
CA ILE D 6 32.87 20.65 -42.98
C ILE D 6 31.89 21.52 -42.19
N GLU D 7 30.82 21.95 -42.84
CA GLU D 7 29.81 22.75 -42.15
C GLU D 7 28.46 22.51 -42.80
N ILE D 8 27.41 22.66 -42.00
CA ILE D 8 26.07 22.64 -42.56
C ILE D 8 25.87 23.85 -43.45
N LEU D 9 24.89 23.76 -44.35
CA LEU D 9 24.61 24.86 -45.27
C LEU D 9 24.11 26.06 -44.48
N THR D 10 24.72 27.22 -44.72
CA THR D 10 24.32 28.45 -44.05
C THR D 10 22.99 28.96 -44.61
N ASP D 11 22.47 30.04 -44.02
CA ASP D 11 21.27 30.66 -44.54
C ASP D 11 21.55 31.45 -45.82
N ASP D 12 22.53 32.35 -45.77
CA ASP D 12 22.96 33.10 -46.95
C ASP D 12 24.02 32.26 -47.64
N ALA D 13 23.69 31.71 -48.82
CA ALA D 13 24.59 30.77 -49.43
C ALA D 13 25.82 31.49 -49.97
N ASP D 14 25.64 32.32 -50.99
CA ASP D 14 26.75 33.04 -51.61
C ASP D 14 27.93 32.11 -51.90
N TYR D 15 27.63 30.93 -52.44
CA TYR D 15 28.64 29.92 -52.71
C TYR D 15 28.90 29.82 -54.21
N ASP D 16 30.11 29.39 -54.55
CA ASP D 16 30.51 29.12 -55.93
C ASP D 16 30.58 27.62 -56.14
N LEU D 17 29.70 27.11 -57.01
CA LEU D 17 29.48 25.69 -57.19
C LEU D 17 30.07 25.14 -58.48
N GLN D 18 30.49 26.00 -59.41
CA GLN D 18 30.77 25.56 -60.77
C GLN D 18 32.01 24.68 -60.85
N ARG D 19 33.09 25.04 -60.17
CA ARG D 19 34.31 24.23 -60.26
C ARG D 19 34.15 22.85 -59.66
N PHE D 20 33.06 22.59 -58.93
CA PHE D 20 32.82 21.26 -58.41
C PHE D 20 32.47 20.29 -59.53
N ASP D 21 33.03 19.08 -59.43
CA ASP D 21 32.69 17.99 -60.33
C ASP D 21 33.08 16.70 -59.63
N CYS D 22 32.07 15.93 -59.20
CA CYS D 22 32.30 14.62 -58.62
C CYS D 22 32.32 13.60 -59.75
N GLY D 23 32.24 12.31 -59.41
CA GLY D 23 32.24 11.29 -60.42
C GLY D 23 31.06 11.42 -61.36
N GLU D 24 29.85 11.40 -60.82
CA GLU D 24 28.65 11.48 -61.65
C GLU D 24 28.27 12.93 -61.87
N GLU D 25 27.89 13.26 -63.11
CA GLU D 25 27.41 14.62 -63.36
C GLU D 25 26.10 14.87 -62.63
N ALA D 26 25.19 13.89 -62.64
CA ALA D 26 23.87 14.08 -62.06
C ALA D 26 23.96 14.68 -60.67
N LEU D 27 24.96 14.26 -59.89
CA LEU D 27 25.13 14.82 -58.55
C LEU D 27 25.68 16.24 -58.61
N ASN D 28 26.59 16.52 -59.54
CA ASN D 28 27.08 17.89 -59.71
C ASN D 28 25.94 18.86 -60.02
N LEU D 29 25.06 18.47 -60.95
CA LEU D 29 23.94 19.31 -61.33
C LEU D 29 22.91 19.38 -60.21
N PHE D 30 22.68 18.26 -59.52
CA PHE D 30 21.81 18.26 -58.35
C PHE D 30 22.29 19.26 -57.30
N LEU D 31 23.61 19.32 -57.10
CA LEU D 31 24.17 20.31 -56.19
C LEU D 31 23.92 21.73 -56.71
N THR D 32 24.26 21.98 -57.97
CA THR D 32 24.16 23.34 -58.50
C THR D 32 22.72 23.83 -58.52
N THR D 33 21.74 22.92 -58.53
CA THR D 33 20.35 23.25 -58.82
C THR D 33 19.44 23.12 -57.61
N HIS D 34 19.35 21.93 -56.99
CA HIS D 34 18.29 21.63 -56.05
C HIS D 34 18.69 21.77 -54.58
N LEU D 35 19.98 21.77 -54.27
CA LEU D 35 20.40 21.61 -52.88
C LEU D 35 19.98 22.80 -52.02
N VAL D 36 20.17 24.01 -52.54
CA VAL D 36 19.88 25.22 -51.76
C VAL D 36 18.40 25.25 -51.38
N ARG D 37 17.54 24.97 -52.37
CA ARG D 37 16.07 25.06 -52.21
C ARG D 37 15.38 23.76 -51.73
N GLN D 38 16.18 22.74 -51.44
CA GLN D 38 15.78 21.59 -50.62
C GLN D 38 16.16 21.80 -49.17
N HIS D 39 17.27 22.45 -48.94
CA HIS D 39 17.50 22.85 -47.60
C HIS D 39 16.29 23.72 -47.39
N ARG D 40 16.39 24.93 -47.90
CA ARG D 40 15.50 26.01 -47.49
C ARG D 40 14.06 25.51 -47.31
N ASN D 41 13.63 24.55 -48.13
CA ASN D 41 12.30 23.97 -48.01
C ASN D 41 12.20 22.86 -46.97
N LYS D 42 13.28 22.56 -46.24
CA LYS D 42 13.26 21.59 -45.15
C LYS D 42 12.86 20.19 -45.61
N ILE D 43 13.18 19.83 -46.85
CA ILE D 43 13.03 18.43 -47.27
C ILE D 43 14.17 17.59 -46.72
N LEU D 44 15.37 18.15 -46.72
CA LEU D 44 16.58 17.48 -46.24
C LEU D 44 17.49 18.50 -45.59
N ARG D 45 18.57 18.01 -44.99
CA ARG D 45 19.63 18.86 -44.48
C ARG D 45 20.88 18.57 -45.29
N ALA D 46 21.51 19.62 -45.79
CA ALA D 46 22.69 19.51 -46.63
C ALA D 46 23.93 19.92 -45.84
N TYR D 47 24.96 19.09 -45.91
CA TYR D 47 26.26 19.41 -45.32
C TYR D 47 27.29 19.51 -46.43
N ILE D 48 28.16 20.52 -46.32
CA ILE D 48 29.07 20.93 -47.37
C ILE D 48 30.49 20.90 -46.81
N LEU D 49 31.41 20.30 -47.57
CA LEU D 49 32.83 20.30 -47.27
C LEU D 49 33.49 21.36 -48.14
N CYS D 50 33.87 22.49 -47.52
CA CYS D 50 34.49 23.57 -48.27
C CYS D 50 35.82 23.92 -47.61
N ARG D 51 36.67 24.63 -48.35
CA ARG D 51 37.97 25.01 -47.83
C ARG D 51 37.93 26.30 -47.01
N ASN D 52 36.74 26.86 -46.75
CA ASN D 52 36.61 28.18 -46.13
C ASN D 52 37.35 29.24 -46.95
N THR D 53 37.55 28.95 -48.24
CA THR D 53 38.25 29.83 -49.14
C THR D 53 37.33 30.94 -49.64
N PRO D 54 37.91 31.97 -50.25
CA PRO D 54 37.08 33.05 -50.83
C PRO D 54 36.01 32.62 -51.81
N GLU D 55 36.34 31.74 -52.75
CA GLU D 55 35.34 31.23 -53.67
C GLU D 55 34.37 30.28 -53.01
N ARG D 56 34.68 29.80 -51.80
CA ARG D 56 33.85 28.81 -51.12
C ARG D 56 33.72 27.58 -52.02
N GLN D 57 34.88 27.08 -52.46
CA GLN D 57 34.88 25.93 -53.34
C GLN D 57 34.29 24.72 -52.63
N VAL D 58 33.22 24.18 -53.20
CA VAL D 58 32.58 23.01 -52.63
C VAL D 58 33.31 21.81 -53.19
N LEU D 59 33.70 20.89 -52.32
CA LEU D 59 34.47 19.73 -52.71
C LEU D 59 33.83 18.43 -52.26
N GLY D 60 32.83 18.50 -51.38
CA GLY D 60 32.05 17.34 -51.01
C GLY D 60 30.75 17.81 -50.40
N TYR D 61 29.77 16.92 -50.40
CA TYR D 61 28.50 17.24 -49.76
C TYR D 61 27.71 15.96 -49.55
N TYR D 62 26.78 16.03 -48.60
CA TYR D 62 25.84 14.94 -48.41
C TYR D 62 24.52 15.46 -47.85
N THR D 63 23.48 14.65 -48.06
CA THR D 63 22.10 15.01 -47.72
C THR D 63 21.54 14.02 -46.70
N LEU D 64 20.85 14.54 -45.69
CA LEU D 64 20.24 13.72 -44.66
C LEU D 64 18.75 14.03 -44.55
N CYS D 65 17.94 12.98 -44.49
CA CYS D 65 16.49 13.10 -44.31
C CYS D 65 16.06 12.11 -43.24
N GLY D 66 15.11 12.53 -42.40
CA GLY D 66 14.53 11.59 -41.45
C GLY D 66 13.68 10.58 -42.20
N SER D 67 13.72 9.33 -41.74
CA SER D 67 13.06 8.26 -42.48
C SER D 67 12.81 7.08 -41.55
N CYS D 68 12.10 6.08 -42.09
CA CYS D 68 11.88 4.81 -41.43
C CYS D 68 12.08 3.69 -42.44
N PHE D 69 12.28 2.49 -41.92
CA PHE D 69 12.35 1.30 -42.75
C PHE D 69 11.79 0.13 -41.96
N GLU D 70 11.36 -0.90 -42.68
CA GLU D 70 10.70 -2.03 -42.04
C GLU D 70 11.65 -2.72 -41.06
N ARG D 71 11.12 -3.08 -39.88
CA ARG D 71 11.94 -3.75 -38.87
C ARG D 71 12.49 -5.08 -39.37
N ALA D 72 11.72 -5.78 -40.20
CA ALA D 72 12.11 -7.09 -40.69
C ALA D 72 13.39 -7.05 -41.52
N ALA D 73 13.85 -5.86 -41.90
CA ALA D 73 15.09 -5.74 -42.66
C ALA D 73 16.33 -6.03 -41.82
N LEU D 74 16.20 -6.03 -40.50
CA LEU D 74 17.35 -6.29 -39.64
C LEU D 74 17.83 -7.73 -39.81
N PRO D 75 19.16 -7.95 -39.76
CA PRO D 75 19.69 -9.32 -39.90
C PRO D 75 19.52 -10.13 -38.62
N SER D 76 19.72 -9.49 -37.47
CA SER D 76 19.73 -10.18 -36.19
C SER D 76 18.35 -10.05 -35.55
N LYS D 77 17.72 -11.20 -35.29
CA LYS D 77 16.40 -11.28 -34.67
C LYS D 77 16.42 -11.02 -33.17
N SER D 78 17.57 -11.22 -32.52
CA SER D 78 17.68 -10.94 -31.09
C SER D 78 17.36 -9.47 -30.81
N LYS D 79 18.04 -8.57 -31.52
CA LYS D 79 17.78 -7.15 -31.40
C LYS D 79 16.39 -6.78 -31.93
N GLN D 80 15.81 -7.60 -32.80
CA GLN D 80 14.48 -7.33 -33.31
C GLN D 80 13.42 -7.56 -32.23
N LYS D 81 13.59 -8.59 -31.41
CA LYS D 81 12.65 -8.83 -30.33
C LYS D 81 12.66 -7.73 -29.28
N LYS D 82 13.66 -6.84 -29.32
CA LYS D 82 13.77 -5.72 -28.39
C LYS D 82 12.97 -4.49 -28.82
N ILE D 83 12.73 -4.32 -30.11
CA ILE D 83 12.11 -3.11 -30.65
C ILE D 83 10.65 -3.41 -30.93
N PRO D 84 9.70 -2.68 -30.32
CA PRO D 84 8.29 -3.06 -30.41
C PRO D 84 7.52 -2.46 -31.58
N TYR D 85 8.21 -1.92 -32.59
CA TYR D 85 7.50 -1.25 -33.66
C TYR D 85 7.92 -1.79 -35.02
N LYS D 86 6.96 -1.81 -35.95
CA LYS D 86 7.21 -2.39 -37.28
C LYS D 86 8.17 -1.54 -38.08
N ASN D 87 8.06 -0.22 -37.95
CA ASN D 87 8.94 0.72 -38.62
C ASN D 87 9.98 1.22 -37.62
N ILE D 88 11.20 1.45 -38.09
CA ILE D 88 12.33 1.82 -37.25
C ILE D 88 12.76 3.22 -37.64
N PRO D 89 12.85 4.16 -36.69
CA PRO D 89 13.32 5.51 -37.04
C PRO D 89 14.75 5.46 -37.55
N SER D 90 14.97 6.13 -38.68
CA SER D 90 16.25 6.13 -39.34
C SER D 90 16.53 7.54 -39.86
N VAL D 91 17.78 7.77 -40.27
CA VAL D 91 18.14 8.99 -40.99
C VAL D 91 18.75 8.55 -42.31
N THR D 92 18.09 8.88 -43.42
CA THR D 92 18.54 8.46 -44.74
C THR D 92 19.61 9.41 -45.26
N LEU D 93 20.75 8.85 -45.63
CA LEU D 93 21.79 9.55 -46.36
C LEU D 93 21.41 9.56 -47.85
N GLY D 94 20.70 10.61 -48.26
CA GLY D 94 20.15 10.65 -49.60
C GLY D 94 21.23 10.62 -50.67
N ARG D 95 22.20 11.51 -50.56
CA ARG D 95 23.24 11.64 -51.57
C ARG D 95 24.56 12.00 -50.90
N LEU D 96 25.65 11.60 -51.54
CA LEU D 96 27.00 11.82 -51.03
C LEU D 96 27.95 11.91 -52.22
N ALA D 97 28.73 12.99 -52.28
CA ALA D 97 29.67 13.14 -53.38
C ALA D 97 30.88 13.91 -52.91
N ILE D 98 32.03 13.61 -53.54
CA ILE D 98 33.30 14.26 -53.25
C ILE D 98 33.94 14.65 -54.58
N ASP D 99 34.57 15.82 -54.62
CA ASP D 99 35.32 16.22 -55.81
C ASP D 99 36.42 15.21 -56.11
N ARG D 100 36.72 15.03 -57.40
CA ARG D 100 37.76 14.09 -57.79
C ARG D 100 39.14 14.51 -57.28
N SER D 101 39.39 15.83 -57.18
CA SER D 101 40.69 16.31 -56.73
C SER D 101 41.06 15.81 -55.35
N LEU D 102 40.09 15.28 -54.60
CA LEU D 102 40.32 14.82 -53.23
C LEU D 102 40.08 13.32 -53.06
N GLN D 103 39.71 12.61 -54.12
CA GLN D 103 39.48 11.18 -54.00
C GLN D 103 40.78 10.46 -53.63
N GLY D 104 40.65 9.40 -52.84
CA GLY D 104 41.82 8.72 -52.32
C GLY D 104 42.50 9.44 -51.18
N GLN D 105 41.82 10.38 -50.52
CA GLN D 105 42.36 11.10 -49.37
C GLN D 105 41.47 10.97 -48.14
N GLY D 106 40.49 10.05 -48.16
CA GLY D 106 39.67 9.77 -47.01
C GLY D 106 38.48 10.68 -46.77
N TRP D 107 38.23 11.65 -47.65
CA TRP D 107 37.08 12.53 -47.45
C TRP D 107 35.75 11.78 -47.53
N ASP D 108 35.69 10.70 -48.30
CA ASP D 108 34.49 9.86 -48.30
C ASP D 108 34.17 9.37 -46.89
N ALA D 109 35.13 8.69 -46.27
CA ALA D 109 34.94 8.18 -44.91
C ALA D 109 34.80 9.31 -43.89
N THR D 110 35.53 10.41 -44.09
CA THR D 110 35.41 11.55 -43.17
C THR D 110 33.99 12.10 -43.16
N LEU D 111 33.40 12.26 -44.35
CA LEU D 111 32.01 12.74 -44.41
C LEU D 111 31.04 11.72 -43.82
N VAL D 112 31.22 10.44 -44.12
CA VAL D 112 30.38 9.41 -43.51
C VAL D 112 30.47 9.49 -41.98
N ALA D 113 31.66 9.80 -41.47
CA ALA D 113 31.85 9.88 -40.02
C ALA D 113 31.15 11.12 -39.44
N HIS D 114 31.23 12.24 -40.15
CA HIS D 114 30.46 13.41 -39.73
C HIS D 114 28.96 13.11 -39.70
N ALA D 115 28.48 12.37 -40.70
CA ALA D 115 27.06 12.00 -40.74
C ALA D 115 26.70 11.11 -39.56
N MET D 116 27.56 10.16 -39.22
CA MET D 116 27.31 9.29 -38.06
C MET D 116 27.28 10.09 -36.77
N ASN D 117 28.22 11.05 -36.63
CA ASN D 117 28.22 11.91 -35.45
C ASN D 117 26.92 12.69 -35.33
N VAL D 118 26.43 13.25 -36.44
CA VAL D 118 25.19 14.03 -36.38
C VAL D 118 24.01 13.13 -36.03
N VAL D 119 23.95 11.93 -36.61
CA VAL D 119 22.87 11.01 -36.28
C VAL D 119 22.95 10.59 -34.81
N TRP D 120 24.17 10.48 -34.26
CA TRP D 120 24.35 10.19 -32.85
C TRP D 120 23.81 11.31 -31.97
N SER D 121 24.19 12.55 -32.30
CA SER D 121 23.72 13.71 -31.56
C SER D 121 22.19 13.84 -31.63
N ALA D 122 21.57 13.39 -32.72
CA ALA D 122 20.13 13.46 -32.83
C ALA D 122 19.44 12.32 -32.09
N SER D 123 19.97 11.10 -32.20
CA SER D 123 19.43 9.97 -31.48
C SER D 123 19.45 10.18 -29.98
N LEU D 124 20.46 10.93 -29.49
CA LEU D 124 20.45 11.30 -28.07
C LEU D 124 19.24 12.15 -27.67
N ALA D 125 18.50 12.70 -28.64
CA ALA D 125 17.41 13.63 -28.37
C ALA D 125 16.04 13.07 -28.73
N VAL D 126 15.97 12.41 -29.89
CA VAL D 126 14.76 11.71 -30.36
C VAL D 126 14.89 10.16 -30.51
N GLY D 127 16.03 9.62 -30.14
CA GLY D 127 16.22 8.19 -30.19
C GLY D 127 16.09 7.48 -31.52
N ILE D 128 16.64 8.05 -32.57
CA ILE D 128 16.73 7.34 -33.84
C ILE D 128 17.71 6.19 -33.76
N HIS D 129 17.37 5.06 -34.38
CA HIS D 129 18.22 3.88 -34.26
C HIS D 129 19.50 3.98 -35.09
N GLY D 130 19.52 4.84 -36.11
CA GLY D 130 20.78 4.95 -36.82
C GLY D 130 20.60 5.45 -38.24
N LEU D 131 21.54 5.04 -39.07
CA LEU D 131 21.75 5.61 -40.40
C LEU D 131 21.29 4.64 -41.47
N PHE D 132 20.41 5.11 -42.35
CA PHE D 132 19.94 4.43 -43.53
C PHE D 132 20.73 4.96 -44.71
N VAL D 133 21.16 4.09 -45.62
CA VAL D 133 21.77 4.53 -46.86
C VAL D 133 21.35 3.57 -47.97
N GLU D 134 21.00 4.13 -49.12
CA GLU D 134 20.58 3.34 -50.28
C GLU D 134 21.74 3.43 -51.26
N ALA D 135 22.57 2.39 -51.28
CA ALA D 135 23.79 2.41 -52.08
C ALA D 135 23.50 1.75 -53.42
N LEU D 136 23.47 2.57 -54.46
CA LEU D 136 23.29 2.04 -55.81
C LEU D 136 24.60 1.48 -56.36
N ASN D 137 25.68 2.24 -56.24
CA ASN D 137 27.00 1.76 -56.63
C ASN D 137 27.36 0.52 -55.82
N GLU D 138 28.02 -0.45 -56.48
CA GLU D 138 28.46 -1.64 -55.75
C GLU D 138 29.76 -1.37 -54.99
N LYS D 139 30.70 -0.66 -55.62
CA LYS D 139 31.92 -0.25 -54.92
C LYS D 139 31.60 0.57 -53.68
N ALA D 140 30.60 1.45 -53.79
CA ALA D 140 30.17 2.21 -52.61
C ALA D 140 29.57 1.29 -51.55
N HIS D 141 28.82 0.27 -51.97
CA HIS D 141 28.30 -0.71 -51.01
C HIS D 141 29.45 -1.35 -50.22
N THR D 142 30.52 -1.74 -50.93
CA THR D 142 31.68 -2.31 -50.27
C THR D 142 32.34 -1.28 -49.36
N PHE D 143 32.40 -0.02 -49.80
CA PHE D 143 32.99 1.05 -49.00
C PHE D 143 32.24 1.25 -47.69
N TYR D 144 30.90 1.18 -47.74
CA TYR D 144 30.12 1.34 -46.51
C TYR D 144 30.26 0.14 -45.59
N LYS D 145 30.24 -1.09 -46.15
CA LYS D 145 30.52 -2.23 -45.28
C LYS D 145 31.92 -2.14 -44.70
N SER D 146 32.83 -1.44 -45.38
CA SER D 146 34.19 -1.24 -44.88
C SER D 146 34.19 -0.40 -43.61
N LEU D 147 33.34 0.62 -43.55
CA LEU D 147 33.15 1.40 -42.33
C LEU D 147 32.28 0.67 -41.30
N GLY D 148 31.78 -0.51 -41.63
CA GLY D 148 31.02 -1.31 -40.72
C GLY D 148 29.51 -1.20 -40.86
N PHE D 149 29.02 -0.78 -42.03
CA PHE D 149 27.59 -0.70 -42.25
C PHE D 149 27.00 -2.10 -42.34
N ILE D 150 25.94 -2.34 -41.59
CA ILE D 150 25.27 -3.65 -41.66
C ILE D 150 24.49 -3.72 -42.97
N PRO D 151 24.66 -4.76 -43.79
CA PRO D 151 23.85 -4.87 -45.00
C PRO D 151 22.40 -5.15 -44.64
N LEU D 152 21.50 -4.42 -45.30
CA LEU D 152 20.06 -4.57 -45.08
C LEU D 152 19.46 -5.56 -46.07
N VAL D 153 18.78 -6.57 -45.56
CA VAL D 153 18.10 -7.58 -46.37
C VAL D 153 16.61 -7.36 -46.15
N GLY D 154 15.92 -6.90 -47.19
CA GLY D 154 14.49 -6.63 -47.10
C GLY D 154 13.86 -6.37 -48.44
N GLU D 155 12.97 -5.38 -48.53
CA GLU D 155 12.46 -4.97 -49.83
C GLU D 155 13.57 -4.44 -50.72
N ASN D 156 14.59 -3.82 -50.13
CA ASN D 156 15.77 -3.38 -50.87
C ASN D 156 16.89 -4.39 -50.62
N GLU D 157 17.70 -4.63 -51.64
CA GLU D 157 18.85 -5.51 -51.53
C GLU D 157 20.17 -4.78 -51.63
N ASN D 158 20.15 -3.45 -51.73
CA ASN D 158 21.34 -2.64 -51.93
C ASN D 158 21.51 -1.58 -50.85
N ALA D 159 20.63 -1.50 -49.88
CA ALA D 159 20.72 -0.52 -48.80
C ALA D 159 21.52 -1.09 -47.63
N LEU D 160 22.16 -0.19 -46.90
CA LEU D 160 22.95 -0.54 -45.73
C LEU D 160 22.52 0.32 -44.54
N PHE D 161 22.79 -0.20 -43.35
CA PHE D 161 22.38 0.41 -42.11
C PHE D 161 23.58 0.54 -41.18
N PHE D 162 23.52 1.54 -40.32
CA PHE D 162 24.54 1.63 -39.29
C PHE D 162 23.88 1.96 -37.96
N PRO D 163 24.05 1.10 -36.96
CA PRO D 163 23.38 1.29 -35.68
C PRO D 163 24.09 2.28 -34.77
N THR D 164 23.33 2.80 -33.81
CA THR D 164 23.89 3.64 -32.76
C THR D 164 24.80 2.83 -31.85
N LYS D 165 24.52 1.53 -31.72
CA LYS D 165 25.25 0.66 -30.79
C LYS D 165 26.74 0.66 -31.10
N SER D 166 27.12 0.70 -32.38
CA SER D 166 28.54 0.76 -32.72
C SER D 166 29.18 2.02 -32.14
N ILE D 167 28.47 3.15 -32.17
CA ILE D 167 28.97 4.38 -31.58
C ILE D 167 29.04 4.23 -30.05
N GLU D 168 28.06 3.56 -29.44
CA GLU D 168 28.14 3.26 -28.02
C GLU D 168 29.44 2.50 -27.72
N LEU D 169 29.77 1.53 -28.55
CA LEU D 169 30.98 0.75 -28.35
C LEU D 169 32.21 1.63 -28.50
N LEU D 170 32.17 2.59 -29.44
CA LEU D 170 33.31 3.46 -29.66
C LEU D 170 33.55 4.40 -28.49
N PHE D 171 32.48 4.87 -27.85
CA PHE D 171 32.55 5.80 -26.73
C PHE D 171 32.61 5.10 -25.37
N THR D 172 32.75 3.78 -25.34
CA THR D 172 32.90 2.99 -24.12
C THR D 172 31.64 3.09 -23.25
N THR E 5 -56.48 -19.77 31.38
CA THR E 5 -55.59 -18.78 30.81
C THR E 5 -54.58 -19.44 29.86
N ILE E 6 -53.99 -18.62 28.99
CA ILE E 6 -52.92 -19.03 28.09
C ILE E 6 -51.61 -18.70 28.78
N GLU E 7 -50.62 -19.60 28.67
CA GLU E 7 -49.37 -19.36 29.37
C GLU E 7 -48.17 -19.90 28.61
N ILE E 8 -47.04 -19.20 28.79
CA ILE E 8 -45.76 -19.70 28.31
C ILE E 8 -45.35 -20.90 29.15
N LEU E 9 -44.52 -21.75 28.57
CA LEU E 9 -43.99 -22.89 29.33
C LEU E 9 -43.00 -22.40 30.38
N THR E 10 -43.23 -22.77 31.63
CA THR E 10 -42.28 -22.48 32.69
C THR E 10 -41.13 -23.48 32.65
N ASP E 11 -40.17 -23.31 33.54
CA ASP E 11 -39.14 -24.34 33.71
C ASP E 11 -39.72 -25.55 34.42
N ASP E 12 -40.46 -25.32 35.50
CA ASP E 12 -41.18 -26.36 36.23
C ASP E 12 -42.52 -26.59 35.56
N ALA E 13 -42.73 -27.78 34.99
CA ALA E 13 -43.89 -28.03 34.15
C ALA E 13 -45.18 -28.03 34.96
N ASP E 14 -45.33 -29.01 35.87
CA ASP E 14 -46.55 -29.19 36.65
C ASP E 14 -47.78 -29.29 35.74
N TYR E 15 -47.65 -30.04 34.65
CA TYR E 15 -48.71 -30.21 33.67
C TYR E 15 -49.27 -31.63 33.66
N ASP E 16 -50.53 -31.73 33.25
CA ASP E 16 -51.20 -32.98 32.95
C ASP E 16 -51.33 -33.07 31.44
N LEU E 17 -50.62 -34.02 30.82
CA LEU E 17 -50.40 -34.00 29.39
C LEU E 17 -51.22 -35.00 28.59
N GLN E 18 -51.76 -36.04 29.22
CA GLN E 18 -52.34 -37.15 28.47
C GLN E 18 -53.71 -36.81 27.86
N ARG E 19 -54.53 -36.06 28.58
CA ARG E 19 -55.92 -35.83 28.19
C ARG E 19 -56.07 -35.09 26.86
N PHE E 20 -55.00 -34.54 26.31
CA PHE E 20 -55.07 -33.94 24.98
C PHE E 20 -55.20 -35.00 23.89
N ASP E 21 -56.02 -34.69 22.89
CA ASP E 21 -56.11 -35.54 21.70
C ASP E 21 -56.67 -34.71 20.56
N CYS E 22 -55.84 -34.41 19.56
CA CYS E 22 -56.30 -33.79 18.32
C CYS E 22 -56.68 -34.90 17.34
N GLY E 23 -56.90 -34.55 16.08
CA GLY E 23 -57.25 -35.56 15.09
C GLY E 23 -56.16 -36.57 14.83
N GLU E 24 -55.00 -36.11 14.38
CA GLU E 24 -53.89 -36.99 14.00
C GLU E 24 -52.99 -37.28 15.18
N GLU E 25 -52.44 -38.50 15.19
CA GLU E 25 -51.53 -38.91 16.26
C GLU E 25 -50.30 -38.02 16.32
N ALA E 26 -49.68 -37.75 15.16
CA ALA E 26 -48.37 -37.11 15.11
C ALA E 26 -48.30 -35.82 15.93
N LEU E 27 -49.35 -35.00 15.90
CA LEU E 27 -49.33 -33.76 16.65
C LEU E 27 -49.45 -34.01 18.15
N ASN E 28 -50.31 -34.98 18.52
CA ASN E 28 -50.41 -35.38 19.93
C ASN E 28 -49.06 -35.82 20.45
N LEU E 29 -48.34 -36.61 19.66
CA LEU E 29 -47.04 -37.15 20.08
C LEU E 29 -45.99 -36.04 20.15
N PHE E 30 -45.98 -35.13 19.17
CA PHE E 30 -45.05 -34.00 19.24
C PHE E 30 -45.27 -33.20 20.50
N LEU E 31 -46.53 -32.99 20.89
CA LEU E 31 -46.79 -32.30 22.15
C LEU E 31 -46.24 -33.10 23.33
N THR E 32 -46.63 -34.38 23.42
CA THR E 32 -46.30 -35.18 24.59
C THR E 32 -44.82 -35.47 24.77
N THR E 33 -44.00 -35.39 23.71
CA THR E 33 -42.67 -36.00 23.75
C THR E 33 -41.52 -35.01 23.85
N HIS E 34 -41.37 -34.09 22.89
CA HIS E 34 -40.16 -33.30 22.74
C HIS E 34 -40.26 -31.86 23.27
N LEU E 35 -41.46 -31.39 23.58
CA LEU E 35 -41.67 -29.95 23.74
C LEU E 35 -40.84 -29.37 24.89
N VAL E 36 -40.79 -30.07 26.03
CA VAL E 36 -40.11 -29.55 27.22
C VAL E 36 -38.63 -29.33 26.93
N ARG E 37 -37.96 -30.32 26.36
CA ARG E 37 -36.52 -30.22 26.16
C ARG E 37 -36.19 -29.15 25.12
N GLN E 38 -36.99 -29.05 24.06
CA GLN E 38 -36.79 -27.99 23.08
C GLN E 38 -37.00 -26.62 23.70
N HIS E 39 -37.90 -26.53 24.67
CA HIS E 39 -38.05 -25.27 25.40
C HIS E 39 -36.79 -24.95 26.19
N ARG E 40 -36.32 -25.88 27.03
CA ARG E 40 -35.08 -25.59 27.74
C ARG E 40 -33.87 -25.55 26.81
N ASN E 41 -33.90 -26.31 25.71
CA ASN E 41 -32.82 -26.18 24.75
C ASN E 41 -32.98 -24.95 23.86
N LYS E 42 -34.04 -24.16 24.08
CA LYS E 42 -34.26 -22.86 23.44
C LYS E 42 -34.27 -22.94 21.91
N ILE E 43 -34.74 -24.05 21.35
CA ILE E 43 -34.99 -24.06 19.91
C ILE E 43 -36.28 -23.31 19.59
N LEU E 44 -37.29 -23.44 20.44
CA LEU E 44 -38.54 -22.73 20.26
C LEU E 44 -39.11 -22.37 21.63
N ARG E 45 -40.15 -21.55 21.60
CA ARG E 45 -40.96 -21.26 22.79
C ARG E 45 -42.35 -21.80 22.53
N ALA E 46 -42.88 -22.55 23.49
CA ALA E 46 -44.19 -23.16 23.37
C ALA E 46 -45.16 -22.38 24.26
N TYR E 47 -46.31 -22.01 23.70
CA TYR E 47 -47.38 -21.42 24.48
C TYR E 47 -48.57 -22.37 24.47
N ILE E 48 -49.19 -22.50 25.64
CA ILE E 48 -50.16 -23.56 25.90
C ILE E 48 -51.48 -22.93 26.36
N LEU E 49 -52.58 -23.42 25.79
CA LEU E 49 -53.92 -23.10 26.25
C LEU E 49 -54.33 -24.23 27.19
N CYS E 50 -54.32 -23.92 28.48
CA CYS E 50 -54.62 -24.82 29.58
C CYS E 50 -55.72 -24.18 30.41
N ARG E 51 -56.30 -24.97 31.32
CA ARG E 51 -57.39 -24.45 32.14
C ARG E 51 -56.90 -23.56 33.28
N ASN E 52 -55.60 -23.30 33.35
CA ASN E 52 -54.95 -22.53 34.43
C ASN E 52 -55.25 -23.10 35.80
N THR E 53 -55.63 -24.37 35.87
CA THR E 53 -55.91 -25.04 37.13
C THR E 53 -54.59 -25.50 37.73
N PRO E 54 -54.59 -25.91 39.01
CA PRO E 54 -53.39 -26.55 39.55
C PRO E 54 -52.91 -27.71 38.69
N GLU E 55 -53.85 -28.49 38.14
CA GLU E 55 -53.51 -29.56 37.22
C GLU E 55 -52.98 -29.04 35.89
N ARG E 56 -53.29 -27.79 35.54
CA ARG E 56 -52.93 -27.21 34.25
C ARG E 56 -53.44 -28.08 33.11
N GLN E 57 -54.75 -28.32 33.13
CA GLN E 57 -55.37 -29.17 32.12
C GLN E 57 -55.16 -28.57 30.73
N VAL E 58 -54.42 -29.29 29.88
CA VAL E 58 -54.01 -28.80 28.57
C VAL E 58 -55.01 -29.23 27.50
N LEU E 59 -55.46 -28.28 26.69
CA LEU E 59 -56.35 -28.54 25.56
C LEU E 59 -55.87 -27.91 24.25
N GLY E 60 -54.85 -27.06 24.26
CA GLY E 60 -54.29 -26.58 23.01
C GLY E 60 -52.86 -26.11 23.18
N TYR E 61 -52.14 -26.01 22.07
CA TYR E 61 -50.77 -25.54 22.15
C TYR E 61 -50.25 -25.11 20.78
N TYR E 62 -49.20 -24.30 20.81
CA TYR E 62 -48.47 -23.93 19.60
C TYR E 62 -47.01 -23.62 19.93
N THR E 63 -46.17 -23.70 18.89
CA THR E 63 -44.73 -23.51 19.01
C THR E 63 -44.27 -22.37 18.11
N LEU E 64 -43.40 -21.50 18.62
CA LEU E 64 -42.85 -20.39 17.86
C LEU E 64 -41.32 -20.43 17.88
N CYS E 65 -40.70 -20.22 16.71
CA CYS E 65 -39.24 -20.17 16.63
C CYS E 65 -38.82 -19.28 15.49
N GLY E 66 -37.81 -18.43 15.74
CA GLY E 66 -37.29 -17.59 14.68
C GLY E 66 -36.75 -18.43 13.53
N SER E 67 -36.91 -17.92 12.31
CA SER E 67 -36.60 -18.76 11.15
C SER E 67 -36.34 -17.90 9.92
N CYS E 68 -35.96 -18.58 8.83
CA CYS E 68 -35.79 -17.99 7.52
C CYS E 68 -36.50 -18.86 6.48
N PHE E 69 -36.84 -18.22 5.37
CA PHE E 69 -37.42 -18.91 4.22
C PHE E 69 -37.01 -18.16 2.96
N GLU E 70 -37.05 -18.88 1.84
CA GLU E 70 -36.63 -18.32 0.57
C GLU E 70 -37.52 -17.14 0.18
N ARG E 71 -36.89 -16.05 -0.24
CA ARG E 71 -37.64 -14.88 -0.70
C ARG E 71 -38.43 -15.20 -1.96
N ALA E 72 -37.88 -16.06 -2.82
CA ALA E 72 -38.53 -16.42 -4.08
C ALA E 72 -39.86 -17.13 -3.87
N ALA E 73 -40.18 -17.55 -2.64
CA ALA E 73 -41.47 -18.18 -2.39
C ALA E 73 -42.62 -17.19 -2.45
N LEU E 74 -42.34 -15.90 -2.34
CA LEU E 74 -43.39 -14.90 -2.44
C LEU E 74 -43.92 -14.86 -3.87
N PRO E 75 -45.22 -14.65 -4.07
CA PRO E 75 -45.78 -14.65 -5.43
C PRO E 75 -45.50 -13.38 -6.22
N SER E 76 -45.57 -12.23 -5.55
CA SER E 76 -45.51 -10.93 -6.17
C SER E 76 -44.12 -10.31 -6.07
N LYS E 77 -43.61 -9.79 -7.19
CA LYS E 77 -42.33 -9.09 -7.18
C LYS E 77 -42.38 -7.84 -6.30
N SER E 78 -43.57 -7.28 -6.09
CA SER E 78 -43.72 -6.12 -5.21
C SER E 78 -43.26 -6.46 -3.80
N LYS E 79 -43.77 -7.58 -3.25
CA LYS E 79 -43.39 -8.00 -1.91
C LYS E 79 -41.91 -8.38 -1.84
N GLN E 80 -41.32 -8.79 -2.97
CA GLN E 80 -39.90 -9.14 -3.02
C GLN E 80 -39.00 -7.92 -3.02
N LYS E 81 -39.40 -6.86 -3.73
CA LYS E 81 -38.54 -5.71 -3.96
C LYS E 81 -38.16 -4.94 -2.69
N LYS E 82 -38.81 -5.20 -1.56
CA LYS E 82 -38.42 -4.54 -0.31
C LYS E 82 -37.29 -5.26 0.41
N ILE E 83 -37.19 -6.57 0.26
CA ILE E 83 -36.21 -7.38 0.99
C ILE E 83 -35.09 -7.76 0.02
N PRO E 84 -33.84 -7.42 0.31
CA PRO E 84 -32.76 -7.59 -0.68
C PRO E 84 -32.01 -8.92 -0.62
N TYR E 85 -32.50 -9.91 0.10
CA TYR E 85 -31.78 -11.18 0.25
C TYR E 85 -32.73 -12.36 0.04
N LYS E 86 -32.14 -13.48 -0.37
CA LYS E 86 -32.94 -14.67 -0.69
C LYS E 86 -33.71 -15.17 0.53
N ASN E 87 -33.18 -14.98 1.73
CA ASN E 87 -33.87 -15.38 2.94
C ASN E 87 -34.57 -14.17 3.56
N ILE E 88 -35.72 -14.43 4.15
CA ILE E 88 -36.57 -13.39 4.74
C ILE E 88 -36.68 -13.65 6.23
N PRO E 89 -36.44 -12.67 7.08
CA PRO E 89 -36.61 -12.88 8.53
C PRO E 89 -38.06 -13.24 8.85
N SER E 90 -38.24 -14.34 9.59
CA SER E 90 -39.58 -14.81 9.88
C SER E 90 -39.62 -15.41 11.29
N VAL E 91 -40.84 -15.67 11.76
CA VAL E 91 -41.07 -16.48 12.94
C VAL E 91 -41.99 -17.62 12.50
N THR E 92 -41.47 -18.84 12.56
CA THR E 92 -42.24 -20.02 12.18
C THR E 92 -43.08 -20.48 13.36
N LEU E 93 -44.39 -20.58 13.11
CA LEU E 93 -45.35 -21.26 13.96
C LEU E 93 -45.18 -22.73 13.63
N GLY E 94 -44.30 -23.40 14.39
CA GLY E 94 -43.92 -24.76 14.03
C GLY E 94 -45.10 -25.69 13.99
N ARG E 95 -45.85 -25.74 15.08
CA ARG E 95 -46.98 -26.65 15.17
C ARG E 95 -48.06 -25.99 15.99
N LEU E 96 -49.31 -26.37 15.72
CA LEU E 96 -50.47 -25.77 16.39
C LEU E 96 -51.59 -26.81 16.42
N ALA E 97 -52.14 -27.06 17.60
CA ALA E 97 -53.20 -28.04 17.72
C ALA E 97 -54.17 -27.64 18.82
N ILE E 98 -55.44 -28.03 18.62
CA ILE E 98 -56.52 -27.78 19.56
C ILE E 98 -57.30 -29.08 19.77
N ASP E 99 -57.67 -29.36 21.02
CA ASP E 99 -58.51 -30.50 21.34
C ASP E 99 -59.87 -30.38 20.65
N ARG E 100 -60.47 -31.53 20.33
CA ARG E 100 -61.80 -31.51 19.71
C ARG E 100 -62.84 -30.89 20.62
N SER E 101 -62.68 -31.05 21.94
CA SER E 101 -63.66 -30.51 22.88
C SER E 101 -63.82 -29.00 22.75
N LEU E 102 -62.87 -28.33 22.11
CA LEU E 102 -62.93 -26.90 21.93
C LEU E 102 -62.99 -26.46 20.48
N GLN E 103 -62.85 -27.38 19.52
CA GLN E 103 -63.00 -27.00 18.13
C GLN E 103 -64.45 -26.62 17.84
N GLY E 104 -64.61 -25.67 16.92
CA GLY E 104 -65.92 -25.10 16.66
C GLY E 104 -66.33 -24.08 17.70
N GLN E 105 -65.37 -23.57 18.49
CA GLN E 105 -65.62 -22.49 19.43
C GLN E 105 -64.67 -21.32 19.22
N GLY E 106 -63.89 -21.34 18.14
CA GLY E 106 -63.02 -20.22 17.82
C GLY E 106 -61.73 -20.18 18.61
N TRP E 107 -61.49 -21.15 19.51
CA TRP E 107 -60.28 -21.16 20.31
C TRP E 107 -59.03 -21.31 19.46
N ASP E 108 -59.15 -21.92 18.28
CA ASP E 108 -58.04 -21.95 17.33
C ASP E 108 -57.57 -20.53 17.05
N ALA E 109 -58.50 -19.67 16.64
CA ALA E 109 -58.19 -18.27 16.36
C ALA E 109 -57.76 -17.55 17.63
N THR E 110 -58.31 -17.91 18.79
CA THR E 110 -57.89 -17.29 20.04
C THR E 110 -56.41 -17.53 20.32
N LEU E 111 -55.95 -18.77 20.13
CA LEU E 111 -54.54 -19.06 20.32
C LEU E 111 -53.68 -18.37 19.29
N VAL E 112 -54.12 -18.40 18.03
CA VAL E 112 -53.39 -17.68 16.98
C VAL E 112 -53.32 -16.20 17.31
N ALA E 113 -54.35 -15.66 17.96
CA ALA E 113 -54.38 -14.23 18.30
C ALA E 113 -53.42 -13.90 19.43
N HIS E 114 -53.37 -14.74 20.48
CA HIS E 114 -52.36 -14.53 21.51
C HIS E 114 -50.96 -14.61 20.91
N ALA E 115 -50.74 -15.57 20.00
CA ALA E 115 -49.45 -15.70 19.35
C ALA E 115 -49.13 -14.46 18.52
N MET E 116 -50.12 -13.93 17.80
CA MET E 116 -49.91 -12.73 16.99
C MET E 116 -49.59 -11.53 17.86
N ASN E 117 -50.29 -11.37 18.99
CA ASN E 117 -49.98 -10.28 19.90
C ASN E 117 -48.54 -10.37 20.40
N VAL E 118 -48.11 -11.58 20.77
CA VAL E 118 -46.74 -11.75 21.25
C VAL E 118 -45.73 -11.47 20.14
N VAL E 119 -46.02 -11.95 18.92
CA VAL E 119 -45.12 -11.72 17.79
C VAL E 119 -45.06 -10.23 17.46
N TRP E 120 -46.16 -9.51 17.66
CA TRP E 120 -46.18 -8.06 17.48
C TRP E 120 -45.30 -7.37 18.53
N SER E 121 -45.47 -7.75 19.80
CA SER E 121 -44.64 -7.19 20.86
C SER E 121 -43.17 -7.48 20.63
N ALA E 122 -42.85 -8.60 19.97
CA ALA E 122 -41.47 -8.91 19.67
C ALA E 122 -40.97 -8.15 18.43
N SER E 123 -41.80 -8.05 17.40
CA SER E 123 -41.44 -7.31 16.19
C SER E 123 -41.13 -5.85 16.52
N LEU E 124 -41.79 -5.30 17.54
CA LEU E 124 -41.41 -3.98 18.03
C LEU E 124 -39.96 -3.94 18.55
N ALA E 125 -39.33 -5.10 18.77
CA ALA E 125 -38.01 -5.18 19.36
C ALA E 125 -36.94 -5.71 18.43
N VAL E 126 -37.22 -6.74 17.64
CA VAL E 126 -36.27 -7.04 16.60
C VAL E 126 -36.72 -7.87 15.39
N GLY E 127 -36.38 -7.41 14.19
CA GLY E 127 -36.35 -8.22 12.99
C GLY E 127 -37.51 -9.06 12.49
N ILE E 128 -38.73 -8.56 12.52
CA ILE E 128 -39.86 -9.39 12.09
C ILE E 128 -40.77 -8.83 11.01
N HIS E 129 -41.00 -9.60 9.95
CA HIS E 129 -41.99 -9.18 8.96
C HIS E 129 -43.36 -9.79 9.22
N GLY E 130 -43.42 -10.89 9.97
CA GLY E 130 -44.69 -11.47 10.33
C GLY E 130 -44.53 -12.96 10.62
N LEU E 131 -45.63 -13.68 10.46
CA LEU E 131 -45.73 -15.06 10.91
C LEU E 131 -45.73 -16.00 9.70
N PHE E 132 -44.76 -16.92 9.68
CA PHE E 132 -44.68 -18.00 8.71
C PHE E 132 -45.18 -19.26 9.40
N VAL E 133 -45.99 -20.07 8.71
CA VAL E 133 -46.42 -21.33 9.31
C VAL E 133 -46.56 -22.38 8.20
N GLU E 134 -46.06 -23.58 8.45
CA GLU E 134 -46.06 -24.66 7.46
C GLU E 134 -47.09 -25.71 7.87
N ALA E 135 -48.29 -25.61 7.29
CA ALA E 135 -49.41 -26.49 7.61
C ALA E 135 -49.57 -27.55 6.53
N LEU E 136 -49.27 -28.81 6.88
CA LEU E 136 -49.55 -29.92 5.97
C LEU E 136 -51.01 -30.34 6.03
N ASN E 137 -51.58 -30.41 7.24
CA ASN E 137 -52.99 -30.76 7.40
C ASN E 137 -53.87 -29.87 6.53
N GLU E 138 -54.93 -30.45 5.99
CA GLU E 138 -55.87 -29.68 5.19
C GLU E 138 -56.79 -28.86 6.08
N LYS E 139 -57.23 -29.43 7.20
CA LYS E 139 -58.05 -28.69 8.16
C LYS E 139 -57.33 -27.44 8.65
N ALA E 140 -56.04 -27.59 9.00
CA ALA E 140 -55.26 -26.44 9.45
C ALA E 140 -55.03 -25.44 8.32
N HIS E 141 -54.73 -25.93 7.11
CA HIS E 141 -54.54 -25.03 5.97
C HIS E 141 -55.79 -24.20 5.71
N THR E 142 -56.96 -24.84 5.72
CA THR E 142 -58.20 -24.12 5.49
C THR E 142 -58.50 -23.14 6.62
N PHE E 143 -58.25 -23.53 7.88
CA PHE E 143 -58.47 -22.59 8.97
C PHE E 143 -57.56 -21.36 8.83
N TYR E 144 -56.31 -21.58 8.43
CA TYR E 144 -55.37 -20.47 8.26
C TYR E 144 -55.80 -19.58 7.11
N LYS E 145 -56.21 -20.21 6.00
CA LYS E 145 -56.75 -19.47 4.86
C LYS E 145 -58.00 -18.68 5.25
N SER E 146 -58.76 -19.19 6.22
CA SER E 146 -59.91 -18.46 6.75
C SER E 146 -59.47 -17.23 7.53
N LEU E 147 -58.42 -17.37 8.33
CA LEU E 147 -57.90 -16.19 9.03
C LEU E 147 -57.11 -15.27 8.11
N GLY E 148 -56.90 -15.64 6.86
CA GLY E 148 -56.28 -14.74 5.90
C GLY E 148 -54.79 -14.89 5.69
N PHE E 149 -54.21 -16.05 6.00
CA PHE E 149 -52.79 -16.25 5.78
C PHE E 149 -52.51 -16.32 4.28
N ILE E 150 -51.48 -15.59 3.85
CA ILE E 150 -51.15 -15.51 2.42
C ILE E 150 -50.60 -16.85 1.94
N PRO E 151 -51.15 -17.45 0.89
CA PRO E 151 -50.56 -18.69 0.36
C PRO E 151 -49.21 -18.37 -0.28
N LEU E 152 -48.20 -19.17 0.09
CA LEU E 152 -46.86 -19.04 -0.46
C LEU E 152 -46.70 -20.00 -1.63
N VAL E 153 -46.35 -19.47 -2.80
CA VAL E 153 -46.17 -20.27 -4.00
C VAL E 153 -44.69 -20.25 -4.35
N GLY E 154 -44.02 -21.39 -4.16
CA GLY E 154 -42.61 -21.55 -4.46
C GLY E 154 -42.21 -23.00 -4.29
N GLU E 155 -41.05 -23.23 -3.68
CA GLU E 155 -40.70 -24.58 -3.25
C GLU E 155 -41.71 -25.09 -2.23
N ASN E 156 -42.38 -24.18 -1.53
CA ASN E 156 -43.42 -24.51 -0.57
C ASN E 156 -44.80 -24.41 -1.19
N GLU E 157 -45.64 -25.41 -0.91
CA GLU E 157 -47.05 -25.38 -1.26
C GLU E 157 -47.97 -25.50 -0.05
N ASN E 158 -47.42 -25.61 1.15
CA ASN E 158 -48.24 -25.87 2.33
C ASN E 158 -48.06 -24.84 3.44
N ALA E 159 -47.13 -23.90 3.31
CA ALA E 159 -46.96 -22.85 4.30
C ALA E 159 -47.70 -21.60 3.86
N LEU E 160 -48.15 -20.84 4.84
CA LEU E 160 -48.84 -19.58 4.64
C LEU E 160 -48.22 -18.53 5.55
N PHE E 161 -48.32 -17.27 5.14
CA PHE E 161 -47.66 -16.17 5.82
C PHE E 161 -48.67 -15.06 6.10
N PHE E 162 -48.40 -14.29 7.16
CA PHE E 162 -49.23 -13.13 7.48
C PHE E 162 -48.30 -11.98 7.90
N PRO E 163 -48.36 -10.83 7.24
CA PRO E 163 -47.40 -9.75 7.54
C PRO E 163 -47.72 -8.99 8.82
N THR E 164 -46.68 -8.36 9.36
CA THR E 164 -46.81 -7.59 10.60
C THR E 164 -47.58 -6.28 10.41
N LYS E 165 -47.40 -5.60 9.28
CA LYS E 165 -47.94 -4.25 9.11
C LYS E 165 -49.48 -4.24 9.15
N SER E 166 -50.12 -5.22 8.52
CA SER E 166 -51.57 -5.30 8.59
C SER E 166 -52.03 -5.49 10.03
N ILE E 167 -51.26 -6.27 10.81
CA ILE E 167 -51.58 -6.48 12.22
C ILE E 167 -51.43 -5.17 13.00
N GLU E 168 -50.39 -4.38 12.68
CA GLU E 168 -50.26 -3.05 13.28
C GLU E 168 -51.51 -2.22 13.01
N LEU E 169 -52.00 -2.28 11.77
CA LEU E 169 -53.20 -1.51 11.42
C LEU E 169 -54.41 -2.00 12.19
N LEU E 170 -54.49 -3.31 12.42
CA LEU E 170 -55.65 -3.93 13.07
C LEU E 170 -55.77 -3.59 14.57
N PHE E 171 -54.67 -3.34 15.27
CA PHE E 171 -54.74 -3.22 16.73
C PHE E 171 -55.16 -1.85 17.25
N THR E 172 -55.58 -0.93 16.40
CA THR E 172 -56.19 0.29 16.92
C THR E 172 -57.71 0.09 17.03
N GLN E 173 -58.35 -0.12 15.89
CA GLN E 173 -59.79 -0.03 15.88
C GLN E 173 -60.13 1.10 16.84
N SER E 174 -59.24 2.08 16.95
CA SER E 174 -59.47 3.26 17.77
C SER E 174 -59.74 2.91 19.21
N ASP E 175 -59.03 1.91 19.74
CA ASP E 175 -59.22 1.57 21.12
C ASP E 175 -60.56 0.86 21.23
N THR F 5 -25.45 8.34 24.88
CA THR F 5 -26.24 7.16 25.23
C THR F 5 -26.45 6.26 24.01
N ILE F 6 -26.76 4.99 24.27
CA ILE F 6 -27.08 4.01 23.24
C ILE F 6 -28.59 3.96 23.11
N GLU F 7 -29.08 3.89 21.88
CA GLU F 7 -30.53 3.90 21.71
C GLU F 7 -30.98 3.11 20.49
N ILE F 8 -32.17 2.52 20.61
CA ILE F 8 -32.84 1.91 19.48
C ILE F 8 -33.27 3.02 18.51
N LEU F 9 -33.46 2.64 17.25
CA LEU F 9 -33.93 3.61 16.27
C LEU F 9 -35.38 3.99 16.56
N THR F 10 -35.62 5.30 16.70
CA THR F 10 -36.96 5.84 16.90
C THR F 10 -37.71 5.87 15.56
N ASP F 11 -38.95 6.35 15.60
CA ASP F 11 -39.70 6.57 14.37
C ASP F 11 -39.14 7.78 13.62
N ASP F 12 -39.01 8.90 14.32
CA ASP F 12 -38.41 10.12 13.81
C ASP F 12 -36.90 10.10 14.08
N ALA F 13 -36.10 10.14 13.01
CA ALA F 13 -34.66 9.91 13.15
C ALA F 13 -33.94 11.01 13.91
N ASP F 14 -33.90 12.23 13.38
CA ASP F 14 -33.16 13.33 13.98
C ASP F 14 -31.70 12.94 14.26
N TYR F 15 -31.08 12.23 13.32
CA TYR F 15 -29.71 11.78 13.46
C TYR F 15 -28.81 12.51 12.47
N ASP F 16 -27.53 12.58 12.81
CA ASP F 16 -26.48 13.10 11.93
C ASP F 16 -25.69 11.89 11.45
N LEU F 17 -25.79 11.58 10.16
CA LEU F 17 -25.30 10.32 9.62
C LEU F 17 -24.03 10.45 8.80
N GLN F 18 -23.67 11.65 8.35
CA GLN F 18 -22.59 11.79 7.37
C GLN F 18 -21.21 11.58 7.99
N ARG F 19 -21.00 12.05 9.22
CA ARG F 19 -19.69 11.99 9.86
C ARG F 19 -19.19 10.57 10.08
N PHE F 20 -20.02 9.56 9.82
CA PHE F 20 -19.57 8.17 9.87
C PHE F 20 -18.62 7.89 8.70
N ASP F 21 -17.58 7.09 8.98
CA ASP F 21 -16.70 6.61 7.93
C ASP F 21 -16.05 5.32 8.41
N CYS F 22 -16.50 4.18 7.88
CA CYS F 22 -15.84 2.90 8.08
C CYS F 22 -14.85 2.69 6.94
N GLY F 23 -14.32 1.48 6.80
CA GLY F 23 -13.39 1.20 5.72
C GLY F 23 -14.02 1.24 4.33
N GLU F 24 -15.02 0.39 4.09
CA GLU F 24 -15.64 0.26 2.79
C GLU F 24 -16.83 1.20 2.64
N GLU F 25 -17.01 1.74 1.44
CA GLU F 25 -18.14 2.63 1.17
C GLU F 25 -19.47 1.91 1.37
N ALA F 26 -19.59 0.69 0.85
CA ALA F 26 -20.87 -0.01 0.79
C ALA F 26 -21.60 -0.06 2.13
N LEU F 27 -20.87 -0.26 3.24
CA LEU F 27 -21.52 -0.33 4.54
C LEU F 27 -21.99 1.06 4.99
N ASN F 28 -21.19 2.08 4.71
CA ASN F 28 -21.61 3.45 4.97
C ASN F 28 -22.92 3.75 4.23
N LEU F 29 -23.01 3.29 2.98
CA LEU F 29 -24.22 3.50 2.19
C LEU F 29 -25.38 2.69 2.75
N PHE F 30 -25.10 1.47 3.20
CA PHE F 30 -26.11 0.64 3.84
C PHE F 30 -26.72 1.36 5.02
N LEU F 31 -25.90 2.06 5.81
CA LEU F 31 -26.43 2.88 6.89
C LEU F 31 -27.24 4.06 6.36
N THR F 32 -26.64 4.86 5.48
CA THR F 32 -27.24 6.13 5.07
C THR F 32 -28.52 5.96 4.25
N THR F 33 -28.70 4.82 3.59
CA THR F 33 -29.69 4.68 2.52
C THR F 33 -30.87 3.80 2.90
N HIS F 34 -30.61 2.54 3.28
CA HIS F 34 -31.65 1.52 3.36
C HIS F 34 -32.23 1.41 4.76
N LEU F 35 -31.56 1.98 5.76
CA LEU F 35 -31.86 1.68 7.15
C LEU F 35 -33.27 2.13 7.53
N VAL F 36 -33.70 3.29 7.03
CA VAL F 36 -34.98 3.86 7.46
C VAL F 36 -36.14 2.91 7.12
N ARG F 37 -36.24 2.52 5.85
CA ARG F 37 -37.37 1.67 5.46
C ARG F 37 -37.21 0.24 5.96
N GLN F 38 -35.99 -0.28 5.97
CA GLN F 38 -35.77 -1.62 6.51
C GLN F 38 -36.17 -1.67 7.98
N HIS F 39 -35.99 -0.57 8.70
CA HIS F 39 -36.52 -0.44 10.04
C HIS F 39 -38.04 -0.39 10.02
N ARG F 40 -38.61 0.51 9.21
CA ARG F 40 -40.07 0.61 9.16
C ARG F 40 -40.71 -0.61 8.50
N ASN F 41 -40.04 -1.22 7.51
CA ASN F 41 -40.53 -2.47 6.95
C ASN F 41 -40.08 -3.66 7.78
N LYS F 42 -39.35 -3.44 8.88
CA LYS F 42 -38.99 -4.48 9.84
C LYS F 42 -38.18 -5.62 9.22
N ILE F 43 -37.30 -5.29 8.27
CA ILE F 43 -36.35 -6.30 7.81
C ILE F 43 -35.28 -6.51 8.87
N LEU F 44 -34.84 -5.44 9.52
CA LEU F 44 -33.87 -5.52 10.60
C LEU F 44 -34.20 -4.46 11.64
N ARG F 45 -33.51 -4.54 12.77
CA ARG F 45 -33.54 -3.50 13.78
C ARG F 45 -32.16 -2.89 13.88
N ALA F 46 -32.10 -1.57 13.87
CA ALA F 46 -30.85 -0.85 13.96
C ALA F 46 -30.74 -0.26 15.36
N TYR F 47 -29.61 -0.51 16.01
CA TYR F 47 -29.27 0.11 17.29
C TYR F 47 -28.07 1.00 17.08
N ILE F 48 -28.08 2.16 17.72
CA ILE F 48 -27.14 3.24 17.43
C ILE F 48 -26.41 3.60 18.71
N LEU F 49 -25.08 3.68 18.61
CA LEU F 49 -24.21 4.22 19.64
C LEU F 49 -23.92 5.65 19.23
N CYS F 50 -24.57 6.59 19.92
CA CYS F 50 -24.48 8.02 19.67
C CYS F 50 -24.08 8.73 20.96
N ARG F 51 -23.66 9.99 20.81
CA ARG F 51 -23.22 10.77 21.96
C ARG F 51 -24.36 11.39 22.75
N ASN F 52 -25.61 11.12 22.38
CA ASN F 52 -26.79 11.75 22.99
C ASN F 52 -26.72 13.27 22.93
N THR F 53 -26.00 13.81 21.96
CA THR F 53 -25.85 15.26 21.80
C THR F 53 -27.11 15.83 21.13
N PRO F 54 -27.28 17.15 21.15
CA PRO F 54 -28.40 17.74 20.41
C PRO F 54 -28.44 17.35 18.94
N GLU F 55 -27.27 17.33 18.28
CA GLU F 55 -27.20 16.83 16.91
C GLU F 55 -27.37 15.32 16.84
N ARG F 56 -27.25 14.63 17.97
CA ARG F 56 -27.30 13.16 18.03
C ARG F 56 -26.20 12.56 17.15
N GLN F 57 -24.96 12.94 17.49
CA GLN F 57 -23.78 12.50 16.75
C GLN F 57 -23.68 10.98 16.76
N VAL F 58 -23.71 10.38 15.58
CA VAL F 58 -23.68 8.92 15.43
C VAL F 58 -22.23 8.47 15.31
N LEU F 59 -21.85 7.47 16.11
CA LEU F 59 -20.49 6.92 16.08
C LEU F 59 -20.45 5.41 15.94
N GLY F 60 -21.55 4.69 16.10
CA GLY F 60 -21.57 3.28 15.84
C GLY F 60 -22.98 2.79 15.62
N TYR F 61 -23.10 1.61 15.00
CA TYR F 61 -24.43 1.04 14.81
C TYR F 61 -24.30 -0.45 14.49
N TYR F 62 -25.41 -1.15 14.70
CA TYR F 62 -25.49 -2.55 14.31
C TYR F 62 -26.92 -2.94 13.99
N THR F 63 -27.05 -4.02 13.20
CA THR F 63 -28.34 -4.49 12.69
C THR F 63 -28.59 -5.92 13.15
N LEU F 64 -29.82 -6.18 13.59
CA LEU F 64 -30.23 -7.52 14.01
C LEU F 64 -31.44 -7.98 13.21
N CYS F 65 -31.39 -9.22 12.72
CA CYS F 65 -32.48 -9.79 11.93
C CYS F 65 -32.70 -11.23 12.36
N GLY F 66 -33.95 -11.59 12.67
CA GLY F 66 -34.24 -12.98 12.94
C GLY F 66 -33.96 -13.81 11.68
N SER F 67 -33.45 -15.02 11.87
CA SER F 67 -32.99 -15.76 10.70
C SER F 67 -32.87 -17.25 11.01
N CYS F 68 -32.53 -18.01 9.97
CA CYS F 68 -32.17 -19.42 10.05
C CYS F 68 -30.93 -19.65 9.20
N PHE F 69 -30.24 -20.74 9.50
CA PHE F 69 -29.07 -21.15 8.75
C PHE F 69 -29.01 -22.67 8.73
N GLU F 70 -28.27 -23.20 7.74
CA GLU F 70 -28.20 -24.63 7.56
C GLU F 70 -27.61 -25.31 8.79
N ARG F 71 -28.23 -26.42 9.22
CA ARG F 71 -27.73 -27.15 10.38
C ARG F 71 -26.34 -27.71 10.14
N ALA F 72 -26.05 -28.12 8.90
CA ALA F 72 -24.76 -28.71 8.57
C ALA F 72 -23.58 -27.77 8.78
N ALA F 73 -23.83 -26.49 9.07
CA ALA F 73 -22.72 -25.57 9.30
C ALA F 73 -22.03 -25.84 10.63
N LEU F 74 -22.68 -26.53 11.55
CA LEU F 74 -22.04 -26.88 12.80
C LEU F 74 -20.95 -27.91 12.55
N PRO F 75 -19.84 -27.85 13.29
CA PRO F 75 -18.74 -28.81 13.04
C PRO F 75 -19.02 -30.21 13.59
N SER F 76 -19.65 -30.29 14.76
CA SER F 76 -19.81 -31.53 15.51
C SER F 76 -21.18 -32.14 15.27
N LYS F 77 -21.20 -33.45 15.00
CA LYS F 77 -22.46 -34.16 14.86
C LYS F 77 -23.25 -34.13 16.17
N SER F 78 -22.57 -33.95 17.29
CA SER F 78 -23.25 -33.81 18.57
C SER F 78 -24.17 -32.59 18.57
N LYS F 79 -23.63 -31.42 18.19
CA LYS F 79 -24.45 -30.21 18.13
C LYS F 79 -25.52 -30.30 17.05
N GLN F 80 -25.29 -31.11 16.01
CA GLN F 80 -26.29 -31.28 14.97
C GLN F 80 -27.46 -32.15 15.42
N LYS F 81 -27.16 -33.21 16.18
CA LYS F 81 -28.19 -34.12 16.67
C LYS F 81 -29.17 -33.47 17.63
N LYS F 82 -28.91 -32.23 18.06
CA LYS F 82 -29.83 -31.54 18.95
C LYS F 82 -30.97 -30.88 18.20
N ILE F 83 -30.74 -30.49 16.96
CA ILE F 83 -31.68 -29.71 16.14
C ILE F 83 -32.26 -30.63 15.08
N PRO F 84 -33.58 -30.82 15.02
CA PRO F 84 -34.16 -31.81 14.11
C PRO F 84 -34.53 -31.28 12.73
N TYR F 85 -34.12 -30.07 12.37
CA TYR F 85 -34.44 -29.47 11.09
C TYR F 85 -33.17 -28.89 10.48
N LYS F 86 -33.15 -28.81 9.14
CA LYS F 86 -31.97 -28.34 8.45
C LYS F 86 -31.65 -26.89 8.80
N ASN F 87 -32.67 -26.10 9.09
CA ASN F 87 -32.46 -24.72 9.50
C ASN F 87 -32.51 -24.63 11.02
N ILE F 88 -31.70 -23.72 11.56
CA ILE F 88 -31.54 -23.56 13.00
C ILE F 88 -32.05 -22.17 13.37
N PRO F 89 -32.93 -22.03 14.36
CA PRO F 89 -33.36 -20.68 14.74
C PRO F 89 -32.19 -19.85 15.23
N SER F 90 -32.01 -18.68 14.63
CA SER F 90 -30.86 -17.82 14.91
C SER F 90 -31.29 -16.37 14.84
N VAL F 91 -30.40 -15.49 15.31
CA VAL F 91 -30.52 -14.06 15.06
C VAL F 91 -29.22 -13.63 14.39
N THR F 92 -29.32 -13.22 13.13
CA THR F 92 -28.16 -12.79 12.37
C THR F 92 -27.86 -11.33 12.68
N LEU F 93 -26.62 -11.07 13.08
CA LEU F 93 -26.05 -9.73 13.16
C LEU F 93 -25.66 -9.38 11.73
N GLY F 94 -26.59 -8.76 11.01
CA GLY F 94 -26.39 -8.54 9.59
C GLY F 94 -25.17 -7.70 9.30
N ARG F 95 -25.09 -6.53 9.92
CA ARG F 95 -23.99 -5.61 9.68
C ARG F 95 -23.69 -4.89 10.98
N LEU F 96 -22.44 -4.50 11.14
CA LEU F 96 -21.94 -3.90 12.38
C LEU F 96 -20.80 -2.96 12.04
N ALA F 97 -20.87 -1.73 12.53
CA ALA F 97 -19.80 -0.81 12.23
C ALA F 97 -19.57 0.16 13.39
N ILE F 98 -18.30 0.52 13.57
CA ILE F 98 -17.80 1.44 14.57
C ILE F 98 -16.85 2.39 13.87
N ASP F 99 -16.83 3.65 14.30
CA ASP F 99 -15.89 4.61 13.73
C ASP F 99 -14.47 4.05 13.86
N ARG F 100 -13.70 4.12 12.76
CA ARG F 100 -12.35 3.57 12.77
C ARG F 100 -11.43 4.35 13.69
N SER F 101 -11.61 5.68 13.76
CA SER F 101 -10.82 6.48 14.68
C SER F 101 -11.08 6.10 16.13
N LEU F 102 -12.16 5.36 16.40
CA LEU F 102 -12.57 5.00 17.74
C LEU F 102 -12.52 3.50 17.98
N GLN F 103 -12.16 2.69 16.98
CA GLN F 103 -11.98 1.26 17.20
C GLN F 103 -10.80 1.03 18.13
N GLY F 104 -10.88 -0.06 18.89
CA GLY F 104 -9.88 -0.28 19.92
C GLY F 104 -10.16 0.44 21.22
N GLN F 105 -11.41 0.81 21.48
CA GLN F 105 -11.80 1.43 22.75
C GLN F 105 -12.84 0.59 23.48
N GLY F 106 -13.10 -0.62 23.01
CA GLY F 106 -14.00 -1.54 23.69
C GLY F 106 -15.47 -1.25 23.49
N TRP F 107 -15.81 -0.17 22.76
CA TRP F 107 -17.20 0.13 22.48
C TRP F 107 -17.82 -0.92 21.58
N ASP F 108 -17.01 -1.56 20.75
CA ASP F 108 -17.45 -2.68 19.94
C ASP F 108 -18.06 -3.77 20.80
N ALA F 109 -17.29 -4.25 21.78
CA ALA F 109 -17.75 -5.31 22.67
C ALA F 109 -18.92 -4.84 23.54
N THR F 110 -18.91 -3.57 23.95
CA THR F 110 -20.03 -3.04 24.74
C THR F 110 -21.33 -3.13 23.96
N LEU F 111 -21.29 -2.73 22.69
CA LEU F 111 -22.48 -2.81 21.85
C LEU F 111 -22.87 -4.27 21.62
N VAL F 112 -21.90 -5.14 21.34
CA VAL F 112 -22.19 -6.56 21.18
C VAL F 112 -22.87 -7.12 22.44
N ALA F 113 -22.47 -6.63 23.62
CA ALA F 113 -23.05 -7.14 24.86
C ALA F 113 -24.47 -6.63 25.05
N HIS F 114 -24.74 -5.36 24.73
CA HIS F 114 -26.11 -4.87 24.75
C HIS F 114 -26.98 -5.67 23.78
N ALA F 115 -26.43 -5.98 22.61
CA ALA F 115 -27.14 -6.80 21.64
C ALA F 115 -27.42 -8.20 22.19
N MET F 116 -26.45 -8.77 22.91
CA MET F 116 -26.64 -10.08 23.51
C MET F 116 -27.76 -10.06 24.54
N ASN F 117 -27.81 -9.00 25.35
CA ASN F 117 -28.92 -8.86 26.30
C ASN F 117 -30.25 -8.82 25.57
N VAL F 118 -30.30 -8.08 24.45
CA VAL F 118 -31.54 -8.00 23.68
C VAL F 118 -31.89 -9.38 23.11
N VAL F 119 -30.87 -10.11 22.63
CA VAL F 119 -31.09 -11.45 22.08
C VAL F 119 -31.60 -12.40 23.17
N TRP F 120 -31.14 -12.20 24.41
CA TRP F 120 -31.67 -12.99 25.51
C TRP F 120 -33.14 -12.69 25.75
N SER F 121 -33.48 -11.39 25.82
CA SER F 121 -34.88 -10.99 26.00
C SER F 121 -35.76 -11.51 24.87
N ALA F 122 -35.20 -11.67 23.67
CA ALA F 122 -35.96 -12.20 22.55
C ALA F 122 -36.09 -13.72 22.60
N SER F 123 -35.01 -14.42 22.93
CA SER F 123 -35.06 -15.87 23.09
C SER F 123 -36.06 -16.26 24.17
N LEU F 124 -36.23 -15.40 25.18
CA LEU F 124 -37.28 -15.60 26.17
C LEU F 124 -38.68 -15.58 25.55
N ALA F 125 -38.81 -15.12 24.31
CA ALA F 125 -40.10 -14.97 23.65
C ALA F 125 -40.31 -15.92 22.48
N VAL F 126 -39.27 -16.17 21.70
CA VAL F 126 -39.39 -17.22 20.70
C VAL F 126 -38.15 -17.94 20.19
N GLY F 127 -37.57 -18.83 20.97
CA GLY F 127 -36.65 -19.77 20.37
C GLY F 127 -35.44 -19.27 19.59
N ILE F 128 -34.63 -18.42 20.18
CA ILE F 128 -33.30 -18.18 19.62
C ILE F 128 -32.08 -18.83 20.30
N HIS F 129 -31.47 -19.78 19.60
CA HIS F 129 -30.25 -20.46 20.05
C HIS F 129 -29.10 -19.47 20.20
N GLY F 130 -29.11 -18.38 19.45
CA GLY F 130 -28.05 -17.41 19.66
C GLY F 130 -27.81 -16.58 18.42
N LEU F 131 -26.58 -16.10 18.31
CA LEU F 131 -26.20 -15.07 17.35
C LEU F 131 -25.40 -15.69 16.22
N PHE F 132 -25.91 -15.54 15.00
CA PHE F 132 -25.26 -15.91 13.75
C PHE F 132 -24.74 -14.64 13.10
N VAL F 133 -23.49 -14.64 12.62
CA VAL F 133 -23.01 -13.46 11.89
C VAL F 133 -22.02 -13.91 10.83
N GLU F 134 -22.18 -13.38 9.62
CA GLU F 134 -21.31 -13.74 8.48
C GLU F 134 -20.42 -12.54 8.14
N ALA F 135 -19.19 -12.56 8.65
CA ALA F 135 -18.24 -11.48 8.45
C ALA F 135 -17.29 -11.89 7.32
N LEU F 136 -17.42 -11.23 6.17
CA LEU F 136 -16.48 -11.44 5.07
C LEU F 136 -15.18 -10.68 5.29
N ASN F 137 -15.27 -9.45 5.79
CA ASN F 137 -14.06 -8.69 6.11
C ASN F 137 -13.17 -9.52 7.01
N GLU F 138 -11.87 -9.42 6.80
CA GLU F 138 -10.94 -10.18 7.63
C GLU F 138 -10.78 -9.52 9.00
N LYS F 139 -10.76 -8.19 9.04
CA LYS F 139 -10.70 -7.47 10.30
C LYS F 139 -11.86 -7.87 11.22
N ALA F 140 -13.07 -7.93 10.67
CA ALA F 140 -14.24 -8.33 11.45
C ALA F 140 -14.16 -9.80 11.86
N HIS F 141 -13.70 -10.67 10.95
CA HIS F 141 -13.55 -12.08 11.30
C HIS F 141 -12.58 -12.27 12.46
N THR F 142 -11.43 -11.58 12.41
CA THR F 142 -10.46 -11.70 13.49
C THR F 142 -11.00 -11.11 14.79
N PHE F 143 -11.70 -9.98 14.73
CA PHE F 143 -12.27 -9.39 15.93
C PHE F 143 -13.29 -10.34 16.57
N TYR F 144 -14.11 -11.00 15.74
CA TYR F 144 -15.09 -11.95 16.25
C TYR F 144 -14.41 -13.19 16.82
N LYS F 145 -13.37 -13.68 16.12
CA LYS F 145 -12.57 -14.79 16.64
C LYS F 145 -11.96 -14.43 17.98
N SER F 146 -11.66 -13.13 18.18
CA SER F 146 -11.21 -12.68 19.48
C SER F 146 -12.33 -12.74 20.51
N LEU F 147 -13.56 -12.38 20.10
CA LEU F 147 -14.69 -12.47 21.01
C LEU F 147 -15.20 -13.90 21.23
N GLY F 148 -14.68 -14.89 20.52
CA GLY F 148 -15.00 -16.28 20.83
C GLY F 148 -16.13 -16.92 20.05
N PHE F 149 -16.47 -16.40 18.88
CA PHE F 149 -17.52 -16.98 18.07
C PHE F 149 -17.10 -18.32 17.47
N ILE F 150 -17.98 -19.31 17.55
CA ILE F 150 -17.70 -20.66 17.06
C ILE F 150 -17.64 -20.65 15.53
N PRO F 151 -16.58 -21.18 14.91
CA PRO F 151 -16.54 -21.24 13.45
C PRO F 151 -17.57 -22.22 12.91
N LEU F 152 -18.34 -21.78 11.92
CA LEU F 152 -19.33 -22.61 11.25
C LEU F 152 -18.73 -23.20 9.97
N VAL F 153 -18.72 -24.53 9.85
CA VAL F 153 -18.14 -25.22 8.70
C VAL F 153 -19.26 -25.92 7.93
N GLY F 154 -19.53 -25.45 6.72
CA GLY F 154 -20.52 -26.04 5.84
C GLY F 154 -20.43 -25.41 4.47
N GLU F 155 -21.57 -25.15 3.82
CA GLU F 155 -21.55 -24.28 2.65
C GLU F 155 -21.11 -22.87 3.04
N ASN F 156 -21.31 -22.52 4.30
CA ASN F 156 -20.84 -21.25 4.83
C ASN F 156 -19.48 -21.49 5.47
N GLU F 157 -18.51 -20.65 5.11
CA GLU F 157 -17.19 -20.73 5.71
C GLU F 157 -16.76 -19.44 6.41
N ASN F 158 -17.61 -18.43 6.43
CA ASN F 158 -17.23 -17.13 6.98
C ASN F 158 -18.16 -16.65 8.08
N ALA F 159 -19.23 -17.38 8.38
CA ALA F 159 -20.09 -17.01 9.49
C ALA F 159 -19.66 -17.74 10.74
N LEU F 160 -19.89 -17.10 11.87
CA LEU F 160 -19.58 -17.64 13.18
C LEU F 160 -20.79 -17.47 14.09
N PHE F 161 -20.88 -18.34 15.08
CA PHE F 161 -22.04 -18.43 15.95
C PHE F 161 -21.64 -18.35 17.41
N PHE F 162 -22.56 -17.83 18.22
CA PHE F 162 -22.38 -17.80 19.67
C PHE F 162 -23.71 -18.20 20.30
N PRO F 163 -23.75 -19.25 21.13
CA PRO F 163 -25.03 -19.75 21.63
C PRO F 163 -25.61 -18.90 22.76
N THR F 164 -26.93 -19.06 22.95
CA THR F 164 -27.65 -18.36 24.01
C THR F 164 -27.21 -18.84 25.39
N LYS F 165 -26.89 -20.13 25.53
CA LYS F 165 -26.59 -20.68 26.85
C LYS F 165 -25.38 -19.99 27.48
N SER F 166 -24.36 -19.66 26.68
CA SER F 166 -23.24 -18.89 27.19
C SER F 166 -23.70 -17.53 27.71
N ILE F 167 -24.68 -16.92 27.02
CA ILE F 167 -25.23 -15.65 27.47
C ILE F 167 -25.96 -15.82 28.80
N GLU F 168 -26.70 -16.91 28.97
CA GLU F 168 -27.28 -17.23 30.27
C GLU F 168 -26.19 -17.34 31.34
N LEU F 169 -25.08 -17.99 30.99
CA LEU F 169 -23.99 -18.16 31.95
C LEU F 169 -23.41 -16.82 32.36
N LEU F 170 -23.37 -15.86 31.43
CA LEU F 170 -22.85 -14.53 31.71
C LEU F 170 -23.72 -13.76 32.69
N PHE F 171 -25.02 -14.08 32.80
CA PHE F 171 -25.95 -13.31 33.60
C PHE F 171 -26.02 -13.69 35.06
N THR F 172 -25.21 -14.64 35.54
CA THR F 172 -25.14 -14.90 36.98
C THR F 172 -23.68 -15.00 37.43
N GLN F 173 -22.82 -15.50 36.56
CA GLN F 173 -21.38 -15.56 36.78
C GLN F 173 -20.70 -14.58 35.85
N SER F 174 -19.45 -14.24 36.17
CA SER F 174 -18.69 -13.16 35.56
C SER F 174 -19.33 -11.79 35.78
N ASP F 175 -20.42 -11.74 36.55
CA ASP F 175 -21.02 -10.50 37.00
C ASP F 175 -21.41 -10.51 38.46
N LEU F 176 -21.66 -11.67 39.06
CA LEU F 176 -22.02 -11.79 40.47
C LEU F 176 -21.86 -13.22 40.97
N THR G 5 5.35 45.92 54.65
CA THR G 5 4.73 46.84 53.70
C THR G 5 3.53 46.21 53.02
N ILE G 6 2.66 47.05 52.47
CA ILE G 6 1.51 46.62 51.68
C ILE G 6 1.91 46.65 50.22
N GLU G 7 1.57 45.60 49.47
CA GLU G 7 1.93 45.61 48.06
C GLU G 7 0.95 44.80 47.22
N ILE G 8 0.77 45.25 45.99
CA ILE G 8 0.00 44.54 44.99
C ILE G 8 0.75 43.28 44.54
N LEU G 9 0.01 42.36 43.92
CA LEU G 9 0.60 41.16 43.34
C LEU G 9 1.53 41.53 42.19
N THR G 10 2.76 41.02 42.24
CA THR G 10 3.71 41.22 41.17
C THR G 10 3.34 40.34 39.97
N ASP G 11 4.14 40.41 38.91
CA ASP G 11 3.90 39.52 37.78
C ASP G 11 4.21 38.07 38.18
N ASP G 12 5.36 37.85 38.81
CA ASP G 12 5.71 36.56 39.39
C ASP G 12 5.16 36.52 40.81
N ALA G 13 4.18 35.64 41.07
CA ALA G 13 3.48 35.66 42.35
C ALA G 13 4.39 35.21 43.49
N ASP G 14 4.83 33.95 43.45
CA ASP G 14 5.73 33.38 44.46
C ASP G 14 5.23 33.60 45.89
N TYR G 15 3.94 33.34 46.11
CA TYR G 15 3.33 33.48 47.43
C TYR G 15 3.02 32.10 48.02
N ASP G 16 2.90 32.07 49.34
CA ASP G 16 2.54 30.87 50.10
C ASP G 16 1.07 30.99 50.50
N LEU G 17 0.22 30.14 49.92
CA LEU G 17 -1.22 30.34 50.02
C LEU G 17 -1.95 29.35 50.93
N GLN G 18 -1.43 28.14 51.13
CA GLN G 18 -2.23 27.14 51.85
C GLN G 18 -2.23 27.38 53.34
N ARG G 19 -1.06 27.69 53.91
CA ARG G 19 -0.95 27.89 55.36
C ARG G 19 -1.68 29.15 55.82
N PHE G 20 -2.12 30.00 54.89
CA PHE G 20 -2.98 31.12 55.23
C PHE G 20 -4.39 30.62 55.57
N ASP G 21 -5.02 31.27 56.53
CA ASP G 21 -6.40 30.96 56.89
C ASP G 21 -7.02 32.17 57.56
N CYS G 22 -7.98 32.79 56.88
CA CYS G 22 -8.74 33.88 57.47
C CYS G 22 -9.92 33.29 58.25
N GLY G 23 -10.84 34.15 58.68
CA GLY G 23 -12.00 33.70 59.43
C GLY G 23 -13.00 32.87 58.66
N GLU G 24 -13.54 33.43 57.58
CA GLU G 24 -14.62 32.81 56.84
C GLU G 24 -14.08 31.85 55.78
N GLU G 25 -14.74 30.70 55.64
CA GLU G 25 -14.33 29.71 54.65
C GLU G 25 -14.48 30.24 53.23
N ALA G 26 -15.63 30.86 52.94
CA ALA G 26 -15.92 31.33 51.58
C ALA G 26 -14.79 32.20 51.04
N LEU G 27 -14.20 33.03 51.91
CA LEU G 27 -13.09 33.88 51.49
C LEU G 27 -11.84 33.07 51.23
N ASN G 28 -11.59 32.03 52.05
CA ASN G 28 -10.49 31.11 51.76
C ASN G 28 -10.64 30.50 50.37
N LEU G 29 -11.87 30.10 50.00
CA LEU G 29 -12.09 29.52 48.69
C LEU G 29 -11.91 30.57 47.59
N PHE G 30 -12.40 31.79 47.83
CA PHE G 30 -12.19 32.88 46.88
C PHE G 30 -10.71 33.13 46.65
N LEU G 31 -9.91 33.04 47.71
CA LEU G 31 -8.46 33.18 47.58
C LEU G 31 -7.87 32.04 46.75
N THR G 32 -8.12 30.80 47.17
CA THR G 32 -7.47 29.65 46.54
C THR G 32 -7.93 29.42 45.12
N THR G 33 -9.12 29.88 44.75
CA THR G 33 -9.79 29.43 43.53
C THR G 33 -9.90 30.51 42.46
N HIS G 34 -10.52 31.65 42.76
CA HIS G 34 -10.94 32.59 41.72
C HIS G 34 -9.96 33.74 41.52
N LEU G 35 -9.08 33.99 42.48
CA LEU G 35 -8.28 35.22 42.48
C LEU G 35 -7.29 35.28 41.33
N VAL G 36 -6.69 34.14 40.95
CA VAL G 36 -5.54 34.14 40.05
C VAL G 36 -5.88 34.82 38.72
N ARG G 37 -6.87 34.29 38.00
CA ARG G 37 -7.16 34.88 36.70
C ARG G 37 -7.86 36.22 36.85
N GLN G 38 -8.68 36.38 37.88
CA GLN G 38 -9.36 37.65 38.11
C GLN G 38 -8.35 38.79 38.24
N HIS G 39 -7.21 38.51 38.85
CA HIS G 39 -6.10 39.45 38.82
C HIS G 39 -5.50 39.54 37.42
N ARG G 40 -5.17 38.38 36.83
CA ARG G 40 -4.54 38.37 35.52
C ARG G 40 -5.46 38.86 34.41
N ASN G 41 -6.77 38.57 34.50
CA ASN G 41 -7.72 39.09 33.53
C ASN G 41 -8.16 40.51 33.83
N LYS G 42 -7.55 41.16 34.81
CA LYS G 42 -7.91 42.54 35.13
C LYS G 42 -9.43 42.66 35.32
N ILE G 43 -9.99 41.76 36.13
CA ILE G 43 -11.34 41.94 36.63
C ILE G 43 -11.33 42.84 37.86
N LEU G 44 -10.34 42.65 38.73
CA LEU G 44 -10.19 43.42 39.95
C LEU G 44 -8.71 43.55 40.26
N ARG G 45 -8.40 44.38 41.27
CA ARG G 45 -7.05 44.47 41.80
C ARG G 45 -7.01 43.98 43.24
N ALA G 46 -6.04 43.11 43.52
CA ALA G 46 -5.85 42.56 44.85
C ALA G 46 -4.63 43.23 45.47
N TYR G 47 -4.77 43.68 46.71
CA TYR G 47 -3.67 44.23 47.49
C TYR G 47 -3.41 43.30 48.67
N ILE G 48 -2.14 43.12 48.99
CA ILE G 48 -1.69 42.07 49.91
C ILE G 48 -0.98 42.74 51.08
N LEU G 49 -1.38 42.37 52.29
CA LEU G 49 -0.68 42.75 53.52
C LEU G 49 0.13 41.52 53.92
N CYS G 50 1.43 41.59 53.68
CA CYS G 50 2.40 40.53 53.95
C CYS G 50 3.53 41.09 54.80
N ARG G 51 4.31 40.17 55.36
CA ARG G 51 5.42 40.54 56.25
C ARG G 51 6.68 40.95 55.50
N ASN G 52 6.66 41.02 54.17
CA ASN G 52 7.84 41.23 53.34
C ASN G 52 8.93 40.18 53.60
N THR G 53 8.53 39.02 54.12
CA THR G 53 9.47 37.95 54.42
C THR G 53 9.77 37.12 53.17
N PRO G 54 10.86 36.32 53.21
CA PRO G 54 11.09 35.38 52.10
C PRO G 54 9.93 34.41 51.87
N GLU G 55 9.33 33.90 52.94
CA GLU G 55 8.15 33.03 52.79
C GLU G 55 6.93 33.80 52.31
N ARG G 56 6.95 35.14 52.40
CA ARG G 56 5.79 35.95 52.07
C ARG G 56 4.58 35.51 52.89
N GLN G 57 4.75 35.57 54.21
CA GLN G 57 3.70 35.15 55.12
C GLN G 57 2.45 35.97 54.85
N VAL G 58 1.38 35.30 54.46
CA VAL G 58 0.15 35.98 54.08
C VAL G 58 -0.71 36.17 55.33
N LEU G 59 -1.08 37.42 55.59
CA LEU G 59 -1.94 37.75 56.72
C LEU G 59 -3.07 38.69 56.37
N GLY G 60 -3.08 39.33 55.19
CA GLY G 60 -4.25 40.09 54.80
C GLY G 60 -4.32 40.35 53.32
N TYR G 61 -5.53 40.67 52.85
CA TYR G 61 -5.72 41.03 51.46
C TYR G 61 -7.05 41.74 51.29
N TYR G 62 -7.16 42.47 50.19
CA TYR G 62 -8.44 43.07 49.81
C TYR G 62 -8.52 43.21 48.29
N THR G 63 -9.75 43.26 47.80
CA THR G 63 -10.05 43.28 46.37
C THR G 63 -10.85 44.54 46.03
N LEU G 64 -10.47 45.18 44.93
CA LEU G 64 -11.16 46.37 44.44
C LEU G 64 -11.63 46.15 43.02
N CYS G 65 -12.92 46.39 42.78
CA CYS G 65 -13.53 46.29 41.46
C CYS G 65 -14.47 47.48 41.27
N GLY G 66 -14.17 48.30 40.26
CA GLY G 66 -15.05 49.43 39.97
C GLY G 66 -16.46 48.97 39.65
N SER G 67 -17.44 49.79 40.03
CA SER G 67 -18.82 49.34 39.92
C SER G 67 -19.77 50.53 39.85
N CYS G 68 -21.04 50.22 39.63
CA CYS G 68 -22.14 51.18 39.67
C CYS G 68 -23.30 50.60 40.47
N PHE G 69 -24.15 51.51 40.93
CA PHE G 69 -25.35 51.14 41.67
C PHE G 69 -26.44 52.17 41.40
N GLU G 70 -27.68 51.78 41.67
CA GLU G 70 -28.82 52.65 41.43
C GLU G 70 -28.65 53.92 42.27
N ARG G 71 -28.91 55.08 41.66
CA ARG G 71 -28.74 56.35 42.37
C ARG G 71 -29.68 56.46 43.56
N ALA G 72 -30.87 55.88 43.46
CA ALA G 72 -31.85 55.95 44.53
C ALA G 72 -31.37 55.28 45.80
N ALA G 73 -30.23 54.58 45.76
CA ALA G 73 -29.70 53.94 46.96
C ALA G 73 -29.13 54.94 47.95
N LEU G 74 -28.88 56.18 47.52
CA LEU G 74 -28.39 57.19 48.44
C LEU G 74 -29.44 57.52 49.48
N PRO G 75 -29.03 57.81 50.72
CA PRO G 75 -30.04 58.09 51.77
C PRO G 75 -30.69 59.46 51.64
N SER G 76 -29.91 60.49 51.32
CA SER G 76 -30.38 61.86 51.29
C SER G 76 -30.65 62.31 49.86
N LYS G 77 -31.86 62.85 49.63
CA LYS G 77 -32.16 63.41 48.32
C LYS G 77 -31.30 64.64 48.03
N SER G 78 -30.77 65.29 49.07
CA SER G 78 -29.84 66.39 48.87
C SER G 78 -28.63 65.93 48.07
N LYS G 79 -28.03 64.81 48.47
CA LYS G 79 -26.92 64.25 47.69
C LYS G 79 -27.38 63.77 46.32
N GLN G 80 -28.67 63.49 46.17
CA GLN G 80 -29.19 63.08 44.86
C GLN G 80 -29.24 64.25 43.90
N LYS G 81 -29.62 65.44 44.39
CA LYS G 81 -29.62 66.63 43.55
C LYS G 81 -28.22 67.04 43.11
N LYS G 82 -27.18 66.46 43.71
CA LYS G 82 -25.81 66.75 43.33
C LYS G 82 -25.33 65.87 42.17
N ILE G 83 -25.91 64.69 42.01
CA ILE G 83 -25.47 63.72 41.00
C ILE G 83 -26.50 63.76 39.86
N PRO G 84 -26.10 64.13 38.65
CA PRO G 84 -27.06 64.33 37.56
C PRO G 84 -27.32 63.09 36.70
N TYR G 85 -26.91 61.91 37.15
CA TYR G 85 -27.06 60.70 36.34
C TYR G 85 -27.72 59.60 37.16
N LYS G 86 -28.47 58.75 36.46
CA LYS G 86 -29.25 57.70 37.11
C LYS G 86 -28.34 56.65 37.75
N ASN G 87 -27.17 56.40 37.16
CA ASN G 87 -26.17 55.51 37.70
C ASN G 87 -25.08 56.34 38.37
N ILE G 88 -24.50 55.81 39.43
CA ILE G 88 -23.51 56.53 40.24
C ILE G 88 -22.17 55.80 40.11
N PRO G 89 -21.09 56.49 39.75
CA PRO G 89 -19.77 55.85 39.74
C PRO G 89 -19.36 55.43 41.13
N SER G 90 -18.95 54.17 41.27
CA SER G 90 -18.56 53.62 42.55
C SER G 90 -17.39 52.67 42.35
N VAL G 91 -16.76 52.30 43.46
CA VAL G 91 -15.76 51.24 43.51
C VAL G 91 -16.22 50.22 44.53
N THR G 92 -16.51 49.00 44.08
CA THR G 92 -16.96 47.98 45.01
C THR G 92 -15.74 47.38 45.72
N LEU G 93 -15.78 47.39 47.04
CA LEU G 93 -14.83 46.65 47.86
C LEU G 93 -15.31 45.22 47.86
N GLY G 94 -14.81 44.43 46.91
CA GLY G 94 -15.33 43.10 46.70
C GLY G 94 -15.17 42.26 47.94
N ARG G 95 -13.93 42.14 48.44
CA ARG G 95 -13.66 41.30 49.59
C ARG G 95 -12.52 41.89 50.40
N LEU G 96 -12.52 41.58 51.69
CA LEU G 96 -11.54 42.11 52.63
C LEU G 96 -11.35 41.07 53.72
N ALA G 97 -10.11 40.64 53.94
CA ALA G 97 -9.90 39.64 54.97
C ALA G 97 -8.51 39.76 55.56
N ILE G 98 -8.40 39.35 56.83
CA ILE G 98 -7.16 39.31 57.60
C ILE G 98 -7.09 37.92 58.23
N ASP G 99 -5.89 37.37 58.30
CA ASP G 99 -5.71 36.07 58.95
C ASP G 99 -6.23 36.13 60.38
N ARG G 100 -6.73 34.99 60.85
CA ARG G 100 -7.32 34.92 62.19
C ARG G 100 -6.31 35.25 63.27
N SER G 101 -5.03 34.93 63.05
CA SER G 101 -3.99 35.19 64.05
C SER G 101 -3.87 36.67 64.41
N LEU G 102 -4.40 37.56 63.58
CA LEU G 102 -4.30 38.99 63.82
C LEU G 102 -5.66 39.67 64.00
N GLN G 103 -6.75 38.93 63.96
CA GLN G 103 -8.07 39.53 64.14
C GLN G 103 -8.18 40.13 65.53
N GLY G 104 -8.92 41.23 65.63
CA GLY G 104 -8.98 41.97 66.87
C GLY G 104 -7.80 42.89 67.10
N GLN G 105 -7.04 43.24 66.06
CA GLN G 105 -5.94 44.18 66.18
C GLN G 105 -6.05 45.36 65.24
N GLY G 106 -7.19 45.52 64.55
CA GLY G 106 -7.42 46.69 63.74
C GLY G 106 -6.79 46.69 62.36
N TRP G 107 -6.10 45.63 61.96
CA TRP G 107 -5.53 45.60 60.61
C TRP G 107 -6.60 45.63 59.54
N ASP G 108 -7.83 45.21 59.86
CA ASP G 108 -8.96 45.39 58.97
C ASP G 108 -9.08 46.86 58.56
N ALA G 109 -9.14 47.75 59.56
CA ALA G 109 -9.25 49.18 59.30
C ALA G 109 -8.01 49.73 58.59
N THR G 110 -6.83 49.21 58.92
CA THR G 110 -5.62 49.64 58.21
C THR G 110 -5.71 49.33 56.73
N LEU G 111 -6.20 48.13 56.39
CA LEU G 111 -6.39 47.78 54.98
C LEU G 111 -7.44 48.67 54.34
N VAL G 112 -8.55 48.92 55.03
CA VAL G 112 -9.56 49.84 54.51
C VAL G 112 -8.97 51.21 54.25
N ALA G 113 -8.04 51.64 55.11
CA ALA G 113 -7.44 52.97 54.95
C ALA G 113 -6.47 53.01 53.78
N HIS G 114 -5.64 51.98 53.62
CA HIS G 114 -4.77 51.91 52.44
C HIS G 114 -5.61 51.87 51.16
N ALA G 115 -6.72 51.13 51.19
CA ALA G 115 -7.61 51.08 50.03
C ALA G 115 -8.19 52.46 49.75
N MET G 116 -8.57 53.19 50.81
CA MET G 116 -9.07 54.55 50.63
C MET G 116 -8.00 55.46 50.02
N ASN G 117 -6.75 55.31 50.47
CA ASN G 117 -5.66 56.08 49.88
C ASN G 117 -5.54 55.79 48.40
N VAL G 118 -5.64 54.51 48.02
CA VAL G 118 -5.55 54.14 46.61
C VAL G 118 -6.74 54.72 45.83
N VAL G 119 -7.94 54.66 46.42
CA VAL G 119 -9.13 55.21 45.78
C VAL G 119 -9.00 56.73 45.66
N TRP G 120 -8.31 57.37 46.59
CA TRP G 120 -8.05 58.80 46.50
C TRP G 120 -7.11 59.11 45.33
N SER G 121 -5.99 58.38 45.23
CA SER G 121 -5.08 58.55 44.11
C SER G 121 -5.78 58.24 42.78
N ALA G 122 -6.77 57.36 42.81
CA ALA G 122 -7.54 57.01 41.63
C ALA G 122 -8.57 58.09 41.29
N SER G 123 -9.15 58.71 42.33
CA SER G 123 -10.09 59.80 42.13
C SER G 123 -9.48 60.89 41.27
N LEU G 124 -8.16 61.04 41.32
CA LEU G 124 -7.43 61.90 40.39
C LEU G 124 -7.54 61.47 38.94
N ALA G 125 -8.06 60.27 38.66
CA ALA G 125 -8.07 59.76 37.29
C ALA G 125 -9.45 59.66 36.66
N VAL G 126 -10.39 59.05 37.41
CA VAL G 126 -11.82 58.95 37.05
C VAL G 126 -12.88 59.46 38.06
N GLY G 127 -12.42 60.15 39.10
CA GLY G 127 -13.26 61.04 39.87
C GLY G 127 -14.54 60.41 40.39
N ILE G 128 -14.48 59.16 40.81
CA ILE G 128 -15.64 58.57 41.45
C ILE G 128 -15.71 58.95 42.94
N HIS G 129 -16.85 58.66 43.54
CA HIS G 129 -17.32 59.24 44.78
C HIS G 129 -16.85 58.49 46.01
N GLY G 130 -16.47 57.23 45.87
CA GLY G 130 -15.95 56.56 47.04
C GLY G 130 -16.11 55.05 46.90
N LEU G 131 -16.25 54.42 48.07
CA LEU G 131 -16.18 52.98 48.21
C LEU G 131 -17.59 52.43 48.43
N PHE G 132 -17.99 51.50 47.58
CA PHE G 132 -19.23 50.74 47.71
C PHE G 132 -18.87 49.36 48.26
N VAL G 133 -19.66 48.86 49.21
CA VAL G 133 -19.44 47.49 49.67
C VAL G 133 -20.77 46.86 50.04
N GLU G 134 -20.97 45.61 49.64
CA GLU G 134 -22.18 44.87 49.94
C GLU G 134 -21.78 43.85 51.00
N ALA G 135 -22.07 44.17 52.26
CA ALA G 135 -21.62 43.38 53.39
C ALA G 135 -22.69 42.37 53.75
N LEU G 136 -22.38 41.08 53.54
CA LEU G 136 -23.30 40.03 53.95
C LEU G 136 -23.26 39.85 55.46
N ASN G 137 -22.05 39.81 56.03
CA ASN G 137 -21.89 39.76 57.48
C ASN G 137 -22.59 40.95 58.15
N GLU G 138 -23.19 40.68 59.32
CA GLU G 138 -23.74 41.75 60.12
C GLU G 138 -22.64 42.45 60.90
N LYS G 139 -21.68 41.65 61.40
CA LYS G 139 -20.49 42.21 62.04
C LYS G 139 -19.75 43.15 61.10
N ALA G 140 -19.64 42.77 59.82
CA ALA G 140 -18.98 43.65 58.85
C ALA G 140 -19.76 44.94 58.63
N HIS G 141 -21.10 44.87 58.55
CA HIS G 141 -21.90 46.07 58.38
C HIS G 141 -21.70 47.03 59.55
N THR G 142 -21.78 46.51 60.78
CA THR G 142 -21.57 47.37 61.95
C THR G 142 -20.14 47.89 62.03
N PHE G 143 -19.17 47.03 61.70
CA PHE G 143 -17.76 47.41 61.69
C PHE G 143 -17.51 48.55 60.72
N TYR G 144 -18.15 48.50 59.54
CA TYR G 144 -18.00 49.57 58.57
C TYR G 144 -18.68 50.84 59.05
N LYS G 145 -19.88 50.72 59.62
CA LYS G 145 -20.57 51.89 60.16
C LYS G 145 -19.76 52.54 61.28
N SER G 146 -18.94 51.76 61.99
CA SER G 146 -18.09 52.34 63.03
C SER G 146 -17.06 53.28 62.43
N LEU G 147 -16.48 52.90 61.30
CA LEU G 147 -15.57 53.76 60.55
C LEU G 147 -16.28 54.84 59.77
N GLY G 148 -17.62 54.87 59.80
CA GLY G 148 -18.38 55.92 59.17
C GLY G 148 -18.91 55.63 57.79
N PHE G 149 -19.08 54.36 57.42
CA PHE G 149 -19.63 54.04 56.11
C PHE G 149 -21.11 54.38 56.08
N ILE G 150 -21.51 55.13 55.05
CA ILE G 150 -22.91 55.52 54.91
C ILE G 150 -23.73 54.33 54.44
N PRO G 151 -24.81 53.95 55.13
CA PRO G 151 -25.66 52.87 54.63
C PRO G 151 -26.42 53.32 53.39
N LEU G 152 -26.39 52.49 52.35
CA LEU G 152 -27.13 52.77 51.12
C LEU G 152 -28.48 52.07 51.18
N VAL G 153 -29.55 52.84 51.05
CA VAL G 153 -30.92 52.34 51.11
C VAL G 153 -31.55 52.52 49.73
N GLY G 154 -31.85 51.41 49.06
CA GLY G 154 -32.49 51.44 47.75
C GLY G 154 -32.98 50.07 47.34
N GLU G 155 -32.80 49.71 46.07
CA GLU G 155 -33.07 48.33 45.69
C GLU G 155 -32.15 47.37 46.43
N ASN G 156 -30.96 47.84 46.81
CA ASN G 156 -30.05 47.09 47.67
C ASN G 156 -30.22 47.62 49.08
N GLU G 157 -30.25 46.71 50.06
CA GLU G 157 -30.41 47.09 51.46
C GLU G 157 -29.22 46.73 52.35
N ASN G 158 -28.14 46.22 51.78
CA ASN G 158 -27.02 45.70 52.57
C ASN G 158 -25.70 46.40 52.29
N ALA G 159 -25.67 47.41 51.42
CA ALA G 159 -24.44 48.10 51.08
C ALA G 159 -24.15 49.28 51.99
N LEU G 160 -22.87 49.59 52.11
CA LEU G 160 -22.36 50.72 52.84
C LEU G 160 -21.44 51.50 51.91
N PHE G 161 -21.35 52.80 52.16
CA PHE G 161 -20.64 53.70 51.25
C PHE G 161 -19.67 54.58 52.02
N PHE G 162 -18.62 55.01 51.32
CA PHE G 162 -17.67 55.97 51.87
C PHE G 162 -17.34 57.02 50.83
N PRO G 163 -17.58 58.30 51.12
CA PRO G 163 -17.40 59.35 50.10
C PRO G 163 -15.93 59.71 49.89
N THR G 164 -15.67 60.31 48.72
CA THR G 164 -14.31 60.77 48.41
C THR G 164 -13.89 61.95 49.28
N LYS G 165 -14.83 62.85 49.57
CA LYS G 165 -14.48 64.06 50.34
C LYS G 165 -14.00 63.69 51.74
N SER G 166 -14.63 62.69 52.36
CA SER G 166 -14.15 62.21 53.66
C SER G 166 -12.73 61.68 53.54
N ILE G 167 -12.40 61.04 52.42
CA ILE G 167 -11.03 60.56 52.21
C ILE G 167 -10.06 61.72 52.09
N GLU G 168 -10.45 62.78 51.37
CA GLU G 168 -9.62 63.98 51.29
C GLU G 168 -9.37 64.55 52.68
N LEU G 169 -10.42 64.66 53.49
CA LEU G 169 -10.28 65.23 54.83
C LEU G 169 -9.44 64.34 55.74
N LEU G 170 -9.50 63.03 55.56
CA LEU G 170 -8.75 62.12 56.44
C LEU G 170 -7.25 62.30 56.27
N PHE G 171 -6.79 62.59 55.06
CA PHE G 171 -5.37 62.74 54.76
C PHE G 171 -4.88 64.18 54.90
N THR G 172 -5.71 65.07 55.44
CA THR G 172 -5.34 66.46 55.73
C THR G 172 -4.83 67.17 54.49
N THR H 5 39.79 -23.72 -63.58
CA THR H 5 40.34 -24.85 -62.83
C THR H 5 39.26 -25.58 -62.05
N ILE H 6 39.56 -26.83 -61.67
CA ILE H 6 38.66 -27.66 -60.88
C ILE H 6 39.05 -27.56 -59.41
N GLU H 7 38.06 -27.39 -58.55
CA GLU H 7 38.30 -27.42 -57.11
C GLU H 7 37.02 -27.84 -56.40
N ILE H 8 37.16 -28.59 -55.32
CA ILE H 8 35.99 -28.90 -54.49
C ILE H 8 35.54 -27.65 -53.75
N LEU H 9 34.27 -27.65 -53.33
CA LEU H 9 33.77 -26.53 -52.53
C LEU H 9 34.44 -26.59 -51.17
N THR H 10 35.10 -25.49 -50.79
CA THR H 10 35.73 -25.38 -49.49
C THR H 10 34.70 -25.06 -48.42
N ASP H 11 35.16 -25.00 -47.17
CA ASP H 11 34.31 -24.49 -46.09
C ASP H 11 34.16 -22.98 -46.20
N ASP H 12 35.26 -22.28 -46.42
CA ASP H 12 35.24 -20.84 -46.68
C ASP H 12 34.94 -20.65 -48.16
N ALA H 13 33.76 -20.14 -48.49
CA ALA H 13 33.35 -20.17 -49.89
C ALA H 13 34.17 -19.22 -50.74
N ASP H 14 34.00 -17.91 -50.54
CA ASP H 14 34.67 -16.89 -51.35
C ASP H 14 34.54 -17.17 -52.85
N TYR H 15 33.36 -17.61 -53.28
CA TYR H 15 33.11 -17.89 -54.69
C TYR H 15 32.09 -16.92 -55.24
N ASP H 16 32.13 -16.73 -56.56
CA ASP H 16 31.17 -15.88 -57.27
C ASP H 16 30.14 -16.75 -57.97
N LEU H 17 28.90 -16.70 -57.49
CA LEU H 17 27.85 -17.59 -57.96
C LEU H 17 26.82 -16.90 -58.83
N GLN H 18 26.72 -15.57 -58.77
CA GLN H 18 25.67 -14.87 -59.50
C GLN H 18 25.98 -14.82 -60.99
N ARG H 19 27.24 -14.55 -61.35
CA ARG H 19 27.63 -14.44 -62.75
C ARG H 19 27.50 -15.76 -63.51
N PHE H 20 27.24 -16.88 -62.84
CA PHE H 20 26.96 -18.11 -63.56
C PHE H 20 25.62 -18.02 -64.28
N ASP H 21 25.59 -18.50 -65.52
CA ASP H 21 24.34 -18.59 -66.27
C ASP H 21 24.54 -19.62 -67.37
N CYS H 22 23.92 -20.78 -67.24
CA CYS H 22 23.91 -21.76 -68.30
C CYS H 22 22.66 -21.56 -69.18
N GLY H 23 22.43 -22.52 -70.07
CA GLY H 23 21.23 -22.46 -70.92
C GLY H 23 19.95 -22.68 -70.13
N GLU H 24 19.88 -23.79 -69.40
CA GLU H 24 18.66 -24.25 -68.76
C GLU H 24 18.45 -23.57 -67.41
N GLU H 25 17.18 -23.25 -67.11
CA GLU H 25 16.84 -22.61 -65.85
C GLU H 25 17.17 -23.50 -64.65
N ALA H 26 16.72 -24.76 -64.71
CA ALA H 26 16.75 -25.65 -63.54
C ALA H 26 18.13 -25.74 -62.91
N LEU H 27 19.18 -25.84 -63.72
CA LEU H 27 20.52 -25.98 -63.17
C LEU H 27 21.03 -24.66 -62.58
N ASN H 28 20.74 -23.54 -63.22
CA ASN H 28 21.09 -22.23 -62.65
C ASN H 28 20.47 -22.06 -61.27
N LEU H 29 19.18 -22.37 -61.15
CA LEU H 29 18.50 -22.19 -59.86
C LEU H 29 18.98 -23.22 -58.84
N PHE H 30 19.18 -24.47 -59.27
CA PHE H 30 19.70 -25.50 -58.38
C PHE H 30 21.06 -25.09 -57.81
N LEU H 31 21.92 -24.50 -58.63
CA LEU H 31 23.20 -24.01 -58.12
C LEU H 31 22.98 -22.88 -57.13
N THR H 32 22.22 -21.86 -57.54
CA THR H 32 22.10 -20.66 -56.72
C THR H 32 21.40 -20.92 -55.39
N THR H 33 20.59 -21.97 -55.28
CA THR H 33 19.67 -22.12 -54.16
C THR H 33 20.05 -23.23 -53.20
N HIS H 34 20.15 -24.48 -53.67
CA HIS H 34 20.24 -25.63 -52.79
C HIS H 34 21.65 -26.18 -52.60
N LEU H 35 22.59 -25.82 -53.48
CA LEU H 35 23.87 -26.54 -53.53
C LEU H 35 24.67 -26.36 -52.25
N VAL H 36 24.72 -25.14 -51.71
CA VAL H 36 25.60 -24.85 -50.58
C VAL H 36 25.24 -25.73 -49.38
N ARG H 37 23.96 -25.72 -48.99
CA ARG H 37 23.56 -26.46 -47.78
C ARG H 37 23.59 -27.97 -48.01
N GLN H 38 23.16 -28.43 -49.19
CA GLN H 38 23.23 -29.87 -49.47
C GLN H 38 24.67 -30.36 -49.44
N HIS H 39 25.63 -29.51 -49.84
CA HIS H 39 27.03 -29.83 -49.62
C HIS H 39 27.35 -29.87 -48.14
N ARG H 40 26.98 -28.81 -47.41
CA ARG H 40 27.27 -28.75 -45.99
C ARG H 40 26.44 -29.76 -45.18
N ASN H 41 25.23 -30.08 -45.61
CA ASN H 41 24.44 -31.12 -44.96
C ASN H 41 24.87 -32.52 -45.37
N LYS H 42 25.95 -32.63 -46.14
CA LYS H 42 26.43 -33.92 -46.59
C LYS H 42 25.25 -34.75 -47.04
N ILE H 43 24.56 -34.23 -48.06
CA ILE H 43 23.72 -35.01 -48.94
C ILE H 43 24.50 -35.41 -50.19
N LEU H 44 25.29 -34.49 -50.72
CA LEU H 44 26.10 -34.73 -51.92
C LEU H 44 27.38 -33.93 -51.82
N ARG H 45 28.29 -34.17 -52.76
CA ARG H 45 29.49 -33.35 -52.89
C ARG H 45 29.47 -32.63 -54.22
N ALA H 46 29.77 -31.33 -54.18
CA ALA H 46 29.80 -30.46 -55.35
C ALA H 46 31.25 -30.13 -55.69
N TYR H 47 31.59 -30.25 -56.96
CA TYR H 47 32.89 -29.83 -57.48
C TYR H 47 32.66 -28.69 -58.45
N ILE H 48 33.56 -27.71 -58.44
CA ILE H 48 33.34 -26.44 -59.12
C ILE H 48 34.41 -26.27 -60.19
N LEU H 49 33.97 -25.95 -61.40
CA LEU H 49 34.83 -25.54 -62.50
C LEU H 49 34.76 -24.02 -62.55
N CYS H 50 35.84 -23.39 -62.12
CA CYS H 50 35.95 -21.94 -62.02
C CYS H 50 37.14 -21.48 -62.83
N ARG H 51 37.20 -20.17 -63.08
CA ARG H 51 38.28 -19.62 -63.89
C ARG H 51 39.57 -19.44 -63.11
N ASN H 52 39.58 -19.77 -61.82
CA ASN H 52 40.71 -19.56 -60.92
C ASN H 52 41.19 -18.11 -60.95
N THR H 53 40.32 -17.20 -61.36
CA THR H 53 40.64 -15.79 -61.48
C THR H 53 40.57 -15.13 -60.11
N PRO H 54 41.08 -13.90 -59.98
CA PRO H 54 40.84 -13.16 -58.73
C PRO H 54 39.37 -13.09 -58.38
N GLU H 55 38.49 -12.89 -59.38
CA GLU H 55 37.06 -12.97 -59.11
C GLU H 55 36.59 -14.40 -58.88
N ARG H 56 37.37 -15.39 -59.30
CA ARG H 56 37.00 -16.81 -59.20
C ARG H 56 35.64 -17.04 -59.85
N GLN H 57 35.52 -16.60 -61.10
CA GLN H 57 34.25 -16.73 -61.82
C GLN H 57 33.89 -18.20 -62.01
N VAL H 58 32.74 -18.59 -61.48
CA VAL H 58 32.28 -19.98 -61.53
C VAL H 58 31.48 -20.19 -62.81
N LEU H 59 31.81 -21.25 -63.55
CA LEU H 59 31.14 -21.58 -64.79
C LEU H 59 30.65 -23.02 -64.92
N GLY H 60 30.99 -23.91 -63.99
CA GLY H 60 30.42 -25.24 -64.09
C GLY H 60 30.41 -25.98 -62.78
N TYR H 61 29.56 -27.01 -62.72
CA TYR H 61 29.47 -27.83 -61.51
C TYR H 61 28.78 -29.16 -61.84
N TYR H 62 28.99 -30.12 -60.94
CA TYR H 62 28.32 -31.40 -60.98
C TYR H 62 28.17 -31.92 -59.55
N THR H 63 27.24 -32.84 -59.37
CA THR H 63 26.86 -33.33 -58.04
C THR H 63 27.15 -34.81 -57.93
N LEU H 64 27.69 -35.24 -56.80
CA LEU H 64 27.99 -36.64 -56.54
C LEU H 64 27.23 -37.11 -55.31
N CYS H 65 26.37 -38.12 -55.50
CA CYS H 65 25.50 -38.64 -54.46
C CYS H 65 25.72 -40.15 -54.34
N GLY H 66 26.22 -40.61 -53.19
CA GLY H 66 26.30 -42.04 -52.96
C GLY H 66 24.93 -42.65 -53.14
N SER H 67 24.80 -43.85 -53.69
CA SER H 67 23.46 -44.32 -54.04
C SER H 67 23.43 -45.83 -54.21
N CYS H 68 22.22 -46.33 -54.44
CA CYS H 68 21.95 -47.71 -54.83
C CYS H 68 20.98 -47.67 -55.99
N PHE H 69 20.95 -48.75 -56.76
CA PHE H 69 19.94 -48.83 -57.81
C PHE H 69 19.51 -50.27 -58.01
N GLU H 70 18.32 -50.43 -58.59
CA GLU H 70 17.72 -51.75 -58.77
C GLU H 70 18.61 -52.61 -59.67
N ARG H 71 18.77 -53.88 -59.27
CA ARG H 71 19.61 -54.79 -60.05
C ARG H 71 19.04 -54.99 -61.46
N ALA H 72 17.71 -55.02 -61.57
CA ALA H 72 17.06 -55.24 -62.86
C ALA H 72 17.33 -54.13 -63.86
N ALA H 73 17.92 -53.00 -63.44
CA ALA H 73 18.21 -51.93 -64.38
C ALA H 73 19.37 -52.25 -65.29
N LEU H 74 20.23 -53.20 -64.92
CA LEU H 74 21.31 -53.59 -65.81
C LEU H 74 20.75 -54.33 -67.02
N PRO H 75 21.31 -54.14 -68.21
CA PRO H 75 20.74 -54.78 -69.41
C PRO H 75 21.06 -56.26 -69.55
N SER H 76 22.28 -56.65 -69.20
CA SER H 76 22.80 -57.99 -69.43
C SER H 76 22.74 -58.81 -68.14
N LYS H 77 22.15 -60.00 -68.23
CA LYS H 77 22.13 -60.89 -67.06
C LYS H 77 23.53 -61.34 -66.67
N SER H 78 24.49 -61.29 -67.59
CA SER H 78 25.88 -61.58 -67.23
C SER H 78 26.35 -60.60 -66.15
N LYS H 79 26.12 -59.30 -66.38
CA LYS H 79 26.45 -58.30 -65.38
C LYS H 79 25.59 -58.46 -64.13
N GLN H 80 24.41 -59.07 -64.26
CA GLN H 80 23.55 -59.28 -63.11
C GLN H 80 24.08 -60.38 -62.20
N LYS H 81 24.64 -61.44 -62.78
CA LYS H 81 25.19 -62.56 -61.99
C LYS H 81 26.38 -62.16 -61.14
N LYS H 82 26.95 -60.97 -61.35
CA LYS H 82 28.07 -60.55 -60.51
C LYS H 82 27.58 -59.97 -59.18
N ILE H 83 26.41 -59.37 -59.17
CA ILE H 83 25.87 -58.68 -58.01
C ILE H 83 24.78 -59.54 -57.39
N PRO H 84 24.92 -59.98 -56.14
CA PRO H 84 23.97 -60.95 -55.57
C PRO H 84 22.78 -60.33 -54.83
N TYR H 85 22.57 -59.03 -54.94
CA TYR H 85 21.49 -58.35 -54.22
C TYR H 85 20.72 -57.44 -55.17
N LYS H 86 19.45 -57.21 -54.85
CA LYS H 86 18.60 -56.40 -55.72
C LYS H 86 19.09 -54.97 -55.82
N ASN H 87 19.73 -54.46 -54.78
CA ASN H 87 20.29 -53.11 -54.81
C ASN H 87 21.77 -53.20 -55.11
N ILE H 88 22.25 -52.24 -55.92
CA ILE H 88 23.62 -52.22 -56.41
C ILE H 88 24.26 -50.92 -55.93
N PRO H 89 25.43 -50.97 -55.31
CA PRO H 89 26.14 -49.73 -54.93
C PRO H 89 26.52 -48.91 -56.16
N SER H 90 26.18 -47.62 -56.12
CA SER H 90 26.41 -46.71 -57.23
C SER H 90 26.80 -45.34 -56.70
N VAL H 91 27.28 -44.49 -57.61
CA VAL H 91 27.43 -43.07 -57.33
C VAL H 91 26.62 -42.34 -58.40
N THR H 92 25.54 -41.70 -58.00
CA THR H 92 24.70 -40.98 -58.94
C THR H 92 25.31 -39.60 -59.17
N LEU H 93 25.56 -39.28 -60.44
CA LEU H 93 25.89 -37.93 -60.87
C LEU H 93 24.55 -37.22 -60.98
N GLY H 94 24.14 -36.58 -59.88
CA GLY H 94 22.81 -36.03 -59.81
C GLY H 94 22.54 -34.99 -60.88
N ARG H 95 23.42 -34.00 -60.99
CA ARG H 95 23.22 -32.91 -61.92
C ARG H 95 24.58 -32.45 -62.46
N LEU H 96 24.55 -31.89 -63.66
CA LEU H 96 25.77 -31.45 -64.34
C LEU H 96 25.43 -30.26 -65.22
N ALA H 97 26.18 -29.17 -65.07
CA ALA H 97 25.93 -27.98 -65.87
C ALA H 97 27.23 -27.21 -66.09
N ILE H 98 27.29 -26.55 -67.25
CA ILE H 98 28.40 -25.69 -67.65
C ILE H 98 27.79 -24.39 -68.17
N ASP H 99 28.41 -23.26 -67.84
CA ASP H 99 27.97 -21.99 -68.41
C ASP H 99 28.04 -22.06 -69.93
N ARG H 100 27.12 -21.36 -70.60
CA ARG H 100 27.12 -21.40 -72.05
C ARG H 100 28.38 -20.80 -72.63
N SER H 101 29.02 -19.86 -71.93
CA SER H 101 30.23 -19.23 -72.44
C SER H 101 31.31 -20.25 -72.77
N LEU H 102 31.19 -21.47 -72.26
CA LEU H 102 32.13 -22.55 -72.54
C LEU H 102 31.45 -23.74 -73.21
N GLN H 103 30.14 -23.69 -73.44
CA GLN H 103 29.43 -24.77 -74.10
C GLN H 103 29.92 -24.93 -75.54
N GLY H 104 29.93 -26.18 -76.01
CA GLY H 104 30.47 -26.48 -77.31
C GLY H 104 31.99 -26.51 -77.36
N GLN H 105 32.65 -26.64 -76.20
CA GLN H 105 34.11 -26.72 -76.15
C GLN H 105 34.61 -27.97 -75.43
N GLY H 106 33.73 -28.94 -75.14
CA GLY H 106 34.17 -30.20 -74.59
C GLY H 106 34.39 -30.27 -73.10
N TRP H 107 34.14 -29.19 -72.35
CA TRP H 107 34.31 -29.26 -70.90
C TRP H 107 33.40 -30.27 -70.24
N ASP H 108 32.26 -30.60 -70.87
CA ASP H 108 31.38 -31.65 -70.37
C ASP H 108 32.13 -32.96 -70.16
N ALA H 109 32.81 -33.44 -71.21
CA ALA H 109 33.55 -34.69 -71.12
C ALA H 109 34.71 -34.59 -70.14
N THR H 110 35.36 -33.42 -70.09
CA THR H 110 36.44 -33.22 -69.12
C THR H 110 35.94 -33.36 -67.69
N LEU H 111 34.77 -32.78 -67.41
CA LEU H 111 34.18 -32.91 -66.07
C LEU H 111 33.80 -34.36 -65.78
N VAL H 112 33.19 -35.04 -66.75
CA VAL H 112 32.85 -36.45 -66.56
C VAL H 112 34.11 -37.27 -66.26
N ALA H 113 35.23 -36.92 -66.90
CA ALA H 113 36.46 -37.70 -66.68
C ALA H 113 37.06 -37.41 -65.30
N HIS H 114 37.09 -36.14 -64.88
CA HIS H 114 37.55 -35.82 -63.53
C HIS H 114 36.67 -36.49 -62.48
N ALA H 115 35.35 -36.51 -62.73
CA ALA H 115 34.43 -37.20 -61.83
C ALA H 115 34.73 -38.69 -61.79
N MET H 116 35.10 -39.28 -62.94
CA MET H 116 35.50 -40.68 -62.96
C MET H 116 36.74 -40.92 -62.13
N ASN H 117 37.70 -39.99 -62.18
CA ASN H 117 38.87 -40.09 -61.31
C ASN H 117 38.44 -40.10 -59.84
N VAL H 118 37.48 -39.23 -59.49
CA VAL H 118 37.01 -39.18 -58.10
C VAL H 118 36.30 -40.48 -57.73
N VAL H 119 35.49 -41.03 -58.64
CA VAL H 119 34.79 -42.27 -58.37
C VAL H 119 35.78 -43.42 -58.19
N TRP H 120 36.91 -43.39 -58.91
CA TRP H 120 37.96 -44.38 -58.70
C TRP H 120 38.58 -44.22 -57.32
N SER H 121 38.89 -42.97 -56.94
CA SER H 121 39.44 -42.71 -55.61
C SER H 121 38.49 -43.20 -54.52
N ALA H 122 37.19 -43.19 -54.80
CA ALA H 122 36.21 -43.70 -53.84
C ALA H 122 36.12 -45.22 -53.88
N SER H 123 36.16 -45.81 -55.08
CA SER H 123 36.14 -47.26 -55.23
C SER H 123 37.28 -47.90 -54.47
N LEU H 124 38.41 -47.19 -54.35
CA LEU H 124 39.47 -47.68 -53.47
C LEU H 124 39.04 -47.76 -52.01
N ALA H 125 37.93 -47.12 -51.64
CA ALA H 125 37.52 -47.02 -50.23
C ALA H 125 36.23 -47.76 -49.88
N VAL H 126 35.27 -47.74 -50.78
CA VAL H 126 34.09 -48.56 -50.60
C VAL H 126 33.59 -49.16 -51.88
N GLY H 127 32.84 -50.23 -51.71
CA GLY H 127 32.24 -50.92 -52.82
C GLY H 127 31.52 -49.93 -53.69
N ILE H 128 32.09 -49.66 -54.83
CA ILE H 128 31.46 -48.86 -55.84
C ILE H 128 31.56 -49.46 -57.23
N HIS H 129 30.44 -49.70 -57.90
CA HIS H 129 30.55 -50.22 -59.27
C HIS H 129 30.71 -49.13 -60.31
N GLY H 130 30.30 -47.92 -60.02
CA GLY H 130 30.54 -46.87 -60.98
C GLY H 130 29.52 -45.76 -60.85
N LEU H 131 29.33 -45.10 -61.99
CA LEU H 131 28.60 -43.84 -62.07
C LEU H 131 27.24 -44.09 -62.72
N PHE H 132 26.19 -43.68 -62.01
CA PHE H 132 24.80 -43.70 -62.44
C PHE H 132 24.45 -42.28 -62.90
N VAL H 133 23.68 -42.17 -63.98
CA VAL H 133 23.21 -40.86 -64.42
C VAL H 133 21.80 -40.99 -64.98
N GLU H 134 20.93 -40.06 -64.59
CA GLU H 134 19.54 -40.04 -65.04
C GLU H 134 19.39 -38.84 -65.98
N ALA H 135 19.43 -39.11 -67.27
CA ALA H 135 19.42 -38.08 -68.30
C ALA H 135 18.00 -37.87 -68.80
N LEU H 136 17.44 -36.69 -68.52
CA LEU H 136 16.14 -36.34 -69.07
C LEU H 136 16.24 -35.92 -70.53
N ASN H 137 17.19 -35.03 -70.83
CA ASN H 137 17.45 -34.64 -72.22
C ASN H 137 17.82 -35.87 -73.04
N GLU H 138 17.35 -35.90 -74.29
CA GLU H 138 17.74 -37.01 -75.17
C GLU H 138 19.15 -36.78 -75.74
N LYS H 139 19.45 -35.54 -76.11
CA LYS H 139 20.80 -35.20 -76.55
C LYS H 139 21.82 -35.51 -75.46
N ALA H 140 21.48 -35.23 -74.20
CA ALA H 140 22.39 -35.57 -73.10
C ALA H 140 22.55 -37.09 -72.96
N HIS H 141 21.47 -37.84 -73.14
CA HIS H 141 21.57 -39.30 -73.12
C HIS H 141 22.54 -39.80 -74.17
N THR H 142 22.42 -39.28 -75.40
CA THR H 142 23.35 -39.66 -76.46
C THR H 142 24.77 -39.20 -76.14
N PHE H 143 24.90 -38.01 -75.55
CA PHE H 143 26.22 -37.49 -75.16
C PHE H 143 26.92 -38.41 -74.17
N TYR H 144 26.18 -38.90 -73.17
CA TYR H 144 26.79 -39.82 -72.22
C TYR H 144 27.11 -41.16 -72.88
N LYS H 145 26.20 -41.66 -73.73
CA LYS H 145 26.51 -42.87 -74.49
C LYS H 145 27.76 -42.70 -75.34
N SER H 146 28.07 -41.46 -75.74
CA SER H 146 29.28 -41.23 -76.53
C SER H 146 30.53 -41.56 -75.72
N LEU H 147 30.51 -41.22 -74.42
CA LEU H 147 31.60 -41.62 -73.53
C LEU H 147 31.52 -43.08 -73.13
N GLY H 148 30.51 -43.80 -73.59
CA GLY H 148 30.40 -45.23 -73.36
C GLY H 148 29.50 -45.64 -72.22
N PHE H 149 28.54 -44.80 -71.83
CA PHE H 149 27.63 -45.17 -70.76
C PHE H 149 26.67 -46.27 -71.21
N ILE H 150 26.58 -47.31 -70.40
CA ILE H 150 25.69 -48.43 -70.72
C ILE H 150 24.24 -48.01 -70.47
N PRO H 151 23.34 -48.15 -71.45
CA PRO H 151 21.94 -47.78 -71.20
C PRO H 151 21.32 -48.76 -70.20
N LEU H 152 20.65 -48.20 -69.19
CA LEU H 152 19.98 -48.98 -68.17
C LEU H 152 18.51 -49.16 -68.54
N VAL H 153 18.09 -50.43 -68.67
CA VAL H 153 16.71 -50.78 -69.01
C VAL H 153 16.10 -51.54 -67.82
N GLY H 154 15.10 -50.94 -67.20
CA GLY H 154 14.41 -51.57 -66.08
C GLY H 154 13.15 -50.81 -65.73
N GLU H 155 12.90 -50.62 -64.42
CA GLU H 155 11.85 -49.70 -64.01
C GLU H 155 12.15 -48.29 -64.53
N ASN H 156 13.43 -48.00 -64.74
CA ASN H 156 13.88 -46.77 -65.37
C ASN H 156 14.10 -47.01 -66.86
N GLU H 157 13.76 -46.03 -67.67
CA GLU H 157 13.99 -46.11 -69.10
C GLU H 157 15.00 -45.09 -69.62
N ASN H 158 15.58 -44.26 -68.75
CA ASN H 158 16.44 -43.17 -69.19
C ASN H 158 17.80 -43.08 -68.52
N ALA H 159 18.15 -43.99 -67.62
CA ALA H 159 19.44 -43.91 -66.92
C ALA H 159 20.54 -44.64 -67.67
N LEU H 160 21.77 -44.18 -67.45
CA LEU H 160 22.96 -44.75 -68.05
C LEU H 160 23.99 -45.02 -66.95
N PHE H 161 24.87 -45.98 -67.21
CA PHE H 161 25.84 -46.44 -66.23
C PHE H 161 27.24 -46.50 -66.81
N PHE H 162 28.23 -46.34 -65.93
CA PHE H 162 29.64 -46.52 -66.25
C PHE H 162 30.33 -47.32 -65.16
N PRO H 163 30.96 -48.44 -65.49
CA PRO H 163 31.51 -49.33 -64.47
C PRO H 163 32.83 -48.84 -63.91
N THR H 164 33.16 -49.32 -62.71
CA THR H 164 34.44 -49.01 -62.09
C THR H 164 35.59 -49.67 -62.84
N LYS H 165 35.36 -50.88 -63.38
CA LYS H 165 36.43 -51.59 -64.06
C LYS H 165 36.95 -50.79 -65.25
N SER H 166 36.03 -50.16 -66.00
CA SER H 166 36.44 -49.31 -67.11
C SER H 166 37.27 -48.12 -66.61
N ILE H 167 36.92 -47.59 -65.43
CA ILE H 167 37.68 -46.48 -64.85
C ILE H 167 39.09 -46.93 -64.50
N GLU H 168 39.23 -48.13 -63.93
CA GLU H 168 40.56 -48.69 -63.70
C GLU H 168 41.32 -48.84 -65.01
N LEU H 169 40.65 -49.32 -66.05
CA LEU H 169 41.31 -49.55 -67.34
C LEU H 169 41.78 -48.25 -67.97
N LEU H 170 41.05 -47.14 -67.77
CA LEU H 170 41.46 -45.90 -68.42
C LEU H 170 42.80 -45.38 -67.86
N PHE H 171 43.02 -45.55 -66.55
CA PHE H 171 44.27 -45.15 -65.92
C PHE H 171 45.28 -46.29 -65.87
N THR H 172 45.00 -47.41 -66.52
CA THR H 172 45.91 -48.55 -66.65
C THR H 172 46.41 -49.05 -65.30
N1 4SU I 8 -12.68 23.78 6.38
C2 4SU I 8 -12.10 22.75 5.65
N3 4SU I 8 -12.12 21.52 6.25
C4 4SU I 8 -12.63 21.21 7.50
C5 4SU I 8 -13.21 22.32 8.19
C6 4SU I 8 -13.21 23.53 7.63
O2 4SU I 8 -11.63 22.90 4.55
S4 4SU I 8 -12.56 19.60 8.08
C1' 4SU I 8 -12.70 25.12 5.78
C2' 4SU I 8 -13.78 25.24 4.71
O2' 4SU I 8 -13.32 26.13 3.71
C3' 4SU I 8 -14.93 25.85 5.49
C4' 4SU I 8 -14.19 26.82 6.42
O3' 4SU I 8 -15.92 26.46 4.69
O4' 4SU I 8 -12.99 26.08 6.79
C5' 4SU I 8 -14.94 27.26 7.66
O5' 4SU I 8 -15.42 26.17 8.42
P 4SU I 8 -15.05 26.01 9.96
OP1 4SU I 8 -15.13 27.33 10.62
OP2 4SU I 8 -15.91 24.89 10.42
P H2U I 21 0.32 22.76 -2.86
OP1 H2U I 21 -0.12 23.66 -3.99
OP2 H2U I 21 0.79 23.45 -1.60
O5' H2U I 21 -0.91 21.80 -2.54
C5' H2U I 21 -2.12 21.94 -3.28
C4' H2U I 21 -2.32 20.82 -4.27
O4' H2U I 21 -1.36 19.76 -4.00
C3' H2U I 21 -3.71 20.19 -4.22
O3' H2U I 21 -4.23 20.09 -5.55
C1' H2U I 21 -2.02 18.52 -4.06
C2' H2U I 21 -3.46 18.79 -3.64
O2' H2U I 21 -4.33 17.78 -4.11
N1 H2U I 21 -1.32 17.58 -3.16
C2 H2U I 21 -0.83 16.42 -3.58
O2 H2U I 21 -1.30 15.85 -4.53
N3 H2U I 21 0.20 15.93 -2.89
C4 H2U I 21 0.17 15.99 -1.56
O4 H2U I 21 0.98 15.40 -0.86
C5 H2U I 21 -0.91 16.85 -0.92
C6 H2U I 21 -1.30 18.05 -1.78
N1 OMC I 33 -33.60 11.78 -19.39
C2 OMC I 33 -33.91 11.48 -18.06
N3 OMC I 33 -34.17 12.49 -17.19
C4 OMC I 33 -34.09 13.76 -17.59
C5 OMC I 33 -33.74 14.10 -18.94
C6 OMC I 33 -33.50 13.09 -19.79
O2 OMC I 33 -33.99 10.30 -17.71
N4 OMC I 33 -34.34 14.72 -16.70
C1' OMC I 33 -33.31 10.67 -20.34
C2' OMC I 33 -34.56 10.09 -21.00
O2' OMC I 33 -34.47 8.67 -21.00
CM2 OMC I 33 -34.66 8.18 -19.67
C3' OMC I 33 -34.48 10.65 -22.42
C4' OMC I 33 -32.99 10.83 -22.66
O4' OMC I 33 -32.45 11.15 -21.35
O3' OMC I 33 -35.07 9.82 -23.40
C5' OMC I 33 -32.64 11.92 -23.63
O5' OMC I 33 -33.45 13.07 -23.40
P OMC I 33 -33.06 14.48 -24.02
OP1 OMC I 33 -33.28 14.41 -25.48
OP2 OMC I 33 -33.74 15.53 -23.22
N1 5MU I 55 9.05 29.68 9.13
C2 5MU I 55 8.44 28.52 8.59
N3 5MU I 55 7.26 28.57 7.96
C4 5MU I 55 6.60 29.73 7.82
C5 5MU I 55 7.20 30.96 8.38
C5M 5MU I 55 6.51 32.28 8.24
C6 5MU I 55 8.43 30.86 9.03
O2 5MU I 55 9.01 27.41 8.68
O4 5MU I 55 5.49 29.77 7.24
C1' 5MU I 55 10.35 29.59 9.82
C2' 5MU I 55 11.50 29.30 8.84
O2' 5MU I 55 12.44 28.47 9.49
C3' 5MU I 55 12.07 30.70 8.63
C4' 5MU I 55 11.91 31.32 9.99
O3' 5MU I 55 13.41 30.70 8.19
O4' 5MU I 55 10.62 30.83 10.43
C5' 5MU I 55 11.92 32.83 10.03
O5' 5MU I 55 11.03 33.38 9.06
P 5MU I 55 10.71 34.94 9.11
OP1 5MU I 55 12.02 35.69 9.05
OP2 5MU I 55 9.65 35.24 8.08
N1 PSU I 56 8.61 30.95 5.03
C2 PSU I 56 7.41 30.77 4.38
N3 PSU I 56 7.14 29.55 3.78
C4 PSU I 56 8.06 28.54 3.83
C5 PSU I 56 9.29 28.73 4.49
C6 PSU I 56 9.53 29.95 5.07
O2 PSU I 56 6.57 31.67 4.34
O4 PSU I 56 7.82 27.46 3.29
C1' PSU I 56 10.29 27.62 4.53
C2' PSU I 56 11.11 27.59 3.22
O2' PSU I 56 11.42 26.23 2.92
C3' PSU I 56 12.36 28.34 3.64
C4' PSU I 56 12.57 27.85 5.06
O3' PSU I 56 13.48 28.13 2.80
O4' PSU I 56 11.22 27.74 5.60
C5' PSU I 56 13.42 28.73 5.94
O5' PSU I 56 13.09 30.11 5.77
P PSU I 56 13.77 31.21 6.71
OP1 PSU I 56 15.24 31.22 6.58
OP2 PSU I 56 13.04 32.48 6.48
N1 4SU J 8 6.28 -25.72 -19.80
C2 4SU J 8 6.03 -24.55 -19.10
N3 4SU J 8 5.41 -23.56 -19.82
C4 4SU J 8 5.00 -23.61 -21.12
C5 4SU J 8 5.27 -24.85 -21.78
C6 4SU J 8 5.87 -25.84 -21.11
O2 4SU J 8 6.35 -24.40 -17.94
S4 4SU J 8 4.23 -22.26 -21.84
C1' 4SU J 8 6.93 -26.83 -19.09
C2' 4SU J 8 5.92 -27.61 -18.21
O2' 4SU J 8 6.61 -28.08 -17.07
C3' 4SU J 8 5.54 -28.74 -19.14
C4' 4SU J 8 6.86 -29.07 -19.81
O3' 4SU J 8 4.95 -29.85 -18.47
O4' 4SU J 8 7.45 -27.76 -20.03
C5' 4SU J 8 6.80 -29.83 -21.12
O5' 4SU J 8 5.93 -29.23 -22.07
P 4SU J 8 6.46 -28.81 -23.51
OP1 4SU J 8 7.34 -29.88 -24.02
OP2 4SU J 8 5.23 -28.41 -24.25
P H2U J 21 14.04 -18.29 -8.05
OP1 H2U J 21 13.99 -19.41 -7.04
OP2 H2U J 21 15.07 -18.45 -9.16
O5' H2U J 21 12.58 -18.20 -8.67
C5' H2U J 21 11.55 -19.07 -8.20
C4' H2U J 21 10.55 -18.32 -7.34
O4' H2U J 21 10.76 -16.90 -7.51
C3' H2U J 21 9.09 -18.61 -7.70
O3' H2U J 21 8.34 -18.90 -6.51
C1' H2U J 21 9.52 -16.26 -7.68
C2' H2U J 21 8.60 -17.29 -8.32
O2' H2U J 21 7.24 -16.98 -8.07
N1 H2U J 21 9.70 -15.07 -8.53
C2 H2U J 21 9.41 -13.85 -8.13
O2 H2U J 21 8.61 -13.66 -7.21
N3 H2U J 21 10.00 -12.84 -8.76
C4 H2U J 21 10.23 -12.92 -10.06
O4 H2U J 21 10.63 -11.96 -10.70
C5 H2U J 21 9.97 -14.24 -10.76
C6 H2U J 21 10.21 -15.44 -9.84
N1 OMC J 33 -22.75 -30.01 -0.48
C2 OMC J 33 -22.90 -29.91 -1.87
N3 OMC J 33 -22.34 -30.84 -2.68
C4 OMC J 33 -21.62 -31.83 -2.16
C5 OMC J 33 -21.43 -31.96 -0.75
C6 OMC J 33 -22.01 -31.03 0.04
O2 OMC J 33 -23.57 -28.98 -2.34
N4 OMC J 33 -21.07 -32.72 -3.00
C1' OMC J 33 -23.37 -28.98 0.40
C2' OMC J 33 -24.80 -29.32 0.83
O2' OMC J 33 -25.64 -28.19 0.67
CM2 OMC J 33 -25.90 -27.98 -0.72
C3' OMC J 33 -24.62 -29.69 2.31
C4' OMC J 33 -23.40 -28.90 2.73
O4' OMC J 33 -22.57 -28.82 1.55
O3' OMC J 33 -25.73 -29.39 3.13
C5' OMC J 33 -22.63 -29.54 3.86
O5' OMC J 33 -22.53 -30.94 3.64
P OMC J 33 -21.52 -31.86 4.46
OP1 OMC J 33 -22.00 -32.08 5.84
OP2 OMC J 33 -21.24 -33.01 3.56
N1 5MU J 55 27.54 -17.67 -16.95
C2 5MU J 55 26.29 -17.12 -16.55
N3 5MU J 55 25.26 -17.90 -16.23
C4 5MU J 55 25.35 -19.24 -16.27
C5 5MU J 55 26.65 -19.85 -16.68
C5M 5MU J 55 26.82 -21.34 -16.70
C6 5MU J 55 27.69 -19.00 -17.01
O2 5MU J 55 26.14 -15.88 -16.50
O4 5MU J 55 24.39 -19.96 -15.95
C1' 5MU J 55 28.67 -16.79 -17.33
C2' 5MU J 55 29.24 -16.03 -16.13
O2' 5MU J 55 29.64 -14.74 -16.58
C3' 5MU J 55 30.46 -16.88 -15.79
C4' 5MU J 55 30.93 -17.35 -17.14
O3' 5MU J 55 31.46 -16.17 -15.07
O4' 5MU J 55 29.70 -17.60 -17.86
C5' 5MU J 55 31.79 -18.58 -17.17
O5' 5MU J 55 31.20 -19.64 -16.43
P 5MU J 55 31.82 -21.10 -16.53
OP1 5MU J 55 33.28 -21.02 -16.17
OP2 5MU J 55 30.93 -22.04 -15.76
N1 PSU J 56 27.10 -19.16 -13.50
C2 PSU J 56 25.89 -19.76 -13.22
N3 PSU J 56 24.85 -19.00 -12.74
C4 PSU J 56 25.03 -17.65 -12.53
C5 PSU J 56 26.26 -17.05 -12.80
C6 PSU J 56 27.29 -17.84 -13.30
O2 PSU J 56 25.74 -20.96 -13.41
O4 PSU J 56 24.10 -16.98 -12.10
C1' PSU J 56 26.46 -15.57 -12.58
C2' PSU J 56 26.75 -15.29 -11.11
O2' PSU J 56 26.17 -14.03 -10.77
C3' PSU J 56 28.27 -15.20 -11.13
C4' PSU J 56 28.53 -14.50 -12.45
O3' PSU J 56 28.83 -14.50 -10.03
O4' PSU J 56 27.53 -15.08 -13.34
C5' PSU J 56 29.91 -14.68 -13.01
O5' PSU J 56 30.36 -16.03 -12.86
P PSU J 56 31.72 -16.51 -13.53
OP1 PSU J 56 32.88 -15.72 -13.08
OP2 PSU J 56 31.77 -17.98 -13.40
#